data_9B6P
#
_entry.id   9B6P
#
_cell.length_a   1.00
_cell.length_b   1.00
_cell.length_c   1.00
_cell.angle_alpha   90.00
_cell.angle_beta   90.00
_cell.angle_gamma   90.00
#
_symmetry.space_group_name_H-M   'P 1'
#
loop_
_entity.id
_entity.type
_entity.pdbx_description
1 polymer 'Capsid protein VP1'
2 polymer 'Fab1-3 heavy chain'
3 polymer 'Fab1-3 light chain'
#
loop_
_entity_poly.entity_id
_entity_poly.type
_entity_poly.pdbx_seq_one_letter_code
_entity_poly.pdbx_strand_id
1 'polypeptide(L)'
;MASGGGAPVADNNEGADGVGSSSGNWHCDSQWLGDRVITTSTRTWALPTYNNHLYKQISNSTSGGSSNDNAYFGYSTPWG
YFDFNRFHCHFSPRDWQRLINNNWGFRPKRLNFKLFNIQVKEVTDNNGVKTIANNLTSTVQVFTDSDYQLPYVLGSAHEG
CLPPFPADVFMIPQYGYLTLNDGSQAVGRSSFYCLEYFPSQMLRTGNNFQFSYEFENVPFHSSYAHSQSLDRLMNPLIDQ
YLYYLSKTINGSGQNQQTLKFSVAGPSNMAVQGRNYIPGPSYRQQRVSTTVTQNNNSEFAWPGASSWALNGRNSLMNPGP
AMASHKEGEDRFFPLSGSLIFGKQGTGRDNVDADKVMITNEEEIKTTNPVATESYGQVATNHQSAQAQAQTGWVQNQGIL
PGMVWQDRDVYLQGPIWAKIPHTDGNFHPSPLMGGFGMKHPPPQILIKNTPVPADPPTAFNKDKLNSFITQYSTGQVSVE
IEWELQKENSKRWNPEIQYTSNYYKSNNVEFAVNTEGVYSEPRPIGTRYLTRNL
;
A,B,C,D,E,F
2 'polypeptide(L)'
;VQLVESGGGVVQPGRSLRLSCAASGFSFSSFVFHWVRQAPGKGLEWVAVISYDGSNKNYADSVKGRFTISRDNSKNTLFL
QMNSLSADDTAVYYCARGAICSSTTCYLGDSYYFYGMDVWGQGTTVTVSS
;
H
3 'polypeptide(L)'
;LTQPPSVSGAPGQRVTISCTGSRSNIGAGYDVHWYQQLPGTAPKLLIYGNSNRPSGVPDRFSGSKSGTSASLAITGLQTD
DEADYYCQSYDSSLSGSVFGGGTKLTVLG
;
L
#
# COMPACT_ATOMS: atom_id res chain seq x y z
N THR A 39 -39.77 22.37 -26.48
CA THR A 39 -40.37 22.78 -25.21
C THR A 39 -39.45 23.73 -24.43
N THR A 40 -40.03 24.53 -23.55
CA THR A 40 -39.26 25.41 -22.69
C THR A 40 -40.00 25.59 -21.38
N SER A 41 -39.25 25.65 -20.28
CA SER A 41 -39.80 25.88 -18.95
C SER A 41 -39.02 26.99 -18.29
N THR A 42 -39.72 27.84 -17.54
CA THR A 42 -39.10 28.86 -16.71
C THR A 42 -39.83 28.90 -15.37
N ARG A 43 -39.07 28.96 -14.28
CA ARG A 43 -39.64 28.87 -12.94
C ARG A 43 -38.94 29.84 -12.01
N THR A 44 -39.25 29.74 -10.72
CA THR A 44 -38.66 30.55 -9.67
C THR A 44 -38.23 29.63 -8.53
N TRP A 45 -37.08 29.92 -7.93
CA TRP A 45 -36.50 29.08 -6.90
C TRP A 45 -36.01 29.89 -5.71
N ALA A 46 -36.01 29.24 -4.54
CA ALA A 46 -35.48 29.80 -3.31
C ALA A 46 -34.53 28.79 -2.70
N LEU A 47 -33.29 29.21 -2.45
CA LEU A 47 -32.25 28.29 -1.97
C LEU A 47 -31.79 28.70 -0.58
N PRO A 48 -32.00 27.88 0.43
CA PRO A 48 -31.62 28.22 1.80
C PRO A 48 -30.15 27.87 2.08
N THR A 49 -29.80 27.97 3.36
CA THR A 49 -28.52 27.49 3.85
C THR A 49 -28.69 26.16 4.56
N TYR A 50 -28.21 25.09 3.93
CA TYR A 50 -28.32 23.78 4.51
C TYR A 50 -27.12 23.42 5.37
N ASN A 51 -27.40 22.77 6.49
CA ASN A 51 -26.37 22.25 7.40
C ASN A 51 -25.37 23.30 7.86
N ASN A 52 -25.77 24.59 7.89
CA ASN A 52 -24.86 25.67 8.27
C ASN A 52 -23.59 25.66 7.42
N HIS A 53 -23.73 25.28 6.15
CA HIS A 53 -22.62 25.19 5.20
C HIS A 53 -21.59 24.14 5.60
N LEU A 54 -22.02 23.01 6.15
CA LEU A 54 -21.11 21.97 6.61
C LEU A 54 -21.45 20.63 5.99
N TYR A 55 -20.42 19.94 5.53
CA TYR A 55 -20.54 18.51 5.24
C TYR A 55 -20.71 17.76 6.54
N LYS A 56 -21.79 16.99 6.66
CA LYS A 56 -22.01 16.24 7.89
C LYS A 56 -22.29 14.79 7.58
N GLN A 57 -21.42 13.92 8.08
CA GLN A 57 -21.64 12.48 8.03
C GLN A 57 -23.02 12.12 8.58
N ILE A 58 -23.70 11.22 7.89
CA ILE A 58 -24.99 10.71 8.34
C ILE A 58 -25.00 9.20 8.16
N SER A 59 -25.78 8.52 9.01
CA SER A 59 -26.04 7.11 8.84
C SER A 59 -27.26 6.76 9.69
N ASN A 60 -27.69 5.50 9.59
CA ASN A 60 -28.95 5.10 10.20
C ASN A 60 -28.89 5.20 11.72
N SER A 61 -27.68 5.26 12.27
CA SER A 61 -27.53 5.43 13.71
C SER A 61 -28.17 6.72 14.18
N THR A 62 -28.36 7.69 13.28
CA THR A 62 -29.10 8.89 13.63
C THR A 62 -30.59 8.62 13.73
N SER A 63 -31.14 7.80 12.84
CA SER A 63 -32.54 7.39 12.91
C SER A 63 -32.75 6.03 13.57
N GLY A 64 -31.68 5.38 14.02
CA GLY A 64 -31.76 4.16 14.81
C GLY A 64 -31.60 2.88 14.02
N GLY A 65 -31.91 2.89 12.72
CA GLY A 65 -31.56 1.80 11.82
C GLY A 65 -31.88 0.40 12.31
N SER A 66 -33.14 0.16 12.67
CA SER A 66 -33.48 -1.11 13.31
C SER A 66 -33.42 -2.29 12.35
N SER A 67 -33.20 -2.05 11.07
CA SER A 67 -33.17 -3.12 10.07
C SER A 67 -31.81 -3.18 9.42
N ASN A 68 -31.31 -4.40 9.16
CA ASN A 68 -30.15 -4.56 8.32
C ASN A 68 -30.46 -4.19 6.87
N ASP A 69 -31.72 -4.26 6.48
CA ASP A 69 -32.08 -3.93 5.11
C ASP A 69 -31.83 -2.45 4.82
N ASN A 70 -31.98 -1.61 5.84
CA ASN A 70 -31.91 -0.17 5.67
C ASN A 70 -30.55 0.42 6.04
N ALA A 71 -29.58 -0.42 6.35
CA ALA A 71 -28.26 0.05 6.75
C ALA A 71 -27.60 0.86 5.65
N TYR A 72 -27.12 2.05 6.00
CA TYR A 72 -26.50 2.95 5.03
C TYR A 72 -25.48 3.80 5.75
N PHE A 73 -24.44 4.20 5.00
CA PHE A 73 -23.49 5.19 5.48
C PHE A 73 -23.13 6.11 4.33
N GLY A 74 -23.24 7.41 4.58
CA GLY A 74 -23.04 8.36 3.50
C GLY A 74 -22.90 9.75 4.06
N TYR A 75 -22.97 10.73 3.16
CA TYR A 75 -22.72 12.11 3.54
C TYR A 75 -23.83 13.02 3.04
N SER A 76 -23.85 14.23 3.56
CA SER A 76 -24.79 15.26 3.18
C SER A 76 -24.04 16.57 3.00
N THR A 77 -24.37 17.29 1.94
CA THR A 77 -23.65 18.49 1.56
C THR A 77 -24.51 19.72 1.73
N PRO A 78 -23.92 20.89 1.95
CA PRO A 78 -24.69 22.13 1.92
C PRO A 78 -25.17 22.52 0.54
N TRP A 79 -24.58 21.97 -0.52
CA TRP A 79 -25.00 22.24 -1.88
C TRP A 79 -26.43 21.78 -2.12
N GLY A 80 -27.13 22.51 -2.99
CA GLY A 80 -28.40 22.06 -3.54
C GLY A 80 -28.20 21.62 -4.98
N TYR A 81 -29.30 21.21 -5.61
CA TYR A 81 -29.24 20.83 -7.02
C TYR A 81 -30.60 20.93 -7.67
N PHE A 82 -30.59 21.02 -9.00
CA PHE A 82 -31.82 21.18 -9.79
C PHE A 82 -32.26 19.86 -10.39
N ASP A 83 -33.50 19.47 -10.12
CA ASP A 83 -34.08 18.26 -10.66
C ASP A 83 -35.25 18.64 -11.57
N PHE A 84 -35.05 18.59 -12.88
CA PHE A 84 -36.14 18.69 -13.85
C PHE A 84 -36.52 17.34 -14.47
N ASN A 85 -36.02 16.24 -13.92
CA ASN A 85 -36.02 14.91 -14.52
C ASN A 85 -37.44 14.35 -14.80
N ARG A 86 -38.51 15.03 -14.43
CA ARG A 86 -39.86 14.56 -14.69
C ARG A 86 -40.49 15.32 -15.86
N PHE A 87 -41.33 14.61 -16.63
CA PHE A 87 -41.89 15.18 -17.86
C PHE A 87 -42.76 16.40 -17.61
N HIS A 88 -43.63 16.37 -16.59
CA HIS A 88 -44.51 17.50 -16.37
C HIS A 88 -43.74 18.79 -16.08
N CYS A 89 -42.45 18.71 -15.80
CA CYS A 89 -41.63 19.91 -15.72
C CYS A 89 -41.44 20.54 -17.09
N HIS A 90 -41.81 19.83 -18.15
CA HIS A 90 -41.55 20.28 -19.51
C HIS A 90 -42.80 20.14 -20.40
N ILE A 132 -35.74 41.15 6.62
CA ILE A 132 -35.17 40.75 5.35
C ILE A 132 -34.66 41.97 4.60
N ALA A 133 -33.43 41.88 4.10
CA ALA A 133 -32.80 42.95 3.34
C ALA A 133 -32.05 42.35 2.16
N ASN A 134 -31.62 43.22 1.25
CA ASN A 134 -30.83 42.78 0.12
C ASN A 134 -29.34 42.99 0.39
N ASN A 135 -28.57 41.94 0.11
CA ASN A 135 -27.11 42.04 0.09
C ASN A 135 -26.68 41.80 -1.35
N LEU A 136 -26.21 42.86 -2.01
CA LEU A 136 -25.87 42.79 -3.42
C LEU A 136 -24.52 42.16 -3.68
N THR A 137 -23.56 42.34 -2.78
CA THR A 137 -22.22 41.77 -2.95
C THR A 137 -22.17 40.27 -2.72
N SER A 138 -22.99 39.73 -1.83
CA SER A 138 -23.01 38.31 -1.53
C SER A 138 -23.34 37.52 -2.79
N THR A 139 -22.75 36.32 -2.88
CA THR A 139 -22.65 35.59 -4.13
C THR A 139 -23.29 34.20 -4.04
N VAL A 140 -23.50 33.61 -5.21
CA VAL A 140 -24.03 32.26 -5.36
C VAL A 140 -23.00 31.43 -6.12
N GLN A 141 -22.84 30.18 -5.71
CA GLN A 141 -21.91 29.26 -6.34
C GLN A 141 -22.66 28.16 -7.09
N VAL A 142 -22.27 27.94 -8.34
CA VAL A 142 -22.90 26.95 -9.20
C VAL A 142 -21.83 26.25 -10.02
N PHE A 143 -21.95 24.93 -10.17
CA PHE A 143 -21.19 24.22 -11.18
C PHE A 143 -21.97 22.97 -11.57
N THR A 144 -21.81 22.60 -12.83
CA THR A 144 -22.31 21.32 -13.29
C THR A 144 -21.16 20.33 -13.35
N ASP A 145 -21.44 19.09 -12.96
CA ASP A 145 -20.39 18.07 -12.93
C ASP A 145 -20.58 17.28 -14.22
N SER A 146 -19.72 17.58 -15.19
CA SER A 146 -19.84 17.00 -16.52
C SER A 146 -19.02 15.74 -16.69
N ASP A 147 -18.13 15.46 -15.75
CA ASP A 147 -17.36 14.23 -15.78
C ASP A 147 -18.05 13.13 -14.98
N TYR A 148 -19.23 13.42 -14.43
CA TYR A 148 -20.03 12.43 -13.73
C TYR A 148 -19.26 11.87 -12.54
N GLN A 149 -18.44 12.73 -11.94
CA GLN A 149 -17.53 12.34 -10.88
C GLN A 149 -18.20 12.29 -9.51
N LEU A 150 -19.31 12.94 -9.34
CA LEU A 150 -20.08 12.84 -8.11
C LEU A 150 -21.10 11.72 -8.20
N PRO A 151 -21.57 11.23 -7.06
CA PRO A 151 -22.73 10.33 -7.07
C PRO A 151 -23.91 10.98 -7.78
N TYR A 152 -24.59 10.20 -8.61
CA TYR A 152 -25.70 10.71 -9.43
C TYR A 152 -27.01 10.31 -8.78
N VAL A 153 -27.70 11.28 -8.17
CA VAL A 153 -28.92 11.01 -7.43
C VAL A 153 -30.18 11.31 -8.23
N LEU A 154 -30.04 11.76 -9.48
CA LEU A 154 -31.23 12.11 -10.25
C LEU A 154 -31.95 10.90 -10.82
N GLY A 155 -31.34 9.72 -10.74
CA GLY A 155 -31.95 8.53 -11.32
C GLY A 155 -32.67 7.67 -10.31
N SER A 156 -32.86 8.19 -9.10
CA SER A 156 -33.54 7.46 -8.04
C SER A 156 -35.02 7.79 -7.97
N ALA A 157 -35.52 8.63 -8.87
CA ALA A 157 -36.92 9.06 -8.88
C ALA A 157 -37.30 9.79 -7.59
N HIS A 158 -36.43 10.71 -7.16
CA HIS A 158 -36.69 11.50 -5.97
C HIS A 158 -37.70 12.61 -6.26
N GLU A 159 -38.25 13.14 -5.17
CA GLU A 159 -38.97 14.40 -5.23
C GLU A 159 -37.94 15.54 -5.35
N GLY A 160 -38.43 16.77 -5.44
CA GLY A 160 -37.58 17.90 -5.74
C GLY A 160 -37.70 18.41 -7.16
N CYS A 161 -38.72 17.99 -7.89
CA CYS A 161 -38.90 18.40 -9.27
C CYS A 161 -39.34 19.85 -9.37
N LEU A 162 -39.12 20.43 -10.55
CA LEU A 162 -39.81 21.66 -10.91
C LEU A 162 -41.31 21.44 -10.84
N PRO A 163 -42.10 22.44 -10.46
CA PRO A 163 -43.54 22.26 -10.44
C PRO A 163 -44.07 22.10 -11.86
N PRO A 164 -45.11 21.29 -12.04
CA PRO A 164 -45.68 21.16 -13.39
C PRO A 164 -46.35 22.44 -13.86
N PHE A 165 -46.86 23.24 -12.93
CA PHE A 165 -47.61 24.46 -13.19
C PHE A 165 -46.65 25.64 -13.21
N PRO A 166 -46.59 26.39 -14.32
CA PRO A 166 -45.50 27.36 -14.51
C PRO A 166 -45.46 28.50 -13.50
N ALA A 167 -46.50 28.74 -12.72
CA ALA A 167 -46.50 29.90 -11.84
C ALA A 167 -46.08 29.56 -10.41
N ASP A 168 -45.82 28.30 -10.09
CA ASP A 168 -45.44 27.94 -8.73
C ASP A 168 -44.01 28.33 -8.42
N VAL A 169 -43.70 28.42 -7.13
CA VAL A 169 -42.35 28.62 -6.64
C VAL A 169 -41.94 27.36 -5.87
N PHE A 170 -40.75 26.85 -6.18
CA PHE A 170 -40.29 25.60 -5.61
C PHE A 170 -39.01 25.80 -4.81
N MET A 171 -38.73 24.83 -3.96
CA MET A 171 -37.54 24.82 -3.12
C MET A 171 -36.53 23.83 -3.68
N ILE A 172 -35.25 24.13 -3.51
CA ILE A 172 -34.20 23.33 -4.13
C ILE A 172 -33.73 22.27 -3.14
N PRO A 173 -33.79 20.99 -3.52
CA PRO A 173 -33.46 19.91 -2.57
C PRO A 173 -31.97 19.87 -2.24
N GLN A 174 -31.70 19.51 -0.99
CA GLN A 174 -30.32 19.39 -0.54
C GLN A 174 -29.64 18.21 -1.18
N TYR A 175 -28.37 18.36 -1.50
CA TYR A 175 -27.61 17.28 -2.11
C TYR A 175 -26.99 16.38 -1.04
N GLY A 176 -27.26 15.08 -1.16
CA GLY A 176 -26.63 14.10 -0.31
C GLY A 176 -26.52 12.81 -1.09
N TYR A 177 -25.60 11.96 -0.66
CA TYR A 177 -25.29 10.73 -1.39
C TYR A 177 -24.99 9.63 -0.40
N LEU A 178 -24.55 8.49 -0.92
CA LEU A 178 -24.23 7.34 -0.10
C LEU A 178 -22.95 6.67 -0.55
N THR A 179 -22.45 5.77 0.29
CA THR A 179 -21.25 5.00 -0.02
C THR A 179 -21.28 3.65 0.69
N LEU A 180 -20.17 2.93 0.64
CA LEU A 180 -20.15 1.55 1.14
C LEU A 180 -20.25 1.50 2.66
N ASN A 181 -20.81 0.40 3.16
CA ASN A 181 -21.00 0.21 4.58
C ASN A 181 -21.00 -1.28 4.92
N ASP A 182 -20.65 -1.58 6.16
CA ASP A 182 -20.97 -2.85 6.80
C ASP A 182 -21.79 -2.54 8.04
N GLY A 183 -23.06 -2.89 8.00
CA GLY A 183 -23.98 -2.27 8.94
C GLY A 183 -24.07 -0.80 8.59
N SER A 184 -24.07 0.06 9.60
CA SER A 184 -24.04 1.49 9.37
C SER A 184 -22.63 2.06 9.38
N GLN A 185 -21.64 1.27 9.78
CA GLN A 185 -20.27 1.75 9.84
C GLN A 185 -19.61 1.67 8.47
N ALA A 186 -18.59 2.49 8.28
CA ALA A 186 -17.92 2.65 7.00
C ALA A 186 -16.82 1.62 6.84
N VAL A 187 -16.75 1.04 5.65
CA VAL A 187 -15.56 0.34 5.22
C VAL A 187 -14.52 1.38 4.86
N GLY A 188 -13.26 0.97 4.79
CA GLY A 188 -12.21 1.86 4.36
C GLY A 188 -12.33 2.22 2.90
N ARG A 189 -13.07 1.42 2.13
CA ARG A 189 -13.31 1.70 0.72
C ARG A 189 -14.31 2.83 0.52
N SER A 190 -14.99 3.26 1.58
CA SER A 190 -15.94 4.36 1.48
C SER A 190 -15.26 5.60 0.92
N SER A 191 -16.02 6.39 0.17
CA SER A 191 -15.47 7.54 -0.55
C SER A 191 -16.16 8.82 -0.11
N PHE A 192 -15.37 9.75 0.42
CA PHE A 192 -15.86 11.06 0.83
C PHE A 192 -15.51 12.09 -0.24
N TYR A 193 -16.47 12.96 -0.56
CA TYR A 193 -16.29 14.00 -1.57
C TYR A 193 -16.62 15.40 -1.09
N CYS A 194 -15.70 16.32 -1.30
CA CYS A 194 -15.91 17.73 -0.98
C CYS A 194 -16.23 18.45 -2.28
N LEU A 195 -17.49 18.86 -2.44
CA LEU A 195 -17.92 19.53 -3.66
C LEU A 195 -17.23 20.86 -3.88
N GLU A 196 -16.79 21.51 -2.81
CA GLU A 196 -16.01 22.73 -2.94
C GLU A 196 -14.74 22.52 -3.74
N TYR A 197 -14.30 21.27 -3.91
CA TYR A 197 -13.02 20.95 -4.52
C TYR A 197 -13.14 20.72 -6.03
N PHE A 198 -14.32 20.96 -6.60
CA PHE A 198 -14.53 21.18 -8.03
C PHE A 198 -14.45 22.66 -8.34
N PRO A 199 -13.94 23.03 -9.53
CA PRO A 199 -14.03 24.42 -9.97
C PRO A 199 -15.48 24.78 -10.30
N SER A 200 -15.90 25.94 -9.83
CA SER A 200 -17.30 26.35 -9.94
C SER A 200 -17.37 27.86 -10.18
N GLN A 201 -18.51 28.27 -10.72
CA GLN A 201 -18.74 29.67 -11.10
C GLN A 201 -19.46 30.41 -9.98
N MET A 202 -19.03 31.65 -9.73
CA MET A 202 -19.60 32.47 -8.67
C MET A 202 -20.38 33.62 -9.30
N LEU A 203 -21.55 33.92 -8.75
CA LEU A 203 -22.51 34.84 -9.33
C LEU A 203 -23.00 35.81 -8.28
N ARG A 204 -22.89 37.10 -8.56
CA ARG A 204 -23.62 38.12 -7.83
C ARG A 204 -24.98 38.35 -8.47
N THR A 205 -25.67 39.40 -8.03
CA THR A 205 -27.05 39.60 -8.46
C THR A 205 -27.18 39.93 -9.94
N GLY A 206 -26.10 40.39 -10.59
CA GLY A 206 -26.16 40.73 -11.99
C GLY A 206 -25.79 39.64 -12.97
N ASN A 207 -25.04 38.64 -12.53
CA ASN A 207 -24.54 37.58 -13.39
C ASN A 207 -25.62 36.54 -13.69
N ASN A 208 -25.41 35.81 -14.79
CA ASN A 208 -26.29 34.76 -15.25
C ASN A 208 -25.49 33.50 -15.54
N PHE A 209 -26.19 32.38 -15.71
CA PHE A 209 -25.56 31.09 -15.94
C PHE A 209 -26.32 30.32 -17.01
N GLN A 210 -25.59 29.67 -17.91
CA GLN A 210 -26.20 28.79 -18.88
C GLN A 210 -25.16 27.77 -19.35
N PHE A 211 -25.67 26.64 -19.84
CA PHE A 211 -24.83 25.65 -20.49
C PHE A 211 -25.72 24.87 -21.44
N SER A 212 -25.09 24.23 -22.41
CA SER A 212 -25.80 23.45 -23.41
C SER A 212 -25.37 21.99 -23.32
N TYR A 213 -26.31 21.15 -22.90
CA TYR A 213 -26.10 19.71 -22.88
C TYR A 213 -26.70 19.10 -24.14
N GLU A 214 -25.95 18.16 -24.71
CA GLU A 214 -26.35 17.43 -25.91
C GLU A 214 -26.62 15.99 -25.53
N PHE A 215 -27.85 15.53 -25.74
CA PHE A 215 -28.21 14.17 -25.40
C PHE A 215 -27.53 13.17 -26.32
N GLU A 216 -27.10 12.05 -25.74
CA GLU A 216 -26.61 10.94 -26.53
C GLU A 216 -27.77 10.18 -27.17
N ASN A 217 -27.45 9.42 -28.21
CA ASN A 217 -28.49 8.73 -28.96
C ASN A 217 -29.15 7.66 -28.10
N VAL A 218 -30.47 7.70 -28.04
CA VAL A 218 -31.26 6.70 -27.35
C VAL A 218 -32.38 6.25 -28.29
N PRO A 219 -32.97 5.09 -28.04
CA PRO A 219 -34.06 4.63 -28.91
C PRO A 219 -35.30 5.47 -28.72
N PHE A 220 -36.19 5.42 -29.71
CA PHE A 220 -37.47 6.10 -29.58
C PHE A 220 -38.33 5.40 -28.54
N HIS A 221 -38.90 6.18 -27.62
CA HIS A 221 -39.94 5.63 -26.77
C HIS A 221 -41.18 5.32 -27.59
N SER A 222 -41.66 4.10 -27.48
CA SER A 222 -42.78 3.65 -28.29
C SER A 222 -44.06 3.96 -27.53
N SER A 223 -44.85 4.88 -28.07
CA SER A 223 -46.17 5.19 -27.53
C SER A 223 -47.19 4.65 -28.54
N TYR A 224 -47.83 3.54 -28.17
CA TYR A 224 -48.88 2.88 -28.94
C TYR A 224 -49.32 1.62 -28.23
N ALA A 225 -50.31 0.93 -28.78
CA ALA A 225 -50.82 -0.29 -28.17
C ALA A 225 -50.04 -1.51 -28.63
N GLY A 273 -46.98 -23.54 -33.66
CA GLY A 273 -45.69 -23.13 -34.18
C GLY A 273 -45.56 -21.62 -34.28
N ARG A 274 -44.63 -21.06 -33.51
CA ARG A 274 -44.41 -19.62 -33.47
C ARG A 274 -42.91 -19.35 -33.42
N ASN A 275 -42.51 -18.17 -33.89
CA ASN A 275 -41.08 -17.81 -33.90
C ASN A 275 -40.65 -16.93 -32.74
N TYR A 276 -41.56 -16.48 -31.88
CA TYR A 276 -41.18 -15.56 -30.83
C TYR A 276 -42.05 -15.80 -29.61
N ILE A 277 -41.49 -15.53 -28.43
CA ILE A 277 -42.13 -15.85 -27.17
C ILE A 277 -42.21 -14.60 -26.32
N PRO A 278 -43.15 -14.54 -25.39
CA PRO A 278 -43.29 -13.35 -24.54
C PRO A 278 -42.08 -13.16 -23.63
N GLY A 279 -42.00 -11.96 -23.07
CA GLY A 279 -40.81 -11.50 -22.39
C GLY A 279 -40.59 -12.11 -21.03
N PRO A 280 -39.67 -11.51 -20.27
CA PRO A 280 -39.27 -12.09 -18.98
C PRO A 280 -40.30 -11.85 -17.89
N SER A 281 -40.18 -12.62 -16.82
CA SER A 281 -41.10 -12.55 -15.70
C SER A 281 -40.37 -12.77 -14.39
N TYR A 282 -40.67 -11.93 -13.40
CA TYR A 282 -40.30 -12.18 -12.01
C TYR A 282 -41.58 -11.95 -11.22
N ARG A 283 -42.18 -13.01 -10.68
CA ARG A 283 -43.59 -12.91 -10.32
C ARG A 283 -43.81 -11.95 -9.15
N GLN A 284 -44.89 -11.19 -9.24
CA GLN A 284 -45.39 -10.35 -8.17
C GLN A 284 -46.63 -11.00 -7.56
N GLN A 285 -46.82 -10.78 -6.27
CA GLN A 285 -48.05 -11.24 -5.62
C GLN A 285 -49.21 -10.34 -6.02
N ARG A 286 -50.38 -10.94 -6.20
CA ARG A 286 -51.55 -10.21 -6.70
C ARG A 286 -52.31 -9.63 -5.53
N VAL A 287 -52.74 -8.37 -5.67
CA VAL A 287 -53.53 -7.69 -4.66
C VAL A 287 -54.80 -7.18 -5.32
N SER A 288 -55.91 -7.26 -4.61
CA SER A 288 -57.20 -6.74 -5.07
C SER A 288 -57.44 -5.35 -4.51
N THR A 289 -58.05 -4.50 -5.33
CA THR A 289 -58.42 -3.14 -4.90
C THR A 289 -59.51 -3.13 -3.85
N THR A 290 -60.45 -4.06 -3.89
CA THR A 290 -61.47 -4.19 -2.85
C THR A 290 -60.94 -5.10 -1.76
N VAL A 291 -60.79 -4.55 -0.56
CA VAL A 291 -59.98 -5.20 0.48
C VAL A 291 -60.50 -6.60 0.82
N THR A 292 -61.79 -6.87 0.61
CA THR A 292 -62.35 -8.14 1.04
C THR A 292 -61.74 -9.33 0.29
N GLN A 293 -61.23 -9.11 -0.92
CA GLN A 293 -60.58 -10.19 -1.64
C GLN A 293 -59.13 -10.40 -1.22
N ASN A 294 -58.58 -9.46 -0.46
CA ASN A 294 -57.21 -9.58 0.03
C ASN A 294 -57.18 -10.41 1.31
N ASN A 295 -56.12 -11.20 1.47
CA ASN A 295 -55.97 -12.07 2.63
C ASN A 295 -55.85 -11.30 3.93
N ASN A 296 -56.45 -11.84 4.98
CA ASN A 296 -56.45 -11.21 6.29
C ASN A 296 -55.14 -11.43 7.03
N SER A 297 -54.06 -10.83 6.52
CA SER A 297 -52.75 -10.96 7.14
C SER A 297 -51.86 -9.85 6.63
N GLU A 298 -50.76 -9.58 7.33
CA GLU A 298 -49.85 -8.55 6.89
C GLU A 298 -48.85 -9.18 5.93
N PHE A 299 -49.02 -8.93 4.64
CA PHE A 299 -48.14 -9.50 3.63
C PHE A 299 -47.38 -8.48 2.78
N ALA A 300 -47.51 -7.20 3.10
CA ALA A 300 -46.83 -6.12 2.36
C ALA A 300 -45.36 -6.43 2.15
N TRP A 301 -44.64 -6.56 3.24
CA TRP A 301 -43.23 -6.94 3.18
C TRP A 301 -43.02 -8.46 3.22
N PRO A 302 -43.66 -9.22 4.12
CA PRO A 302 -43.40 -10.67 4.14
C PRO A 302 -43.67 -11.38 2.82
N GLY A 303 -44.74 -11.03 2.11
CA GLY A 303 -45.07 -11.73 0.89
C GLY A 303 -44.50 -11.08 -0.35
N ALA A 304 -43.72 -10.02 -0.15
CA ALA A 304 -43.16 -9.19 -1.21
C ALA A 304 -42.11 -9.96 -2.01
N SER A 305 -41.79 -9.43 -3.18
CA SER A 305 -40.69 -9.94 -3.98
C SER A 305 -39.46 -9.06 -3.80
N SER A 306 -38.29 -9.69 -3.74
CA SER A 306 -37.08 -8.93 -3.47
C SER A 306 -35.87 -9.61 -4.09
N TRP A 307 -34.73 -8.94 -3.96
CA TRP A 307 -33.44 -9.47 -4.37
C TRP A 307 -32.42 -9.21 -3.29
N ALA A 308 -31.42 -10.09 -3.22
CA ALA A 308 -30.42 -10.06 -2.17
C ALA A 308 -29.15 -9.42 -2.72
N LEU A 309 -28.57 -8.52 -1.93
CA LEU A 309 -27.30 -7.89 -2.26
C LEU A 309 -26.46 -7.90 -0.98
N ASN A 310 -25.32 -8.60 -1.03
CA ASN A 310 -24.38 -8.78 0.09
C ASN A 310 -25.10 -8.94 1.43
N GLY A 311 -26.20 -9.69 1.42
CA GLY A 311 -26.91 -10.00 2.64
C GLY A 311 -28.13 -9.16 2.93
N ARG A 312 -28.27 -8.00 2.32
CA ARG A 312 -29.42 -7.14 2.52
C ARG A 312 -30.46 -7.47 1.46
N ASN A 313 -31.70 -7.68 1.89
CA ASN A 313 -32.81 -7.89 0.97
C ASN A 313 -33.41 -6.54 0.61
N SER A 314 -33.68 -6.35 -0.68
CA SER A 314 -34.21 -5.11 -1.20
C SER A 314 -35.44 -5.42 -2.03
N LEU A 315 -36.54 -4.74 -1.74
CA LEU A 315 -37.80 -4.96 -2.43
C LEU A 315 -37.61 -4.81 -3.93
N MET A 316 -38.31 -5.62 -4.72
CA MET A 316 -38.19 -5.55 -6.18
C MET A 316 -39.19 -4.54 -6.67
N ASN A 317 -38.69 -3.39 -7.10
CA ASN A 317 -39.58 -2.35 -7.55
C ASN A 317 -39.00 -1.58 -8.73
N PRO A 318 -39.83 -1.35 -9.76
CA PRO A 318 -41.02 -2.17 -10.06
C PRO A 318 -40.61 -3.52 -10.61
N GLY A 319 -39.34 -3.63 -11.01
CA GLY A 319 -38.81 -4.85 -11.56
C GLY A 319 -38.92 -4.87 -13.06
N PRO A 320 -39.01 -6.07 -13.64
CA PRO A 320 -39.24 -6.17 -15.08
C PRO A 320 -40.53 -5.50 -15.49
N ALA A 321 -40.61 -5.13 -16.77
CA ALA A 321 -41.82 -4.56 -17.33
C ALA A 321 -42.79 -5.69 -17.66
N MET A 322 -43.95 -5.67 -17.02
CA MET A 322 -44.94 -6.73 -17.18
C MET A 322 -46.34 -6.13 -17.10
N ALA A 323 -47.31 -6.89 -17.59
CA ALA A 323 -48.68 -6.42 -17.59
C ALA A 323 -49.25 -6.46 -16.17
N SER A 324 -50.01 -5.43 -15.82
CA SER A 324 -50.45 -5.30 -14.43
C SER A 324 -51.57 -6.27 -14.08
N HIS A 325 -52.29 -6.79 -15.08
CA HIS A 325 -53.39 -7.70 -14.80
C HIS A 325 -53.70 -8.52 -16.04
N LYS A 326 -54.43 -9.62 -15.85
CA LYS A 326 -55.03 -10.31 -16.98
C LYS A 326 -56.21 -9.51 -17.52
N GLU A 327 -56.34 -9.51 -18.84
CA GLU A 327 -57.45 -8.78 -19.47
C GLU A 327 -58.77 -9.39 -19.05
N GLY A 328 -59.66 -8.54 -18.55
CA GLY A 328 -60.90 -8.96 -17.96
C GLY A 328 -60.96 -8.85 -16.45
N GLU A 329 -59.82 -8.83 -15.77
CA GLU A 329 -59.76 -8.51 -14.35
C GLU A 329 -58.99 -7.21 -14.20
N ASP A 330 -59.70 -6.11 -13.92
CA ASP A 330 -59.10 -4.80 -13.78
C ASP A 330 -58.91 -4.37 -12.33
N ARG A 331 -59.43 -5.15 -11.39
CA ARG A 331 -59.34 -4.80 -9.98
C ARG A 331 -58.11 -5.38 -9.30
N PHE A 332 -57.21 -5.93 -10.09
CA PHE A 332 -56.00 -6.55 -9.56
C PHE A 332 -54.73 -5.84 -10.00
N PHE A 333 -53.84 -5.61 -9.03
CA PHE A 333 -52.56 -4.96 -9.33
C PHE A 333 -51.40 -5.73 -8.71
N PRO A 334 -50.19 -5.53 -9.25
CA PRO A 334 -48.99 -6.16 -8.70
C PRO A 334 -48.72 -5.57 -7.34
N LEU A 335 -48.25 -6.36 -6.38
CA LEU A 335 -48.02 -5.85 -5.05
C LEU A 335 -46.97 -4.74 -5.00
N SER A 336 -45.86 -4.93 -5.68
CA SER A 336 -44.81 -3.91 -5.72
C SER A 336 -44.39 -3.58 -7.14
N GLY A 337 -45.04 -4.24 -8.10
CA GLY A 337 -44.73 -4.08 -9.51
C GLY A 337 -45.15 -2.79 -10.20
N SER A 338 -46.10 -2.06 -9.62
CA SER A 338 -46.55 -0.82 -10.26
C SER A 338 -46.50 0.40 -9.34
N LEU A 339 -46.07 1.53 -9.89
CA LEU A 339 -45.99 2.78 -9.14
C LEU A 339 -47.30 3.09 -8.42
N THR A 359 -50.92 3.41 -11.29
CA THR A 359 -50.76 3.21 -12.73
C THR A 359 -50.95 1.76 -13.13
N ASN A 360 -51.22 1.53 -14.42
CA ASN A 360 -51.39 0.20 -14.95
C ASN A 360 -50.78 0.11 -16.35
N GLU A 361 -49.98 -0.93 -16.56
CA GLU A 361 -49.21 -1.14 -17.77
C GLU A 361 -49.93 -2.00 -18.79
N GLU A 362 -51.22 -2.28 -18.57
CA GLU A 362 -51.93 -3.35 -19.28
C GLU A 362 -51.81 -3.28 -20.79
N GLU A 363 -51.41 -2.14 -21.35
CA GLU A 363 -51.30 -2.03 -22.80
C GLU A 363 -50.32 -3.02 -23.39
N ILE A 364 -49.46 -3.62 -22.57
CA ILE A 364 -48.36 -4.45 -23.06
C ILE A 364 -48.72 -5.92 -23.03
N LYS A 365 -49.93 -6.25 -22.60
CA LYS A 365 -50.33 -7.65 -22.47
C LYS A 365 -50.24 -8.41 -23.78
N THR A 366 -50.15 -7.72 -24.91
CA THR A 366 -49.80 -8.40 -26.15
C THR A 366 -48.49 -9.15 -26.03
N THR A 367 -47.39 -8.43 -25.82
CA THR A 367 -46.07 -9.05 -25.84
C THR A 367 -45.50 -9.37 -24.46
N ASN A 368 -46.18 -9.01 -23.38
CA ASN A 368 -45.58 -9.34 -22.09
C ASN A 368 -46.54 -10.11 -21.20
N PRO A 369 -46.05 -11.08 -20.45
CA PRO A 369 -46.92 -11.83 -19.54
C PRO A 369 -47.26 -11.02 -18.30
N VAL A 370 -48.33 -11.45 -17.62
CA VAL A 370 -48.82 -10.73 -16.45
C VAL A 370 -47.82 -10.88 -15.31
N ALA A 371 -47.56 -9.76 -14.61
CA ALA A 371 -46.66 -9.77 -13.47
C ALA A 371 -47.02 -10.83 -12.44
N THR A 372 -48.31 -11.03 -12.18
CA THR A 372 -48.77 -11.92 -11.12
C THR A 372 -48.93 -13.36 -11.57
N GLU A 373 -48.53 -13.69 -12.79
CA GLU A 373 -48.70 -15.02 -13.32
C GLU A 373 -47.33 -15.64 -13.58
N SER A 374 -47.30 -16.97 -13.69
CA SER A 374 -46.07 -17.63 -14.07
C SER A 374 -45.71 -17.30 -15.50
N TYR A 375 -44.43 -17.51 -15.84
CA TYR A 375 -44.04 -17.42 -17.24
C TYR A 375 -44.60 -18.59 -18.04
N GLY A 376 -44.87 -19.71 -17.37
CA GLY A 376 -45.31 -20.90 -18.07
C GLY A 376 -44.96 -22.15 -17.29
N GLN A 377 -44.89 -23.27 -18.01
CA GLN A 377 -44.68 -24.58 -17.39
C GLN A 377 -43.52 -25.28 -18.06
N VAL A 378 -42.88 -26.17 -17.30
CA VAL A 378 -41.78 -26.99 -17.79
C VAL A 378 -41.98 -28.41 -17.28
N ALA A 379 -41.41 -29.36 -18.01
CA ALA A 379 -41.31 -30.73 -17.52
C ALA A 379 -40.27 -30.80 -16.43
N THR A 380 -40.63 -31.40 -15.30
CA THR A 380 -39.67 -31.58 -14.22
C THR A 380 -39.07 -32.98 -14.17
N ASN A 381 -39.45 -33.88 -15.06
CA ASN A 381 -39.06 -35.28 -14.95
C ASN A 381 -39.06 -35.92 -16.31
N HIS A 382 -38.89 -37.25 -16.31
CA HIS A 382 -39.14 -38.09 -17.47
C HIS A 382 -40.41 -38.88 -17.22
N GLN A 383 -41.23 -39.00 -18.25
CA GLN A 383 -42.30 -39.98 -18.25
C GLN A 383 -41.74 -41.37 -18.51
N SER A 384 -42.51 -42.38 -18.13
CA SER A 384 -42.18 -43.76 -18.46
C SER A 384 -43.48 -44.54 -18.46
N ALA A 385 -43.36 -45.85 -18.69
CA ALA A 385 -44.50 -46.74 -18.45
C ALA A 385 -44.96 -46.64 -17.00
N GLN A 386 -44.02 -46.66 -16.06
CA GLN A 386 -44.34 -46.68 -14.64
C GLN A 386 -44.29 -45.30 -13.98
N ALA A 387 -43.95 -44.25 -14.72
CA ALA A 387 -43.87 -42.91 -14.15
C ALA A 387 -44.59 -41.92 -15.07
N GLN A 388 -45.61 -41.28 -14.52
CA GLN A 388 -46.38 -40.31 -15.29
C GLN A 388 -45.60 -39.02 -15.50
N ALA A 389 -46.02 -38.27 -16.51
CA ALA A 389 -45.41 -36.97 -16.77
C ALA A 389 -45.76 -35.99 -15.65
N GLN A 390 -44.74 -35.33 -15.13
CA GLN A 390 -44.90 -34.30 -14.11
C GLN A 390 -44.37 -32.98 -14.66
N THR A 391 -44.97 -31.88 -14.24
CA THR A 391 -44.56 -30.56 -14.66
C THR A 391 -44.51 -29.63 -13.45
N GLY A 392 -43.91 -28.45 -13.65
CA GLY A 392 -43.88 -27.45 -12.60
C GLY A 392 -43.83 -26.07 -13.19
N TRP A 393 -44.32 -25.12 -12.40
CA TRP A 393 -44.52 -23.75 -12.83
C TRP A 393 -43.20 -22.99 -12.83
N VAL A 394 -43.07 -22.05 -13.76
CA VAL A 394 -41.87 -21.23 -13.86
C VAL A 394 -42.21 -19.84 -13.34
N GLN A 395 -41.72 -19.52 -12.15
CA GLN A 395 -42.11 -18.26 -11.52
C GLN A 395 -41.15 -17.11 -11.84
N ASN A 396 -39.98 -17.41 -12.36
CA ASN A 396 -39.03 -16.38 -12.77
C ASN A 396 -38.29 -16.87 -13.99
N GLN A 397 -38.16 -16.00 -14.99
CA GLN A 397 -37.67 -16.41 -16.29
C GLN A 397 -36.61 -15.43 -16.78
N GLY A 398 -35.38 -15.91 -16.92
CA GLY A 398 -34.35 -15.12 -17.56
C GLY A 398 -34.60 -14.96 -19.03
N ILE A 399 -33.80 -14.10 -19.65
CA ILE A 399 -33.97 -13.83 -21.07
C ILE A 399 -33.68 -15.11 -21.86
N LEU A 400 -34.49 -15.36 -22.88
CA LEU A 400 -34.28 -16.50 -23.77
C LEU A 400 -34.07 -16.02 -25.20
N PRO A 401 -33.24 -16.71 -25.97
CA PRO A 401 -33.14 -16.40 -27.40
C PRO A 401 -34.49 -16.57 -28.07
N GLY A 402 -34.90 -15.57 -28.83
CA GLY A 402 -36.20 -15.56 -29.46
C GLY A 402 -37.24 -14.71 -28.76
N MET A 403 -37.01 -14.29 -27.53
CA MET A 403 -37.97 -13.46 -26.82
C MET A 403 -38.12 -12.09 -27.46
N VAL A 404 -39.30 -11.51 -27.29
CA VAL A 404 -39.57 -10.11 -27.57
C VAL A 404 -40.38 -9.56 -26.42
N TRP A 405 -40.17 -8.28 -26.11
CA TRP A 405 -40.88 -7.69 -24.98
C TRP A 405 -41.03 -6.20 -25.23
N GLN A 406 -41.89 -5.58 -24.43
CA GLN A 406 -42.04 -4.13 -24.36
C GLN A 406 -41.46 -3.59 -23.06
N ASP A 407 -40.97 -2.37 -23.12
CA ASP A 407 -40.49 -1.69 -21.93
C ASP A 407 -41.65 -1.10 -21.16
N ARG A 408 -41.34 -0.40 -20.08
CA ARG A 408 -42.34 0.27 -19.28
C ARG A 408 -42.68 1.62 -19.90
N ASP A 409 -43.94 2.01 -19.73
CA ASP A 409 -44.44 3.25 -20.30
C ASP A 409 -43.95 4.45 -19.49
N VAL A 410 -43.92 5.60 -20.14
CA VAL A 410 -43.63 6.86 -19.46
C VAL A 410 -44.95 7.55 -19.19
N TYR A 411 -44.99 8.30 -18.09
CA TYR A 411 -46.16 9.06 -17.69
C TYR A 411 -45.81 10.53 -17.64
N LEU A 412 -46.86 11.36 -17.66
CA LEU A 412 -46.67 12.79 -17.52
C LEU A 412 -45.86 13.11 -16.26
N GLN A 413 -46.16 12.44 -15.16
CA GLN A 413 -45.44 12.63 -13.91
C GLN A 413 -44.10 11.90 -13.87
N GLY A 414 -43.94 10.83 -14.63
CA GLY A 414 -42.81 9.93 -14.49
C GLY A 414 -41.48 10.52 -14.91
N PRO A 415 -40.41 9.78 -14.62
CA PRO A 415 -39.07 10.27 -14.94
C PRO A 415 -38.76 10.15 -16.42
N ILE A 416 -37.73 10.88 -16.84
CA ILE A 416 -37.28 10.87 -18.23
C ILE A 416 -36.12 9.91 -18.40
N TRP A 417 -35.01 10.18 -17.71
CA TRP A 417 -33.75 9.51 -17.98
C TRP A 417 -33.24 8.78 -16.74
N ALA A 418 -32.26 7.91 -16.96
CA ALA A 418 -31.51 7.27 -15.90
C ALA A 418 -30.08 7.05 -16.35
N LYS A 419 -29.17 7.07 -15.38
CA LYS A 419 -27.74 6.90 -15.65
C LYS A 419 -27.40 5.41 -15.65
N ILE A 420 -26.86 4.92 -16.75
CA ILE A 420 -26.43 3.53 -16.80
C ILE A 420 -25.14 3.38 -16.00
N PRO A 421 -25.13 2.57 -14.94
CA PRO A 421 -23.93 2.49 -14.09
C PRO A 421 -22.72 2.02 -14.89
N HIS A 422 -21.54 2.46 -14.47
CA HIS A 422 -20.33 2.25 -15.24
C HIS A 422 -19.73 0.93 -14.76
N THR A 423 -19.84 -0.11 -15.59
CA THR A 423 -19.59 -1.47 -15.14
C THR A 423 -19.06 -2.30 -16.30
N ASP A 424 -18.91 -3.59 -16.04
CA ASP A 424 -18.43 -4.51 -17.07
C ASP A 424 -19.51 -4.83 -18.09
N GLY A 425 -20.69 -5.22 -17.61
CA GLY A 425 -21.72 -5.69 -18.52
C GLY A 425 -23.12 -5.50 -17.97
N ASN A 426 -24.05 -5.38 -18.91
CA ASN A 426 -25.44 -5.11 -18.62
C ASN A 426 -26.27 -5.58 -19.80
N PHE A 427 -27.57 -5.67 -19.59
CA PHE A 427 -28.49 -6.10 -20.64
C PHE A 427 -29.74 -5.25 -20.61
N HIS A 428 -30.19 -4.84 -21.81
CA HIS A 428 -31.33 -3.97 -22.06
C HIS A 428 -31.30 -2.82 -21.05
N PRO A 429 -30.35 -1.90 -21.19
CA PRO A 429 -30.09 -0.89 -20.15
C PRO A 429 -31.24 0.04 -19.79
N SER A 430 -32.32 0.02 -20.54
CA SER A 430 -33.47 0.87 -20.25
C SER A 430 -33.86 0.78 -18.77
N PRO A 431 -34.05 1.90 -18.09
CA PRO A 431 -34.35 1.84 -16.66
C PRO A 431 -35.72 1.24 -16.36
N LEU A 432 -35.79 0.54 -15.22
CA LEU A 432 -36.97 -0.25 -14.92
C LEU A 432 -38.13 0.60 -14.40
N MET A 433 -37.89 1.84 -13.99
CA MET A 433 -38.98 2.71 -13.61
C MET A 433 -39.56 3.46 -14.80
N GLY A 434 -39.10 3.15 -15.99
CA GLY A 434 -39.58 3.80 -17.20
C GLY A 434 -38.72 4.98 -17.57
N GLY A 435 -38.70 5.27 -18.86
CA GLY A 435 -37.90 6.35 -19.38
C GLY A 435 -36.68 5.88 -20.13
N PHE A 436 -35.80 6.83 -20.42
CA PHE A 436 -34.70 6.66 -21.37
C PHE A 436 -33.42 6.33 -20.60
N GLY A 437 -32.81 5.20 -20.94
CA GLY A 437 -31.54 4.84 -20.34
C GLY A 437 -30.37 5.51 -21.05
N MET A 438 -29.40 5.94 -20.27
CA MET A 438 -28.28 6.72 -20.80
C MET A 438 -27.04 6.45 -19.98
N LYS A 439 -25.88 6.40 -20.64
CA LYS A 439 -24.63 6.40 -19.90
C LYS A 439 -24.21 7.80 -19.48
N HIS A 440 -24.72 8.83 -20.16
CA HIS A 440 -24.27 10.21 -19.97
C HIS A 440 -25.50 11.11 -19.88
N PRO A 441 -26.29 10.98 -18.82
CA PRO A 441 -27.51 11.78 -18.71
C PRO A 441 -27.20 13.25 -18.61
N PRO A 442 -28.22 14.12 -18.53
CA PRO A 442 -27.98 15.52 -18.20
C PRO A 442 -27.20 15.63 -16.89
N PRO A 443 -26.13 16.39 -16.88
CA PRO A 443 -25.30 16.46 -15.66
C PRO A 443 -26.06 17.04 -14.48
N GLN A 444 -25.56 16.74 -13.30
CA GLN A 444 -26.11 17.35 -12.10
C GLN A 444 -25.68 18.81 -12.02
N ILE A 445 -26.63 19.67 -11.70
CA ILE A 445 -26.38 21.10 -11.56
C ILE A 445 -26.32 21.37 -10.07
N LEU A 446 -25.13 21.62 -9.57
CA LEU A 446 -24.92 21.82 -8.14
C LEU A 446 -24.86 23.32 -7.84
N ILE A 447 -25.52 23.72 -6.77
CA ILE A 447 -25.68 25.12 -6.44
C ILE A 447 -25.65 25.30 -4.93
N LYS A 448 -24.94 26.32 -4.46
CA LYS A 448 -25.02 26.74 -3.06
C LYS A 448 -24.64 28.21 -2.96
N ASN A 449 -24.99 28.80 -1.81
CA ASN A 449 -24.67 30.19 -1.54
C ASN A 449 -23.34 30.29 -0.82
N THR A 450 -22.44 31.11 -1.33
CA THR A 450 -21.17 31.34 -0.67
C THR A 450 -21.42 31.84 0.76
N PRO A 451 -20.86 31.19 1.77
CA PRO A 451 -21.12 31.63 3.14
C PRO A 451 -20.46 32.97 3.42
N VAL A 452 -21.19 33.83 4.12
CA VAL A 452 -20.70 35.15 4.48
C VAL A 452 -20.52 35.18 6.00
N PRO A 453 -19.28 35.26 6.49
CA PRO A 453 -19.07 35.18 7.94
C PRO A 453 -19.51 36.44 8.66
N ALA A 454 -19.86 36.26 9.93
CA ALA A 454 -20.16 37.39 10.80
C ALA A 454 -18.86 38.03 11.29
N ASP A 455 -18.98 38.95 12.23
CA ASP A 455 -17.81 39.71 12.66
C ASP A 455 -16.84 38.82 13.44
N PRO A 456 -15.62 38.63 12.94
CA PRO A 456 -14.63 37.85 13.68
C PRO A 456 -14.01 38.69 14.80
N PRO A 457 -13.53 38.05 15.86
CA PRO A 457 -12.95 38.81 16.98
C PRO A 457 -11.61 39.42 16.61
N THR A 458 -11.27 40.50 17.30
CA THR A 458 -10.03 41.21 17.07
C THR A 458 -8.79 40.35 17.29
N ALA A 459 -8.76 39.57 18.37
CA ALA A 459 -7.69 38.61 18.62
C ALA A 459 -7.83 37.47 17.64
N PHE A 460 -6.73 36.78 17.37
CA PHE A 460 -6.76 35.69 16.41
C PHE A 460 -7.13 34.37 17.09
N ASN A 461 -8.06 33.64 16.46
CA ASN A 461 -8.46 32.33 16.92
C ASN A 461 -8.49 31.40 15.71
N LYS A 462 -7.83 30.26 15.83
CA LYS A 462 -7.61 29.38 14.69
C LYS A 462 -8.79 28.49 14.34
N ASP A 463 -9.81 28.45 15.18
CA ASP A 463 -10.96 27.60 14.88
C ASP A 463 -11.73 28.16 13.69
N LYS A 464 -12.12 27.26 12.78
CA LYS A 464 -12.90 27.66 11.62
C LYS A 464 -14.15 28.40 12.08
N LEU A 465 -14.50 29.45 11.34
CA LEU A 465 -15.55 30.35 11.79
C LEU A 465 -16.89 29.64 11.71
N ASN A 466 -17.56 29.55 12.86
CA ASN A 466 -18.89 28.93 12.93
C ASN A 466 -20.02 29.94 12.98
N SER A 467 -19.72 31.24 13.02
CA SER A 467 -20.75 32.28 13.08
C SER A 467 -20.90 32.90 11.70
N PHE A 468 -22.03 32.64 11.05
CA PHE A 468 -22.29 33.12 9.71
C PHE A 468 -23.51 34.03 9.70
N ILE A 469 -23.54 34.91 8.72
CA ILE A 469 -24.68 35.80 8.51
C ILE A 469 -25.77 35.02 7.81
N THR A 470 -26.99 35.11 8.32
CA THR A 470 -28.11 34.42 7.69
C THR A 470 -28.36 35.00 6.30
N GLN A 471 -28.48 34.12 5.31
CA GLN A 471 -28.60 34.53 3.93
C GLN A 471 -29.32 33.44 3.15
N TYR A 472 -30.10 33.86 2.15
CA TYR A 472 -30.67 32.94 1.18
C TYR A 472 -30.76 33.66 -0.16
N SER A 473 -30.96 32.90 -1.22
CA SER A 473 -30.97 33.43 -2.57
C SER A 473 -32.22 32.99 -3.31
N THR A 474 -32.48 33.66 -4.43
CA THR A 474 -33.62 33.38 -5.28
C THR A 474 -33.29 33.81 -6.71
N GLY A 475 -34.09 33.34 -7.65
CA GLY A 475 -33.83 33.68 -9.04
C GLY A 475 -34.75 32.94 -9.98
N GLN A 476 -34.34 32.85 -11.23
CA GLN A 476 -35.16 32.28 -12.29
C GLN A 476 -34.36 31.18 -13.00
N VAL A 477 -35.05 30.11 -13.37
CA VAL A 477 -34.46 28.97 -14.05
C VAL A 477 -35.21 28.69 -15.32
N SER A 478 -34.49 28.71 -16.45
CA SER A 478 -35.04 28.36 -17.74
C SER A 478 -34.36 27.10 -18.27
N VAL A 479 -35.15 26.16 -18.76
CA VAL A 479 -34.59 24.93 -19.31
C VAL A 479 -35.28 24.59 -20.63
N SER B 223 -24.03 -23.35 -41.09
CA SER B 223 -24.34 -24.64 -41.69
C SER B 223 -23.16 -25.58 -41.55
N TYR B 224 -23.04 -26.18 -40.35
CA TYR B 224 -21.89 -27.00 -40.01
C TYR B 224 -22.12 -27.58 -38.62
N ALA B 225 -21.22 -28.47 -38.18
CA ALA B 225 -21.26 -29.02 -36.85
C ALA B 225 -19.86 -29.02 -36.26
N HIS B 226 -19.80 -28.96 -34.93
CA HIS B 226 -18.53 -28.91 -34.24
C HIS B 226 -17.92 -30.29 -34.08
N SER B 227 -16.60 -30.34 -34.20
CA SER B 227 -15.83 -31.54 -33.93
C SER B 227 -15.35 -31.61 -32.50
N GLN B 228 -15.77 -30.66 -31.66
CA GLN B 228 -15.38 -30.60 -30.26
C GLN B 228 -16.58 -30.28 -29.39
N SER B 229 -16.68 -30.96 -28.26
CA SER B 229 -17.65 -30.64 -27.23
C SER B 229 -17.17 -29.43 -26.45
N LEU B 230 -18.12 -28.72 -25.83
CA LEU B 230 -17.78 -27.50 -25.12
C LEU B 230 -16.84 -27.78 -23.95
N ASP B 231 -16.99 -28.92 -23.28
CA ASP B 231 -16.25 -29.23 -22.08
C ASP B 231 -14.91 -29.91 -22.33
N ARG B 232 -14.67 -30.40 -23.54
CA ARG B 232 -13.43 -31.08 -23.88
C ARG B 232 -12.40 -30.17 -24.55
N LEU B 233 -12.65 -28.87 -24.59
CA LEU B 233 -11.71 -27.94 -25.22
C LEU B 233 -10.33 -27.95 -24.60
N MET B 234 -10.14 -28.66 -23.50
CA MET B 234 -8.87 -28.69 -22.79
C MET B 234 -7.79 -29.45 -23.56
N ASN B 235 -6.55 -29.18 -23.20
CA ASN B 235 -5.42 -29.99 -23.62
C ASN B 235 -5.34 -31.23 -22.73
N PRO B 236 -5.41 -32.43 -23.28
CA PRO B 236 -5.39 -33.64 -22.45
C PRO B 236 -4.07 -33.95 -21.77
N LEU B 237 -2.97 -33.33 -22.19
CA LEU B 237 -1.66 -33.75 -21.71
C LEU B 237 -1.12 -32.92 -20.55
N ILE B 238 -1.84 -31.90 -20.08
CA ILE B 238 -1.30 -30.89 -19.19
C ILE B 238 -2.26 -30.65 -18.03
N ASP B 239 -1.73 -30.66 -16.81
CA ASP B 239 -2.46 -30.18 -15.66
C ASP B 239 -2.68 -28.68 -15.72
N GLN B 240 -3.87 -28.26 -15.32
CA GLN B 240 -4.08 -26.86 -15.00
C GLN B 240 -3.28 -26.49 -13.76
N TYR B 241 -3.08 -25.19 -13.58
CA TYR B 241 -2.54 -24.67 -12.35
C TYR B 241 -3.63 -24.41 -11.32
N LEU B 242 -4.86 -24.82 -11.61
CA LEU B 242 -6.01 -24.64 -10.73
C LEU B 242 -6.21 -25.87 -9.86
N TYR B 243 -6.69 -25.62 -8.64
CA TYR B 243 -7.00 -26.65 -7.67
C TYR B 243 -8.49 -26.61 -7.35
N TYR B 244 -9.01 -27.70 -6.81
CA TYR B 244 -10.40 -27.78 -6.40
C TYR B 244 -10.47 -28.47 -5.04
N LEU B 245 -11.69 -28.66 -4.54
CA LEU B 245 -11.86 -29.29 -3.23
C LEU B 245 -12.05 -30.78 -3.45
N SER B 246 -11.02 -31.54 -3.12
CA SER B 246 -11.02 -32.98 -3.40
C SER B 246 -11.69 -33.78 -2.30
N LYS B 247 -11.45 -33.45 -1.04
CA LYS B 247 -12.04 -34.23 0.05
C LYS B 247 -12.57 -33.49 1.29
N THR B 248 -13.90 -33.37 1.39
CA THR B 248 -14.52 -32.75 2.54
C THR B 248 -14.33 -33.54 3.85
N ILE B 249 -14.40 -34.86 3.76
CA ILE B 249 -14.31 -35.72 4.94
C ILE B 249 -13.17 -36.71 4.88
N ASN B 250 -12.42 -36.83 5.98
CA ASN B 250 -11.35 -37.82 6.07
C ASN B 250 -11.98 -39.22 6.02
N GLY B 251 -13.10 -39.37 6.73
CA GLY B 251 -13.90 -40.58 6.75
C GLY B 251 -13.92 -41.52 7.93
N SER B 252 -15.08 -42.16 8.08
CA SER B 252 -15.39 -43.17 9.10
C SER B 252 -15.36 -42.73 10.57
N GLY B 253 -15.54 -41.45 10.86
CA GLY B 253 -15.51 -41.01 12.24
C GLY B 253 -16.21 -39.70 12.57
N GLN B 254 -16.55 -39.55 13.85
CA GLN B 254 -17.20 -38.35 14.33
C GLN B 254 -16.10 -37.33 14.49
N ASN B 255 -16.41 -36.06 14.23
CA ASN B 255 -15.45 -34.96 14.30
C ASN B 255 -14.19 -35.29 13.50
N GLN B 256 -14.38 -35.76 12.27
CA GLN B 256 -13.27 -36.15 11.40
C GLN B 256 -13.45 -35.51 10.04
N GLN B 257 -13.30 -34.19 9.96
CA GLN B 257 -13.49 -33.50 8.69
C GLN B 257 -12.29 -32.66 8.32
N THR B 258 -11.72 -32.93 7.15
CA THR B 258 -10.52 -32.22 6.69
C THR B 258 -10.68 -31.73 5.26
N LEU B 259 -10.30 -30.49 5.01
CA LEU B 259 -10.39 -29.91 3.66
C LEU B 259 -9.11 -30.06 2.86
N LYS B 260 -9.07 -31.09 2.01
CA LYS B 260 -7.94 -31.37 1.15
C LYS B 260 -8.23 -30.83 -0.23
N PHE B 261 -7.19 -30.30 -0.87
CA PHE B 261 -7.28 -29.76 -2.22
C PHE B 261 -6.42 -30.60 -3.16
N SER B 262 -6.74 -30.54 -4.45
CA SER B 262 -6.03 -31.33 -5.45
C SER B 262 -5.98 -30.59 -6.78
N VAL B 263 -4.99 -30.91 -7.61
CA VAL B 263 -4.86 -30.32 -8.94
C VAL B 263 -6.04 -30.78 -9.79
N ALA B 264 -6.57 -29.86 -10.59
CA ALA B 264 -7.44 -30.22 -11.69
C ALA B 264 -6.59 -30.65 -12.88
N GLY B 265 -6.91 -31.81 -13.46
CA GLY B 265 -6.04 -32.39 -14.44
C GLY B 265 -6.74 -33.28 -15.44
N PRO B 266 -5.97 -33.98 -16.28
CA PRO B 266 -6.57 -34.86 -17.29
C PRO B 266 -7.35 -36.02 -16.70
N SER B 267 -6.83 -36.64 -15.63
CA SER B 267 -7.48 -37.82 -15.09
C SER B 267 -8.88 -37.51 -14.59
N ASN B 268 -9.10 -36.33 -14.04
CA ASN B 268 -10.43 -35.88 -13.65
C ASN B 268 -10.79 -34.67 -14.52
N MET B 269 -11.65 -34.88 -15.50
CA MET B 269 -12.03 -33.80 -16.40
C MET B 269 -13.36 -33.16 -16.09
N ALA B 270 -14.04 -33.58 -15.03
CA ALA B 270 -15.30 -32.93 -14.67
C ALA B 270 -15.08 -31.62 -13.95
N VAL B 271 -14.01 -31.50 -13.15
CA VAL B 271 -13.89 -30.41 -12.19
C VAL B 271 -13.12 -29.22 -12.73
N GLN B 272 -12.47 -29.34 -13.89
CA GLN B 272 -11.56 -28.27 -14.32
C GLN B 272 -12.30 -26.97 -14.55
N GLY B 273 -11.61 -25.87 -14.28
CA GLY B 273 -12.17 -24.56 -14.59
C GLY B 273 -12.30 -24.38 -16.09
N ARG B 274 -13.40 -23.77 -16.50
CA ARG B 274 -13.72 -23.59 -17.90
C ARG B 274 -14.29 -22.21 -18.13
N ASN B 275 -13.94 -21.62 -19.27
CA ASN B 275 -14.28 -20.24 -19.58
C ASN B 275 -15.70 -20.06 -20.08
N TYR B 276 -16.28 -21.07 -20.72
CA TYR B 276 -17.57 -20.90 -21.37
C TYR B 276 -18.48 -22.07 -21.02
N ILE B 277 -19.77 -21.77 -20.88
CA ILE B 277 -20.77 -22.75 -20.46
C ILE B 277 -21.79 -22.89 -21.58
N PRO B 278 -22.46 -24.02 -21.67
CA PRO B 278 -23.42 -24.24 -22.76
C PRO B 278 -24.64 -23.37 -22.62
N GLY B 279 -25.38 -23.27 -23.71
CA GLY B 279 -26.44 -22.29 -23.88
C GLY B 279 -27.69 -22.57 -23.08
N PRO B 280 -28.66 -21.67 -23.20
CA PRO B 280 -29.86 -21.73 -22.35
C PRO B 280 -30.73 -22.94 -22.64
N SER B 281 -31.64 -23.19 -21.72
CA SER B 281 -32.52 -24.35 -21.79
C SER B 281 -33.87 -24.02 -21.19
N TYR B 282 -34.92 -24.60 -21.80
CA TYR B 282 -36.26 -24.65 -21.22
C TYR B 282 -36.73 -26.07 -21.46
N ARG B 283 -36.87 -26.88 -20.41
CA ARG B 283 -36.94 -28.32 -20.61
C ARG B 283 -38.19 -28.73 -21.38
N GLN B 284 -37.99 -29.63 -22.35
CA GLN B 284 -39.05 -30.31 -23.07
C GLN B 284 -39.36 -31.66 -22.41
N GLN B 285 -40.64 -32.02 -22.42
CA GLN B 285 -41.04 -33.38 -22.06
C GLN B 285 -40.48 -34.36 -23.09
N ARG B 286 -40.30 -35.62 -22.66
CA ARG B 286 -39.71 -36.64 -23.49
C ARG B 286 -40.79 -37.59 -24.01
N VAL B 287 -40.68 -37.98 -25.27
CA VAL B 287 -41.58 -38.95 -25.88
C VAL B 287 -40.74 -39.93 -26.71
N SER B 288 -41.08 -41.20 -26.64
CA SER B 288 -40.36 -42.25 -27.35
C SER B 288 -41.22 -42.83 -28.46
N THR B 289 -40.54 -43.29 -29.52
CA THR B 289 -41.18 -43.90 -30.66
C THR B 289 -41.95 -45.17 -30.32
N THR B 290 -41.45 -45.97 -29.40
CA THR B 290 -42.08 -47.25 -29.04
C THR B 290 -43.22 -46.98 -28.07
N VAL B 291 -44.43 -47.40 -28.44
CA VAL B 291 -45.61 -47.04 -27.65
C VAL B 291 -45.62 -47.72 -26.29
N THR B 292 -44.76 -48.73 -26.08
CA THR B 292 -44.69 -49.36 -24.77
C THR B 292 -43.86 -48.56 -23.79
N GLN B 293 -42.72 -48.02 -24.25
CA GLN B 293 -41.87 -47.24 -23.37
C GLN B 293 -42.60 -46.02 -22.80
N ASN B 294 -43.57 -45.52 -23.57
CA ASN B 294 -44.37 -44.37 -23.15
C ASN B 294 -45.35 -44.74 -22.04
N ASN B 295 -45.73 -43.75 -21.25
CA ASN B 295 -46.69 -43.97 -20.16
C ASN B 295 -48.05 -44.32 -20.74
N ASN B 296 -48.82 -45.17 -20.05
CA ASN B 296 -50.15 -45.55 -20.51
C ASN B 296 -51.22 -44.55 -20.10
N SER B 297 -51.14 -43.35 -20.66
CA SER B 297 -52.07 -42.26 -20.44
C SER B 297 -51.87 -41.23 -21.55
N GLU B 298 -52.78 -40.28 -21.70
CA GLU B 298 -52.56 -39.27 -22.73
C GLU B 298 -52.07 -38.02 -22.03
N PHE B 299 -50.81 -37.67 -22.29
CA PHE B 299 -50.18 -36.52 -21.69
C PHE B 299 -49.83 -35.42 -22.68
N ALA B 300 -50.41 -35.46 -23.88
CA ALA B 300 -50.03 -34.48 -24.90
C ALA B 300 -50.28 -33.03 -24.49
N TRP B 301 -51.44 -32.72 -23.92
CA TRP B 301 -51.66 -31.34 -23.50
C TRP B 301 -51.29 -31.10 -22.03
N PRO B 302 -51.63 -32.04 -21.15
CA PRO B 302 -51.34 -31.95 -19.72
C PRO B 302 -49.85 -31.95 -19.40
N GLY B 303 -49.08 -32.76 -20.11
CA GLY B 303 -47.65 -32.84 -19.88
C GLY B 303 -46.83 -32.09 -20.90
N ALA B 304 -47.26 -30.88 -21.23
CA ALA B 304 -46.56 -30.05 -22.20
C ALA B 304 -46.00 -28.81 -21.54
N SER B 305 -44.85 -28.35 -22.04
CA SER B 305 -44.26 -27.11 -21.58
C SER B 305 -44.81 -25.95 -22.39
N SER B 306 -45.42 -24.99 -21.71
CA SER B 306 -46.12 -23.89 -22.39
C SER B 306 -45.74 -22.58 -21.74
N TRP B 307 -46.13 -21.50 -22.41
CA TRP B 307 -46.07 -20.16 -21.83
C TRP B 307 -47.46 -19.57 -21.77
N ALA B 308 -47.67 -18.69 -20.79
CA ALA B 308 -48.99 -18.16 -20.47
C ALA B 308 -49.06 -16.67 -20.74
N LEU B 309 -49.82 -16.29 -21.77
CA LEU B 309 -49.89 -14.91 -22.22
C LEU B 309 -51.34 -14.45 -22.21
N ASN B 310 -51.63 -13.44 -21.38
CA ASN B 310 -52.98 -12.91 -21.22
C ASN B 310 -53.97 -14.03 -20.87
N GLY B 311 -53.63 -14.81 -19.85
CA GLY B 311 -54.49 -15.85 -19.36
C GLY B 311 -54.70 -17.00 -20.31
N ARG B 312 -54.11 -16.95 -21.50
CA ARG B 312 -54.24 -18.00 -22.49
C ARG B 312 -52.92 -18.77 -22.58
N ASN B 313 -53.02 -20.09 -22.55
CA ASN B 313 -51.85 -20.95 -22.54
C ASN B 313 -51.53 -21.39 -23.96
N SER B 314 -50.27 -21.22 -24.36
CA SER B 314 -49.82 -21.56 -25.70
C SER B 314 -48.66 -22.54 -25.60
N LEU B 315 -48.76 -23.63 -26.34
CA LEU B 315 -47.69 -24.61 -26.35
C LEU B 315 -46.40 -23.96 -26.81
N MET B 316 -45.28 -24.46 -26.30
CA MET B 316 -43.96 -23.94 -26.68
C MET B 316 -43.48 -24.77 -27.85
N ASN B 317 -43.51 -24.18 -29.04
CA ASN B 317 -43.11 -24.88 -30.25
C ASN B 317 -42.34 -23.96 -31.18
N PRO B 318 -41.22 -24.43 -31.74
CA PRO B 318 -40.44 -25.58 -31.26
C PRO B 318 -39.70 -25.27 -29.96
N GLY B 319 -39.57 -23.98 -29.64
CA GLY B 319 -38.83 -23.56 -28.47
C GLY B 319 -37.40 -23.20 -28.82
N PRO B 320 -36.57 -22.94 -27.80
CA PRO B 320 -35.15 -22.68 -28.07
C PRO B 320 -34.44 -23.93 -28.55
N ALA B 321 -33.25 -23.72 -29.10
CA ALA B 321 -32.52 -24.81 -29.74
C ALA B 321 -31.83 -25.67 -28.69
N MET B 322 -32.20 -26.94 -28.65
CA MET B 322 -31.65 -27.88 -27.68
C MET B 322 -31.50 -29.24 -28.35
N ALA B 323 -30.52 -30.00 -27.87
CA ALA B 323 -30.32 -31.34 -28.41
C ALA B 323 -31.58 -32.17 -28.25
N SER B 324 -31.99 -32.82 -29.34
CA SER B 324 -33.25 -33.55 -29.34
C SER B 324 -33.15 -34.82 -28.50
N HIS B 325 -31.94 -35.34 -28.32
CA HIS B 325 -31.76 -36.56 -27.55
C HIS B 325 -30.34 -36.62 -27.04
N LYS B 326 -30.13 -37.44 -26.01
CA LYS B 326 -28.77 -37.71 -25.56
C LYS B 326 -28.09 -38.62 -26.58
N GLU B 327 -26.76 -38.54 -26.61
CA GLU B 327 -26.02 -39.26 -27.63
C GLU B 327 -25.97 -40.75 -27.32
N GLY B 328 -26.22 -41.56 -28.35
CA GLY B 328 -26.40 -42.99 -28.20
C GLY B 328 -27.84 -43.43 -28.14
N GLU B 329 -28.78 -42.52 -27.87
CA GLU B 329 -30.20 -42.84 -27.77
C GLU B 329 -30.93 -42.10 -28.90
N ASP B 330 -31.31 -42.84 -29.94
CA ASP B 330 -32.01 -42.26 -31.08
C ASP B 330 -33.52 -42.41 -31.00
N ARG B 331 -34.05 -43.22 -30.08
CA ARG B 331 -35.48 -43.48 -30.08
C ARG B 331 -36.30 -42.36 -29.45
N PHE B 332 -35.73 -41.65 -28.48
CA PHE B 332 -36.45 -40.57 -27.81
C PHE B 332 -36.38 -39.23 -28.54
N PHE B 333 -37.48 -38.50 -28.53
CA PHE B 333 -37.53 -37.19 -29.18
C PHE B 333 -38.29 -36.19 -28.32
N PRO B 334 -37.95 -34.90 -28.41
CA PRO B 334 -38.64 -33.87 -27.65
C PRO B 334 -40.07 -33.75 -28.14
N LEU B 335 -41.03 -33.55 -27.24
CA LEU B 335 -42.42 -33.47 -27.65
C LEU B 335 -42.69 -32.31 -28.60
N SER B 336 -42.14 -31.14 -28.31
CA SER B 336 -42.33 -29.98 -29.19
C SER B 336 -41.03 -29.46 -29.77
N GLY B 337 -39.95 -30.23 -29.62
CA GLY B 337 -38.67 -29.82 -30.15
C GLY B 337 -38.72 -29.47 -31.63
N GLU B 362 -29.75 -32.48 -33.76
CA GLU B 362 -28.99 -33.29 -32.82
C GLU B 362 -27.51 -33.02 -32.96
N GLU B 363 -27.18 -32.09 -33.86
CA GLU B 363 -25.79 -31.75 -34.08
C GLU B 363 -25.35 -30.60 -33.17
N ILE B 364 -26.31 -30.04 -32.44
CA ILE B 364 -26.06 -28.91 -31.54
C ILE B 364 -25.73 -29.45 -30.16
N LYS B 365 -25.78 -30.78 -30.01
CA LYS B 365 -25.65 -31.42 -28.71
C LYS B 365 -24.39 -31.01 -27.97
N THR B 366 -23.34 -30.62 -28.69
CA THR B 366 -22.09 -30.29 -28.03
C THR B 366 -22.17 -28.97 -27.29
N THR B 367 -22.80 -27.96 -27.88
CA THR B 367 -22.91 -26.66 -27.25
C THR B 367 -24.23 -26.43 -26.52
N ASN B 368 -25.17 -27.36 -26.61
CA ASN B 368 -26.50 -27.12 -26.09
C ASN B 368 -26.96 -28.26 -25.21
N PRO B 369 -27.65 -27.96 -24.12
CA PRO B 369 -28.21 -29.03 -23.29
C PRO B 369 -29.30 -29.79 -24.02
N VAL B 370 -29.32 -31.11 -23.82
CA VAL B 370 -30.37 -31.94 -24.35
C VAL B 370 -31.72 -31.39 -23.91
N ALA B 371 -32.70 -31.43 -24.81
CA ALA B 371 -34.00 -30.84 -24.52
C ALA B 371 -34.63 -31.45 -23.27
N THR B 372 -34.50 -32.76 -23.10
CA THR B 372 -35.18 -33.49 -22.04
C THR B 372 -34.47 -33.39 -20.71
N GLU B 373 -33.19 -33.06 -20.71
CA GLU B 373 -32.34 -33.13 -19.53
C GLU B 373 -32.29 -31.77 -18.84
N SER B 374 -32.24 -31.82 -17.50
CA SER B 374 -32.10 -30.59 -16.73
C SER B 374 -30.76 -29.93 -17.00
N TYR B 375 -30.75 -28.61 -16.94
CA TYR B 375 -29.54 -27.86 -17.24
C TYR B 375 -28.43 -28.17 -16.25
N GLY B 376 -28.73 -28.23 -14.96
CA GLY B 376 -27.72 -28.54 -13.97
C GLY B 376 -28.31 -28.59 -12.57
N GLN B 377 -27.41 -28.47 -11.59
CA GLN B 377 -27.77 -28.48 -10.18
C GLN B 377 -27.37 -27.17 -9.53
N VAL B 378 -28.06 -26.80 -8.45
CA VAL B 378 -27.73 -25.64 -7.65
C VAL B 378 -27.83 -26.01 -6.18
N ALA B 379 -26.85 -25.59 -5.39
CA ALA B 379 -26.95 -25.75 -3.95
C ALA B 379 -28.12 -24.93 -3.43
N THR B 380 -28.98 -25.59 -2.65
CA THR B 380 -30.20 -24.95 -2.17
C THR B 380 -30.13 -24.48 -0.71
N ASN B 381 -28.96 -24.62 -0.08
CA ASN B 381 -28.73 -24.17 1.30
C ASN B 381 -27.22 -24.10 1.67
N HIS B 382 -26.93 -23.90 2.95
CA HIS B 382 -25.54 -23.87 3.44
C HIS B 382 -25.29 -25.15 4.23
N GLN B 383 -24.26 -25.90 3.89
CA GLN B 383 -23.98 -27.14 4.61
C GLN B 383 -23.13 -26.84 5.83
N SER B 384 -23.74 -26.75 7.00
CA SER B 384 -22.99 -26.44 8.21
C SER B 384 -23.28 -27.29 9.44
N ALA B 385 -22.79 -28.53 9.45
CA ALA B 385 -22.90 -29.48 10.58
C ALA B 385 -24.29 -30.02 10.92
N GLN B 386 -25.22 -29.14 11.25
CA GLN B 386 -26.57 -29.54 11.61
C GLN B 386 -27.25 -30.26 10.44
N ALA B 387 -27.05 -29.75 9.23
CA ALA B 387 -27.64 -30.37 8.06
C ALA B 387 -26.63 -30.50 6.93
N GLN B 388 -26.75 -31.58 6.16
CA GLN B 388 -25.89 -31.83 5.02
C GLN B 388 -26.28 -30.94 3.85
N ALA B 389 -25.36 -30.75 2.92
CA ALA B 389 -25.64 -29.92 1.75
C ALA B 389 -26.71 -30.54 0.84
N GLN B 390 -27.52 -29.67 0.23
CA GLN B 390 -28.58 -30.09 -0.66
C GLN B 390 -28.40 -29.45 -2.03
N THR B 391 -29.08 -30.01 -3.03
CA THR B 391 -29.05 -29.53 -4.40
C THR B 391 -30.46 -29.53 -4.97
N GLY B 392 -30.74 -28.56 -5.83
CA GLY B 392 -31.95 -28.57 -6.62
C GLY B 392 -31.69 -28.92 -8.06
N TRP B 393 -32.76 -29.18 -8.83
CA TRP B 393 -32.62 -29.36 -10.26
C TRP B 393 -33.11 -28.14 -11.00
N VAL B 394 -32.30 -27.64 -11.92
CA VAL B 394 -32.63 -26.47 -12.72
C VAL B 394 -33.27 -26.96 -14.01
N GLN B 395 -34.57 -26.71 -14.16
CA GLN B 395 -35.29 -27.17 -15.34
C GLN B 395 -35.08 -26.25 -16.53
N ASN B 396 -35.19 -24.94 -16.33
CA ASN B 396 -34.90 -23.96 -17.36
C ASN B 396 -33.87 -22.97 -16.85
N GLN B 397 -33.03 -22.47 -17.76
CA GLN B 397 -31.97 -21.55 -17.40
C GLN B 397 -31.92 -20.43 -18.41
N GLY B 398 -31.96 -19.18 -17.92
CA GLY B 398 -31.88 -18.03 -18.78
C GLY B 398 -30.48 -17.83 -19.30
N ILE B 399 -30.21 -16.61 -19.76
CA ILE B 399 -28.88 -16.32 -20.27
C ILE B 399 -27.94 -15.98 -19.12
N LEU B 400 -26.68 -16.34 -19.29
CA LEU B 400 -25.60 -16.04 -18.36
C LEU B 400 -24.38 -15.59 -19.15
N PRO B 401 -23.60 -14.66 -18.62
CA PRO B 401 -22.34 -14.33 -19.27
C PRO B 401 -21.47 -15.58 -19.40
N GLY B 402 -20.97 -15.80 -20.60
CA GLY B 402 -20.21 -17.02 -20.87
C GLY B 402 -21.01 -18.15 -21.47
N MET B 403 -22.28 -17.93 -21.81
CA MET B 403 -23.02 -18.92 -22.57
C MET B 403 -22.74 -18.81 -24.06
N VAL B 404 -22.66 -19.97 -24.71
CA VAL B 404 -22.58 -20.06 -26.16
C VAL B 404 -23.54 -21.16 -26.60
N TRP B 405 -24.21 -20.94 -27.73
CA TRP B 405 -25.27 -21.84 -28.14
C TRP B 405 -25.43 -21.80 -29.64
N GLN B 406 -26.18 -22.77 -30.16
CA GLN B 406 -26.51 -22.88 -31.58
C GLN B 406 -28.00 -22.62 -31.80
N ASP B 407 -28.32 -22.22 -33.02
CA ASP B 407 -29.71 -22.00 -33.41
C ASP B 407 -30.25 -23.27 -34.04
N ARG B 408 -31.52 -23.23 -34.44
CA ARG B 408 -32.11 -24.39 -35.08
C ARG B 408 -31.71 -24.46 -36.55
N ASP B 409 -31.54 -25.68 -37.04
CA ASP B 409 -30.99 -25.91 -38.37
C ASP B 409 -32.07 -25.77 -39.43
N ILE B 420 -38.98 -10.24 -37.56
CA ILE B 420 -38.75 -9.67 -36.23
C ILE B 420 -39.84 -8.66 -35.92
N PRO B 421 -40.65 -8.98 -34.90
CA PRO B 421 -41.74 -8.06 -34.53
C PRO B 421 -41.19 -6.71 -34.10
N HIS B 422 -42.06 -5.71 -34.09
CA HIS B 422 -41.65 -4.36 -33.72
C HIS B 422 -41.88 -4.21 -32.22
N THR B 423 -40.79 -4.19 -31.46
CA THR B 423 -40.86 -4.19 -30.00
C THR B 423 -39.73 -3.36 -29.43
N ASP B 424 -39.84 -3.07 -28.14
CA ASP B 424 -38.78 -2.31 -27.47
C ASP B 424 -37.48 -3.09 -27.42
N GLY B 425 -37.56 -4.41 -27.22
CA GLY B 425 -36.35 -5.20 -27.15
C GLY B 425 -36.56 -6.63 -27.58
N ASN B 426 -35.46 -7.24 -28.01
CA ASN B 426 -35.42 -8.63 -28.42
C ASN B 426 -34.01 -9.14 -28.18
N PHE B 427 -33.89 -10.43 -27.88
CA PHE B 427 -32.58 -11.04 -27.68
C PHE B 427 -32.42 -12.21 -28.64
N HIS B 428 -31.35 -12.16 -29.42
CA HIS B 428 -31.02 -13.18 -30.41
C HIS B 428 -32.26 -13.38 -31.28
N PRO B 429 -32.62 -12.37 -32.09
CA PRO B 429 -33.92 -12.35 -32.77
C PRO B 429 -34.14 -13.48 -33.76
N SER B 430 -33.09 -14.24 -34.06
CA SER B 430 -33.19 -15.33 -35.01
C SER B 430 -34.43 -16.19 -34.73
N PRO B 431 -35.26 -16.47 -35.74
CA PRO B 431 -36.59 -17.03 -35.47
C PRO B 431 -36.52 -18.45 -34.93
N LEU B 432 -37.33 -18.71 -33.91
CA LEU B 432 -37.30 -19.99 -33.22
C LEU B 432 -37.74 -21.13 -34.11
N SER C 22 25.35 -14.49 -32.93
CA SER C 22 24.08 -14.77 -32.27
C SER C 22 22.92 -14.13 -33.02
N SER C 23 21.78 -14.82 -33.05
CA SER C 23 20.63 -14.40 -33.80
C SER C 23 19.64 -13.56 -32.99
N GLY C 24 19.97 -13.22 -31.76
CA GLY C 24 19.11 -12.34 -30.99
C GLY C 24 19.76 -11.94 -29.68
N ASN C 25 19.11 -11.00 -29.01
CA ASN C 25 19.59 -10.49 -27.72
C ASN C 25 18.51 -10.67 -26.65
N TRP C 26 18.90 -10.31 -25.43
CA TRP C 26 18.12 -10.54 -24.24
C TRP C 26 17.36 -9.27 -23.91
N HIS C 27 16.04 -9.31 -23.99
CA HIS C 27 15.21 -8.15 -23.67
C HIS C 27 14.27 -8.49 -22.53
N CYS C 28 14.52 -7.92 -21.36
CA CYS C 28 13.55 -7.87 -20.27
C CYS C 28 13.53 -6.43 -19.78
N ASP C 29 12.32 -5.88 -19.62
CA ASP C 29 12.12 -4.52 -19.13
C ASP C 29 10.64 -4.19 -19.10
N SER C 30 10.30 -2.99 -18.64
CA SER C 30 8.98 -2.43 -18.81
C SER C 30 9.13 -0.95 -19.14
N GLN C 31 8.34 -0.48 -20.07
CA GLN C 31 8.38 0.91 -20.49
C GLN C 31 7.03 1.53 -20.21
N TRP C 32 6.98 2.43 -19.23
CA TRP C 32 5.76 3.11 -18.86
C TRP C 32 5.73 4.43 -19.62
N LEU C 33 4.86 4.52 -20.62
CA LEU C 33 4.84 5.67 -21.53
C LEU C 33 3.40 6.16 -21.61
N GLY C 34 3.14 7.31 -21.02
CA GLY C 34 1.82 7.90 -21.13
C GLY C 34 0.70 6.98 -20.73
N ASP C 35 -0.21 6.74 -21.67
CA ASP C 35 -1.32 5.81 -21.51
C ASP C 35 -0.98 4.39 -21.94
N ARG C 36 0.29 4.12 -22.26
CA ARG C 36 0.71 2.81 -22.75
C ARG C 36 1.77 2.20 -21.85
N VAL C 37 1.85 0.87 -21.85
CA VAL C 37 2.89 0.14 -21.16
C VAL C 37 3.35 -0.98 -22.07
N ILE C 38 4.66 -1.09 -22.26
CA ILE C 38 5.24 -2.14 -23.10
C ILE C 38 6.01 -3.07 -22.19
N THR C 39 5.64 -4.35 -22.21
CA THR C 39 6.31 -5.36 -21.40
C THR C 39 7.03 -6.35 -22.30
N THR C 40 8.27 -6.66 -21.93
CA THR C 40 9.11 -7.54 -22.71
C THR C 40 9.78 -8.55 -21.80
N SER C 41 9.66 -9.83 -22.13
CA SER C 41 10.16 -10.93 -21.32
C SER C 41 10.97 -11.86 -22.19
N THR C 42 12.19 -12.17 -21.76
CA THR C 42 13.03 -13.12 -22.46
C THR C 42 13.33 -14.29 -21.54
N ARG C 43 13.14 -15.51 -22.05
CA ARG C 43 13.37 -16.73 -21.29
C ARG C 43 14.13 -17.73 -22.16
N THR C 44 15.01 -18.50 -21.52
CA THR C 44 15.67 -19.65 -22.12
C THR C 44 14.80 -20.89 -21.91
N TRP C 45 14.62 -21.69 -22.96
CA TRP C 45 13.75 -22.85 -22.92
C TRP C 45 14.46 -24.07 -23.49
N ALA C 46 13.85 -25.25 -23.29
CA ALA C 46 14.37 -26.50 -23.81
C ALA C 46 13.22 -27.36 -24.32
N LEU C 47 13.36 -27.87 -25.55
CA LEU C 47 12.31 -28.67 -26.18
C LEU C 47 12.78 -30.09 -26.48
N PRO C 48 12.24 -31.10 -25.82
CA PRO C 48 12.56 -32.49 -26.15
C PRO C 48 11.70 -33.02 -27.29
N THR C 49 11.80 -34.32 -27.53
CA THR C 49 10.97 -35.04 -28.48
C THR C 49 9.78 -35.65 -27.73
N TYR C 50 8.58 -35.39 -28.23
CA TYR C 50 7.37 -35.99 -27.67
C TYR C 50 6.82 -37.08 -28.59
N ASN C 51 6.36 -38.17 -27.99
CA ASN C 51 5.80 -39.33 -28.67
C ASN C 51 6.78 -39.97 -29.64
N ASN C 52 8.08 -39.77 -29.45
CA ASN C 52 9.10 -40.39 -30.31
C ASN C 52 8.83 -40.09 -31.78
N HIS C 53 8.51 -38.84 -32.07
CA HIS C 53 8.21 -38.35 -33.42
C HIS C 53 6.94 -38.95 -34.01
N LEU C 54 6.01 -39.39 -33.17
CA LEU C 54 4.82 -40.06 -33.63
C LEU C 54 3.57 -39.27 -33.25
N TYR C 55 2.49 -39.50 -33.99
CA TYR C 55 1.16 -39.15 -33.51
C TYR C 55 0.51 -40.39 -32.93
N LYS C 56 -0.23 -40.23 -31.83
CA LYS C 56 -0.85 -41.37 -31.18
C LYS C 56 -2.24 -41.01 -30.66
N GLN C 57 -3.17 -41.92 -30.81
CA GLN C 57 -4.50 -41.78 -30.24
C GLN C 57 -4.44 -41.88 -28.72
N ILE C 58 -5.23 -41.05 -28.03
CA ILE C 58 -5.39 -41.16 -26.59
C ILE C 58 -6.87 -41.10 -26.26
N SER C 59 -7.23 -41.64 -25.11
CA SER C 59 -8.62 -41.70 -24.69
C SER C 59 -8.64 -41.93 -23.19
N ASN C 60 -9.84 -42.15 -22.66
CA ASN C 60 -9.96 -42.41 -21.23
C ASN C 60 -9.64 -43.85 -20.91
N SER C 61 -10.00 -44.77 -21.83
CA SER C 61 -9.72 -46.18 -21.64
C SER C 61 -8.24 -46.44 -21.47
N THR C 62 -7.38 -45.61 -22.07
CA THR C 62 -5.95 -45.72 -21.83
C THR C 62 -5.64 -45.56 -20.35
N SER C 63 -6.44 -44.78 -19.62
CA SER C 63 -6.40 -44.76 -18.16
C SER C 63 -7.46 -45.65 -17.53
N GLY C 64 -8.34 -46.27 -18.33
CA GLY C 64 -9.42 -47.10 -17.84
C GLY C 64 -10.77 -46.40 -17.79
N GLY C 65 -10.79 -45.08 -17.65
CA GLY C 65 -11.97 -44.25 -17.89
C GLY C 65 -13.28 -44.71 -17.27
N SER C 66 -13.27 -45.03 -15.98
CA SER C 66 -14.45 -45.60 -15.36
C SER C 66 -15.64 -44.65 -15.34
N SER C 67 -15.39 -43.34 -15.22
CA SER C 67 -16.47 -42.36 -15.10
C SER C 67 -16.85 -41.84 -16.48
N ASN C 68 -18.15 -41.78 -16.75
CA ASN C 68 -18.64 -41.13 -17.96
C ASN C 68 -18.32 -39.64 -17.95
N ASP C 69 -18.35 -39.01 -16.77
CA ASP C 69 -18.04 -37.59 -16.70
C ASP C 69 -16.58 -37.34 -17.04
N ASN C 70 -15.73 -38.35 -16.90
CA ASN C 70 -14.31 -38.24 -17.19
C ASN C 70 -13.97 -38.71 -18.60
N ALA C 71 -14.97 -39.05 -19.40
CA ALA C 71 -14.74 -39.66 -20.70
C ALA C 71 -14.22 -38.64 -21.71
N TYR C 72 -13.16 -39.02 -22.43
CA TYR C 72 -12.59 -38.12 -23.42
C TYR C 72 -11.94 -38.93 -24.53
N PHE C 73 -11.69 -38.26 -25.67
CA PHE C 73 -11.00 -38.85 -26.81
C PHE C 73 -10.22 -37.78 -27.57
N GLY C 74 -9.06 -38.16 -28.07
CA GLY C 74 -8.23 -37.25 -28.83
C GLY C 74 -6.89 -37.86 -29.15
N TYR C 75 -5.96 -37.00 -29.59
CA TYR C 75 -4.65 -37.46 -30.06
C TYR C 75 -3.55 -36.64 -29.42
N SER C 76 -2.44 -37.30 -29.09
CA SER C 76 -1.23 -36.62 -28.67
C SER C 76 -0.31 -36.45 -29.87
N THR C 77 0.33 -35.29 -29.96
CA THR C 77 1.18 -34.93 -31.08
C THR C 77 2.60 -34.72 -30.61
N PRO C 78 3.59 -34.86 -31.49
CA PRO C 78 4.98 -34.56 -31.11
C PRO C 78 5.23 -33.07 -30.90
N TRP C 79 4.32 -32.21 -31.33
CA TRP C 79 4.54 -30.76 -31.31
C TRP C 79 4.49 -30.19 -29.89
N GLY C 80 5.32 -29.18 -29.67
CA GLY C 80 5.21 -28.32 -28.52
C GLY C 80 4.49 -27.03 -28.88
N TYR C 81 4.34 -26.17 -27.88
CA TYR C 81 3.67 -24.89 -28.09
C TYR C 81 4.10 -23.93 -26.99
N PHE C 82 3.89 -22.64 -27.22
CA PHE C 82 4.35 -21.60 -26.29
C PHE C 82 3.17 -20.92 -25.62
N ASP C 83 3.08 -21.11 -24.31
CA ASP C 83 1.98 -20.53 -23.53
C ASP C 83 2.55 -19.40 -22.68
N PHE C 84 2.30 -18.16 -23.09
CA PHE C 84 2.56 -16.97 -22.28
C PHE C 84 1.29 -16.37 -21.68
N ASN C 85 0.16 -17.08 -21.79
CA ASN C 85 -1.17 -16.55 -21.49
C ASN C 85 -1.35 -16.13 -20.01
N ARG C 86 -0.40 -16.37 -19.12
CA ARG C 86 -0.53 -15.91 -17.74
C ARG C 86 0.14 -14.55 -17.55
N PHE C 87 -0.50 -13.68 -16.76
CA PHE C 87 0.00 -12.33 -16.54
C PHE C 87 1.42 -12.32 -15.97
N HIS C 88 1.74 -13.20 -15.01
CA HIS C 88 3.01 -13.07 -14.32
C HIS C 88 4.20 -13.25 -15.25
N CYS C 89 3.97 -13.74 -16.46
CA CYS C 89 5.02 -13.79 -17.46
C CYS C 89 5.48 -12.39 -17.84
N HIS C 90 4.54 -11.46 -18.00
CA HIS C 90 4.83 -10.15 -18.56
C HIS C 90 4.92 -9.02 -17.54
N PHE C 91 4.65 -9.27 -16.26
CA PHE C 91 4.67 -8.21 -15.26
C PHE C 91 5.42 -8.64 -14.02
N SER C 92 6.53 -7.95 -13.74
CA SER C 92 7.20 -8.10 -12.47
C SER C 92 6.29 -7.67 -11.33
N PRO C 93 6.47 -8.22 -10.14
CA PRO C 93 5.63 -7.83 -9.01
C PRO C 93 5.64 -6.33 -8.72
N ARG C 94 6.74 -5.64 -8.99
CA ARG C 94 6.73 -4.18 -8.89
C ARG C 94 5.83 -3.57 -9.94
N ASP C 95 5.94 -4.03 -11.19
CA ASP C 95 5.15 -3.44 -12.26
C ASP C 95 3.67 -3.70 -12.05
N TRP C 96 3.32 -4.90 -11.61
CA TRP C 96 1.93 -5.19 -11.30
C TRP C 96 1.44 -4.27 -10.19
N GLN C 97 2.34 -3.89 -9.26
CA GLN C 97 1.98 -2.93 -8.23
C GLN C 97 1.89 -1.53 -8.80
N ARG C 98 2.89 -1.13 -9.58
CA ARG C 98 2.85 0.19 -10.21
C ARG C 98 1.62 0.34 -11.09
N LEU C 99 1.13 -0.78 -11.64
CA LEU C 99 -0.06 -0.75 -12.46
C LEU C 99 -1.33 -0.63 -11.62
N ILE C 100 -1.62 -1.66 -10.82
CA ILE C 100 -2.94 -1.80 -10.21
C ILE C 100 -3.30 -0.64 -9.31
N ASN C 101 -2.33 0.02 -8.69
CA ASN C 101 -2.67 1.12 -7.80
C ASN C 101 -2.93 2.42 -8.52
N ASN C 102 -2.44 2.59 -9.75
CA ASN C 102 -2.53 3.87 -10.44
C ASN C 102 -3.61 3.98 -11.51
N ASN C 103 -4.32 2.91 -11.84
CA ASN C 103 -5.09 2.91 -13.07
C ASN C 103 -6.44 2.24 -12.89
N TRP C 104 -7.41 2.71 -13.68
CA TRP C 104 -8.76 2.13 -13.69
C TRP C 104 -8.92 0.99 -14.67
N GLY C 105 -7.97 0.76 -15.56
CA GLY C 105 -8.15 -0.32 -16.52
C GLY C 105 -6.97 -0.40 -17.45
N PHE C 106 -6.86 -1.57 -18.09
CA PHE C 106 -5.83 -1.81 -19.07
C PHE C 106 -6.33 -2.91 -19.99
N ARG C 107 -5.62 -3.09 -21.10
CA ARG C 107 -6.02 -4.04 -22.12
C ARG C 107 -4.91 -4.13 -23.14
N PRO C 108 -4.65 -5.30 -23.70
CA PRO C 108 -3.56 -5.43 -24.66
C PRO C 108 -3.93 -4.84 -26.00
N LYS C 109 -2.90 -4.38 -26.71
CA LYS C 109 -3.07 -3.79 -28.04
C LYS C 109 -2.30 -4.57 -29.09
N ARG C 110 -0.98 -4.66 -28.96
CA ARG C 110 -0.13 -5.29 -29.94
C ARG C 110 0.76 -6.33 -29.28
N LEU C 111 0.92 -7.46 -29.96
CA LEU C 111 1.80 -8.54 -29.54
C LEU C 111 2.95 -8.66 -30.52
N ASN C 112 4.12 -9.03 -30.01
CA ASN C 112 5.30 -9.22 -30.82
C ASN C 112 6.08 -10.38 -30.23
N PHE C 113 6.56 -11.29 -31.08
CA PHE C 113 7.13 -12.55 -30.64
C PHE C 113 8.38 -12.85 -31.44
N LYS C 114 9.40 -13.39 -30.77
CA LYS C 114 10.67 -13.70 -31.40
C LYS C 114 11.25 -14.97 -30.84
N LEU C 115 11.74 -15.83 -31.73
CA LEU C 115 12.40 -17.07 -31.37
C LEU C 115 13.76 -17.00 -32.02
N PHE C 116 14.78 -16.78 -31.19
CA PHE C 116 16.14 -16.61 -31.65
C PHE C 116 17.09 -17.50 -30.87
N ASN C 117 18.35 -17.52 -31.30
CA ASN C 117 19.41 -18.30 -30.66
C ASN C 117 19.18 -19.81 -30.54
N ILE C 118 18.68 -20.41 -31.60
CA ILE C 118 18.45 -21.85 -31.60
C ILE C 118 19.74 -22.65 -31.45
N GLN C 119 19.65 -23.76 -30.73
CA GLN C 119 20.76 -24.66 -30.51
C GLN C 119 20.17 -26.04 -30.48
N VAL C 120 20.79 -26.96 -31.20
CA VAL C 120 20.28 -28.33 -31.28
C VAL C 120 21.36 -29.26 -30.73
N LYS C 121 20.95 -30.24 -29.95
CA LYS C 121 21.86 -31.15 -29.27
C LYS C 121 21.53 -32.58 -29.63
N GLU C 122 22.49 -33.47 -29.41
CA GLU C 122 22.32 -34.90 -29.59
C GLU C 122 22.85 -35.63 -28.36
N VAL C 123 22.23 -36.75 -28.02
CA VAL C 123 22.61 -37.49 -26.82
C VAL C 123 22.93 -38.95 -27.16
N ILE C 132 26.66 -35.11 -24.67
CA ILE C 132 25.81 -34.19 -25.40
C ILE C 132 26.65 -33.37 -26.36
N ALA C 133 26.35 -33.47 -27.66
CA ALA C 133 27.13 -32.81 -28.69
C ALA C 133 26.23 -31.96 -29.57
N ASN C 134 26.83 -30.95 -30.19
CA ASN C 134 26.10 -30.06 -31.08
C ASN C 134 25.79 -30.76 -32.39
N ASN C 135 24.84 -30.21 -33.13
CA ASN C 135 24.52 -30.70 -34.47
C ASN C 135 24.70 -29.56 -35.47
N SER C 138 20.91 -29.57 -37.86
CA SER C 138 19.50 -29.91 -37.71
C SER C 138 18.61 -28.67 -37.77
N THR C 139 17.30 -28.88 -37.83
CA THR C 139 16.34 -27.80 -37.89
C THR C 139 15.30 -27.96 -36.79
N VAL C 140 14.74 -26.83 -36.38
CA VAL C 140 13.54 -26.78 -35.55
C VAL C 140 12.42 -26.21 -36.40
N GLN C 141 11.32 -26.94 -36.51
CA GLN C 141 10.13 -26.46 -37.21
C GLN C 141 9.26 -25.66 -36.25
N VAL C 142 8.73 -24.53 -36.74
CA VAL C 142 7.86 -23.68 -35.95
C VAL C 142 6.91 -22.97 -36.89
N PHE C 143 5.65 -22.80 -36.45
CA PHE C 143 4.68 -22.06 -37.24
C PHE C 143 3.57 -21.54 -36.33
N THR C 144 2.82 -20.58 -36.85
CA THR C 144 1.64 -20.06 -36.17
C THR C 144 0.40 -20.44 -36.94
N ASP C 145 -0.71 -20.55 -36.23
CA ASP C 145 -2.02 -20.73 -36.86
C ASP C 145 -2.69 -19.37 -36.83
N SER C 146 -2.75 -18.72 -37.99
CA SER C 146 -3.42 -17.44 -38.14
C SER C 146 -4.92 -17.57 -38.31
N ASP C 147 -5.39 -18.59 -39.00
CA ASP C 147 -6.81 -18.78 -39.26
C ASP C 147 -7.50 -19.63 -38.22
N TYR C 148 -6.80 -20.00 -37.15
CA TYR C 148 -7.40 -20.65 -35.98
C TYR C 148 -7.97 -22.02 -36.35
N GLN C 149 -7.31 -22.71 -37.27
CA GLN C 149 -7.80 -23.99 -37.76
C GLN C 149 -7.56 -25.14 -36.78
N LEU C 150 -6.37 -25.25 -36.23
CA LEU C 150 -6.06 -26.25 -35.22
C LEU C 150 -6.80 -25.96 -33.92
N PRO C 151 -7.00 -26.98 -33.08
CA PRO C 151 -7.67 -26.78 -31.80
C PRO C 151 -6.89 -25.83 -30.91
N TYR C 152 -7.59 -24.85 -30.33
CA TYR C 152 -6.96 -23.83 -29.50
C TYR C 152 -7.09 -24.28 -28.05
N VAL C 153 -5.96 -24.70 -27.46
CA VAL C 153 -5.94 -25.27 -26.12
C VAL C 153 -5.49 -24.28 -25.06
N LEU C 154 -5.15 -23.04 -25.45
CA LEU C 154 -4.51 -22.14 -24.51
C LEU C 154 -5.45 -21.60 -23.45
N GLY C 155 -6.70 -21.30 -23.79
CA GLY C 155 -7.59 -20.60 -22.89
C GLY C 155 -8.13 -21.38 -21.71
N SER C 156 -7.69 -22.63 -21.53
CA SER C 156 -8.17 -23.48 -20.45
C SER C 156 -7.27 -23.44 -19.21
N ALA C 157 -6.28 -22.55 -19.18
CA ALA C 157 -5.46 -22.30 -17.98
C ALA C 157 -4.60 -23.50 -17.60
N HIS C 158 -3.98 -24.11 -18.60
CA HIS C 158 -3.05 -25.21 -18.38
C HIS C 158 -1.69 -24.68 -17.94
N GLU C 159 -0.92 -25.56 -17.29
CA GLU C 159 0.44 -25.23 -16.93
C GLU C 159 1.32 -25.25 -18.19
N GLY C 160 2.59 -24.92 -18.04
CA GLY C 160 3.47 -24.78 -19.18
C GLY C 160 3.80 -23.36 -19.54
N CYS C 161 3.35 -22.39 -18.74
CA CYS C 161 3.59 -20.99 -18.98
C CYS C 161 5.07 -20.66 -18.84
N LEU C 162 5.47 -19.53 -19.41
CA LEU C 162 6.80 -19.00 -19.19
C LEU C 162 7.01 -18.79 -17.68
N PRO C 163 8.23 -18.98 -17.17
CA PRO C 163 8.42 -18.92 -15.73
C PRO C 163 8.42 -17.49 -15.24
N PRO C 164 7.82 -17.23 -14.08
CA PRO C 164 7.70 -15.83 -13.62
C PRO C 164 9.03 -15.20 -13.29
N PHE C 165 10.02 -15.98 -12.95
CA PHE C 165 11.30 -15.40 -12.60
C PHE C 165 12.26 -15.54 -13.76
N PRO C 166 12.82 -14.42 -14.25
CA PRO C 166 13.53 -14.45 -15.53
C PRO C 166 14.67 -15.45 -15.61
N ALA C 167 15.26 -15.86 -14.50
CA ALA C 167 16.38 -16.77 -14.55
C ALA C 167 15.98 -18.21 -14.82
N ASP C 168 14.71 -18.55 -14.67
CA ASP C 168 14.27 -19.93 -14.84
C ASP C 168 14.22 -20.32 -16.31
N VAL C 169 14.25 -21.63 -16.55
CA VAL C 169 14.28 -22.20 -17.89
C VAL C 169 13.06 -23.11 -18.06
N PHE C 170 12.18 -22.79 -19.00
CA PHE C 170 10.91 -23.47 -19.07
C PHE C 170 10.88 -24.50 -20.20
N MET C 171 10.73 -25.75 -19.81
CA MET C 171 10.50 -26.85 -20.73
C MET C 171 9.19 -26.65 -21.47
N ILE C 172 9.25 -26.68 -22.79
CA ILE C 172 8.05 -26.47 -23.60
C ILE C 172 7.09 -27.64 -23.38
N PRO C 173 5.82 -27.38 -23.09
CA PRO C 173 4.87 -28.47 -22.89
C PRO C 173 4.38 -29.05 -24.23
N GLN C 174 4.04 -30.34 -24.17
CA GLN C 174 3.57 -31.03 -25.35
C GLN C 174 2.19 -30.52 -25.76
N TYR C 175 1.97 -30.47 -27.08
CA TYR C 175 0.65 -30.21 -27.62
C TYR C 175 -0.13 -31.51 -27.78
N GLY C 176 -1.43 -31.45 -27.52
CA GLY C 176 -2.36 -32.54 -27.73
C GLY C 176 -3.76 -31.97 -27.66
N TYR C 177 -4.71 -32.70 -28.24
CA TYR C 177 -6.06 -32.14 -28.37
C TYR C 177 -7.09 -33.22 -28.17
N LEU C 178 -8.34 -32.78 -27.99
CA LEU C 178 -9.48 -33.67 -27.84
C LEU C 178 -10.58 -33.27 -28.82
N THR C 179 -11.44 -34.21 -29.14
CA THR C 179 -12.47 -34.03 -30.17
C THR C 179 -13.73 -34.79 -29.78
N LEU C 180 -14.66 -34.96 -30.70
CA LEU C 180 -15.89 -35.67 -30.38
C LEU C 180 -15.62 -37.08 -29.92
N ASN C 181 -16.51 -37.60 -29.09
CA ASN C 181 -16.38 -38.94 -28.54
C ASN C 181 -17.74 -39.45 -28.09
N ASP C 182 -17.82 -40.78 -27.98
CA ASP C 182 -18.94 -41.44 -27.31
C ASP C 182 -18.34 -42.49 -26.39
N GLY C 183 -18.51 -42.30 -25.08
CA GLY C 183 -17.73 -43.08 -24.15
C GLY C 183 -16.25 -42.83 -24.41
N SER C 184 -15.49 -43.91 -24.52
CA SER C 184 -14.08 -43.81 -24.90
C SER C 184 -13.86 -43.94 -26.41
N GLN C 185 -14.88 -44.34 -27.16
CA GLN C 185 -14.76 -44.49 -28.59
C GLN C 185 -14.92 -43.16 -29.32
N ALA C 186 -14.35 -43.08 -30.52
CA ALA C 186 -14.54 -41.97 -31.42
C ALA C 186 -15.89 -42.09 -32.13
N VAL C 187 -16.20 -41.10 -32.94
CA VAL C 187 -17.43 -41.10 -33.74
C VAL C 187 -17.11 -40.55 -35.13
N GLY C 188 -18.08 -40.70 -36.03
CA GLY C 188 -17.89 -40.36 -37.42
C GLY C 188 -17.43 -38.93 -37.67
N ARG C 189 -17.94 -37.97 -36.90
CA ARG C 189 -17.58 -36.58 -37.12
C ARG C 189 -16.21 -36.22 -36.55
N SER C 190 -15.68 -37.02 -35.63
CA SER C 190 -14.44 -36.67 -34.95
C SER C 190 -13.32 -36.44 -35.96
N SER C 191 -12.44 -35.50 -35.62
CA SER C 191 -11.48 -34.96 -36.56
C SER C 191 -10.07 -35.27 -36.13
N PHE C 192 -9.17 -35.39 -37.10
CA PHE C 192 -7.77 -35.67 -36.88
C PHE C 192 -6.95 -34.56 -37.51
N TYR C 193 -5.98 -34.04 -36.77
CA TYR C 193 -5.14 -32.96 -37.26
C TYR C 193 -3.67 -33.30 -37.12
N PRO C 199 2.57 -26.54 -43.15
CA PRO C 199 3.67 -25.67 -43.56
C PRO C 199 4.32 -24.96 -42.37
N SER C 200 5.63 -25.12 -42.22
CA SER C 200 6.35 -24.51 -41.11
C SER C 200 7.75 -24.09 -41.55
N GLN C 201 8.15 -22.92 -41.08
CA GLN C 201 9.49 -22.42 -41.28
C GLN C 201 10.50 -23.28 -40.54
N MET C 202 11.57 -23.65 -41.23
CA MET C 202 12.58 -24.56 -40.68
C MET C 202 13.85 -23.79 -40.34
N LEU C 203 14.53 -24.25 -39.30
CA LEU C 203 15.67 -23.52 -38.74
C LEU C 203 16.93 -24.36 -38.74
N THR C 205 20.98 -23.38 -37.56
CA THR C 205 20.95 -22.99 -36.16
C THR C 205 21.18 -21.49 -36.01
N GLY C 206 21.63 -20.85 -37.09
CA GLY C 206 21.78 -19.40 -37.10
C GLY C 206 20.54 -18.64 -37.50
N ASN C 207 19.45 -19.35 -37.72
CA ASN C 207 18.15 -18.81 -38.08
C ASN C 207 17.39 -18.29 -36.87
N ASN C 208 16.41 -17.43 -37.13
CA ASN C 208 15.47 -16.98 -36.11
C ASN C 208 14.05 -16.98 -36.67
N PHE C 209 13.08 -16.83 -35.77
CA PHE C 209 11.66 -16.84 -36.11
C PHE C 209 10.97 -15.71 -35.39
N GLN C 210 10.16 -14.95 -36.11
CA GLN C 210 9.40 -13.90 -35.45
C GLN C 210 8.09 -13.66 -36.17
N PHE C 211 7.14 -13.08 -35.46
CA PHE C 211 5.92 -12.59 -36.05
C PHE C 211 5.35 -11.51 -35.16
N SER C 212 4.46 -10.71 -35.73
CA SER C 212 3.71 -9.73 -34.97
C SER C 212 2.24 -10.10 -34.98
N TYR C 213 1.57 -9.81 -33.88
CA TYR C 213 0.14 -10.13 -33.70
C TYR C 213 -0.61 -8.87 -33.22
N GLU C 214 -1.86 -8.71 -33.67
CA GLU C 214 -2.68 -7.55 -33.35
C GLU C 214 -3.88 -8.01 -32.53
N PHE C 215 -4.01 -7.48 -31.31
CA PHE C 215 -5.20 -7.74 -30.52
C PHE C 215 -6.40 -7.01 -31.11
N GLU C 216 -7.51 -7.72 -31.27
CA GLU C 216 -8.73 -7.07 -31.69
C GLU C 216 -9.26 -6.21 -30.54
N ASN C 217 -10.16 -5.28 -30.90
CA ASN C 217 -10.69 -4.37 -29.90
C ASN C 217 -11.43 -5.15 -28.81
N VAL C 218 -11.03 -4.91 -27.56
CA VAL C 218 -11.69 -5.50 -26.40
C VAL C 218 -11.89 -4.38 -25.38
N PRO C 219 -12.90 -4.50 -24.53
CA PRO C 219 -13.09 -3.48 -23.49
C PRO C 219 -12.01 -3.55 -22.44
N PHE C 220 -11.79 -2.43 -21.76
CA PHE C 220 -10.85 -2.44 -20.65
C PHE C 220 -11.33 -3.41 -19.58
N HIS C 221 -10.42 -4.23 -19.08
CA HIS C 221 -10.74 -5.13 -17.99
C HIS C 221 -10.78 -4.22 -16.77
N SER C 222 -11.93 -4.12 -16.13
CA SER C 222 -12.08 -3.22 -14.99
C SER C 222 -11.19 -3.56 -13.81
N SER C 223 -10.57 -2.54 -13.23
CA SER C 223 -9.72 -2.74 -12.08
C SER C 223 -10.06 -1.69 -11.04
N TYR C 224 -11.27 -1.79 -10.49
CA TYR C 224 -11.71 -0.83 -9.49
C TYR C 224 -12.86 -1.42 -8.68
N ALA C 225 -13.13 -0.83 -7.52
CA ALA C 225 -14.22 -1.25 -6.68
C ALA C 225 -15.18 -0.09 -6.57
N HIS C 226 -16.47 -0.33 -6.78
CA HIS C 226 -17.42 0.76 -6.68
C HIS C 226 -17.62 1.20 -5.24
N SER C 227 -17.59 2.51 -5.02
CA SER C 227 -17.79 3.06 -3.69
C SER C 227 -19.20 2.80 -3.20
N GLN C 228 -20.16 2.89 -4.12
CA GLN C 228 -21.55 2.68 -3.80
C GLN C 228 -22.09 1.34 -4.22
N SER C 229 -23.02 0.82 -3.42
CA SER C 229 -23.71 -0.42 -3.69
C SER C 229 -25.00 -0.10 -4.44
N LEU C 230 -25.37 -1.01 -5.34
CA LEU C 230 -26.45 -0.75 -6.28
C LEU C 230 -27.71 -0.23 -5.59
N ASP C 231 -28.03 -0.74 -4.41
CA ASP C 231 -29.24 -0.31 -3.74
C ASP C 231 -29.06 0.95 -2.88
N ARG C 232 -27.84 1.45 -2.75
CA ARG C 232 -27.58 2.68 -2.02
C ARG C 232 -27.39 3.92 -2.89
N LEU C 233 -27.65 3.82 -4.20
CA LEU C 233 -27.46 4.93 -5.14
C LEU C 233 -28.25 6.20 -4.77
N MET C 234 -29.28 6.09 -3.94
CA MET C 234 -30.26 7.14 -3.72
C MET C 234 -29.65 8.37 -3.03
N ASN C 235 -30.38 9.48 -3.12
CA ASN C 235 -30.13 10.63 -2.28
C ASN C 235 -30.78 10.41 -0.92
N PRO C 236 -30.00 10.24 0.15
CA PRO C 236 -30.61 9.95 1.45
C PRO C 236 -31.43 11.08 2.02
N LEU C 237 -31.27 12.30 1.53
CA LEU C 237 -31.88 13.46 2.18
C LEU C 237 -33.28 13.79 1.69
N ILE C 238 -33.73 13.20 0.57
CA ILE C 238 -34.96 13.64 -0.06
C ILE C 238 -35.90 12.45 -0.19
N ASP C 239 -37.20 12.74 -0.13
CA ASP C 239 -38.22 11.73 -0.33
C ASP C 239 -38.33 11.39 -1.82
N GLN C 240 -38.76 10.16 -2.09
CA GLN C 240 -39.28 9.83 -3.41
C GLN C 240 -40.72 10.30 -3.55
N TYR C 241 -41.18 10.44 -4.78
CA TYR C 241 -42.59 10.70 -5.05
C TYR C 241 -43.37 9.43 -5.35
N LEU C 242 -42.70 8.28 -5.40
CA LEU C 242 -43.37 6.99 -5.54
C LEU C 242 -43.92 6.51 -4.19
N TYR C 243 -44.87 5.60 -4.26
CA TYR C 243 -45.49 5.03 -3.06
C TYR C 243 -45.30 3.53 -3.00
N TYR C 244 -45.33 3.01 -1.78
CA TYR C 244 -45.31 1.58 -1.52
C TYR C 244 -46.43 1.28 -0.54
N LEU C 245 -46.84 0.03 -0.49
CA LEU C 245 -47.98 -0.37 0.31
C LEU C 245 -47.48 -0.82 1.69
N SER C 246 -47.74 0.00 2.71
CA SER C 246 -47.26 -0.29 4.05
C SER C 246 -48.14 -1.26 4.83
N LYS C 247 -49.46 -1.09 4.80
CA LYS C 247 -50.35 -1.91 5.61
C LYS C 247 -51.34 -2.65 4.72
N THR C 248 -51.40 -3.97 4.85
CA THR C 248 -52.44 -4.76 4.22
C THR C 248 -53.57 -5.16 5.16
N ILE C 249 -53.52 -4.80 6.44
CA ILE C 249 -54.64 -4.98 7.36
C ILE C 249 -54.71 -3.81 8.34
N ASN C 250 -55.91 -3.61 8.90
CA ASN C 250 -56.12 -2.51 9.84
C ASN C 250 -55.57 -2.82 11.22
N GLY C 251 -55.72 -4.06 11.69
CA GLY C 251 -55.33 -4.39 13.04
C GLY C 251 -55.56 -5.86 13.31
N SER C 252 -55.65 -6.18 14.60
CA SER C 252 -55.88 -7.54 15.03
C SER C 252 -57.36 -7.80 15.23
N GLY C 253 -57.87 -8.82 14.57
CA GLY C 253 -59.27 -9.17 14.63
C GLY C 253 -59.71 -9.81 13.33
N GLN C 254 -61.02 -9.77 13.10
CA GLN C 254 -61.62 -10.29 11.88
C GLN C 254 -61.96 -9.14 10.93
N ASN C 255 -61.85 -9.42 9.62
CA ASN C 255 -62.27 -8.48 8.59
C ASN C 255 -61.52 -7.17 8.68
N GLN C 256 -60.21 -7.25 8.82
CA GLN C 256 -59.36 -6.09 9.02
C GLN C 256 -58.67 -5.61 7.75
N GLN C 257 -58.93 -6.24 6.60
CA GLN C 257 -58.19 -5.93 5.39
C GLN C 257 -58.30 -4.46 5.03
N THR C 258 -57.18 -3.86 4.69
CA THR C 258 -57.14 -2.46 4.29
C THR C 258 -55.92 -2.23 3.40
N LEU C 259 -55.93 -1.08 2.73
CA LEU C 259 -54.81 -0.63 1.91
C LEU C 259 -54.29 0.68 2.46
N LYS C 260 -53.07 0.66 2.99
CA LYS C 260 -52.41 1.87 3.45
C LYS C 260 -51.06 2.00 2.77
N PHE C 261 -50.78 3.18 2.25
CA PHE C 261 -49.60 3.44 1.43
C PHE C 261 -48.67 4.40 2.13
N SER C 262 -47.38 4.31 1.82
CA SER C 262 -46.38 5.16 2.44
C SER C 262 -45.40 5.63 1.36
N VAL C 263 -44.97 6.88 1.52
CA VAL C 263 -43.97 7.45 0.61
C VAL C 263 -42.66 6.71 0.81
N ALA C 264 -42.07 6.26 -0.29
CA ALA C 264 -40.73 5.69 -0.20
C ALA C 264 -39.74 6.80 0.10
N GLY C 265 -38.99 6.66 1.18
CA GLY C 265 -38.20 7.76 1.70
C GLY C 265 -36.99 7.32 2.49
N PRO C 266 -36.29 8.28 3.10
CA PRO C 266 -35.00 7.98 3.72
C PRO C 266 -35.07 6.96 4.84
N SER C 267 -36.05 7.07 5.74
CA SER C 267 -36.14 6.15 6.85
C SER C 267 -36.22 4.70 6.38
N ASN C 268 -36.98 4.41 5.33
CA ASN C 268 -37.10 3.07 4.81
C ASN C 268 -36.52 3.04 3.40
N MET C 269 -35.31 2.52 3.25
CA MET C 269 -34.63 2.51 1.97
C MET C 269 -34.72 1.20 1.24
N ALA C 270 -35.30 0.16 1.85
CA ALA C 270 -35.34 -1.14 1.21
C ALA C 270 -36.44 -1.22 0.18
N VAL C 271 -37.46 -0.37 0.32
CA VAL C 271 -38.68 -0.43 -0.45
C VAL C 271 -38.69 0.52 -1.63
N GLN C 272 -37.66 1.36 -1.75
CA GLN C 272 -37.70 2.40 -2.77
C GLN C 272 -37.57 1.80 -4.15
N GLY C 273 -38.07 2.52 -5.14
CA GLY C 273 -37.95 2.07 -6.51
C GLY C 273 -36.55 2.25 -7.04
N ARG C 274 -36.11 1.28 -7.82
CA ARG C 274 -34.76 1.31 -8.36
C ARG C 274 -34.81 1.00 -9.85
N ASN C 275 -33.91 1.63 -10.59
CA ASN C 275 -33.84 1.49 -12.03
C ASN C 275 -33.03 0.29 -12.50
N TYR C 276 -32.25 -0.34 -11.63
CA TYR C 276 -31.37 -1.40 -12.07
C TYR C 276 -31.26 -2.45 -10.98
N ILE C 277 -30.93 -3.67 -11.38
CA ILE C 277 -30.95 -4.82 -10.48
C ILE C 277 -29.63 -5.57 -10.60
N PRO C 278 -29.23 -6.29 -9.55
CA PRO C 278 -27.95 -6.98 -9.57
C PRO C 278 -27.89 -8.11 -10.59
N GLY C 279 -26.67 -8.46 -10.96
CA GLY C 279 -26.42 -9.39 -12.05
C GLY C 279 -26.83 -10.82 -11.77
N PRO C 280 -26.60 -11.70 -12.74
CA PRO C 280 -27.09 -13.08 -12.65
C PRO C 280 -26.35 -13.88 -11.59
N SER C 281 -26.99 -14.99 -11.18
CA SER C 281 -26.47 -15.81 -10.10
C SER C 281 -26.76 -17.28 -10.35
N TYR C 282 -25.81 -18.12 -9.97
CA TYR C 282 -26.01 -19.58 -9.95
C TYR C 282 -25.37 -20.07 -8.66
N ARG C 283 -26.19 -20.36 -7.66
CA ARG C 283 -25.71 -20.69 -6.31
C ARG C 283 -24.62 -21.75 -6.08
N GLN C 284 -23.67 -21.39 -5.21
CA GLN C 284 -22.60 -22.30 -4.82
C GLN C 284 -22.73 -22.66 -3.35
N GLN C 285 -22.30 -23.85 -2.97
CA GLN C 285 -22.40 -24.30 -1.58
C GLN C 285 -21.33 -23.67 -0.70
N ARG C 286 -21.76 -22.95 0.33
CA ARG C 286 -20.80 -22.28 1.20
C ARG C 286 -19.90 -23.26 1.91
N VAL C 287 -18.61 -22.98 1.90
CA VAL C 287 -17.62 -23.82 2.53
C VAL C 287 -16.91 -23.02 3.62
N SER C 288 -16.79 -23.61 4.80
CA SER C 288 -16.19 -22.92 5.92
C SER C 288 -14.72 -23.26 6.05
N THR C 289 -13.87 -22.24 5.88
CA THR C 289 -12.42 -22.40 5.90
C THR C 289 -11.88 -22.75 7.27
N THR C 290 -12.80 -22.96 8.19
CA THR C 290 -12.46 -23.40 9.53
C THR C 290 -12.98 -24.80 9.43
N VAL C 291 -12.14 -25.79 9.70
CA VAL C 291 -12.58 -27.16 9.51
C VAL C 291 -13.78 -27.54 10.36
N THR C 292 -13.85 -27.07 11.60
CA THR C 292 -14.94 -27.39 12.52
C THR C 292 -16.33 -26.97 12.07
N GLN C 293 -16.46 -25.82 11.43
CA GLN C 293 -17.77 -25.34 10.99
C GLN C 293 -18.43 -26.27 9.97
N ASN C 294 -17.62 -26.87 9.09
CA ASN C 294 -18.10 -27.80 8.05
C ASN C 294 -18.83 -29.06 8.53
N ASN C 295 -19.50 -29.71 7.59
CA ASN C 295 -20.23 -30.95 7.90
C ASN C 295 -19.26 -32.14 7.94
N ASN C 296 -19.49 -33.09 8.84
CA ASN C 296 -18.62 -34.26 8.97
C ASN C 296 -18.99 -35.41 8.03
N SER C 297 -18.97 -35.13 6.73
CA SER C 297 -19.26 -36.14 5.70
C SER C 297 -18.69 -35.62 4.40
N GLU C 298 -18.41 -36.49 3.44
CA GLU C 298 -17.90 -35.99 2.17
C GLU C 298 -19.02 -35.30 1.40
N PHE C 299 -18.73 -34.13 0.85
CA PHE C 299 -19.72 -33.38 0.10
C PHE C 299 -19.10 -32.67 -1.08
N ALA C 300 -17.84 -32.98 -1.41
CA ALA C 300 -17.12 -32.30 -2.48
C ALA C 300 -17.91 -32.33 -3.78
N TRP C 301 -18.07 -33.53 -4.35
CA TRP C 301 -18.86 -33.69 -5.56
C TRP C 301 -20.37 -33.68 -5.28
N PRO C 302 -20.88 -34.48 -4.34
CA PRO C 302 -22.35 -34.59 -4.22
C PRO C 302 -23.05 -33.27 -4.00
N GLY C 303 -22.44 -32.33 -3.29
CA GLY C 303 -23.08 -31.07 -2.99
C GLY C 303 -22.59 -29.91 -3.82
N ALA C 304 -22.00 -30.20 -4.98
CA ALA C 304 -21.44 -29.20 -5.86
C ALA C 304 -22.44 -28.78 -6.94
N SER C 305 -22.39 -27.51 -7.32
CA SER C 305 -23.11 -27.03 -8.48
C SER C 305 -22.50 -27.63 -9.74
N SER C 306 -23.31 -27.78 -10.78
CA SER C 306 -22.82 -28.34 -12.03
C SER C 306 -23.74 -27.93 -13.16
N TRP C 307 -23.23 -28.05 -14.39
CA TRP C 307 -24.05 -27.97 -15.59
C TRP C 307 -23.95 -29.27 -16.36
N ALA C 308 -25.05 -29.62 -17.04
CA ALA C 308 -25.18 -30.91 -17.70
C ALA C 308 -25.11 -30.75 -19.20
N LEU C 309 -24.26 -31.55 -19.83
CA LEU C 309 -24.09 -31.51 -21.27
C LEU C 309 -23.99 -32.93 -21.79
N ASN C 310 -24.95 -33.33 -22.64
CA ASN C 310 -24.93 -34.63 -23.31
C ASN C 310 -24.76 -35.77 -22.32
N GLY C 311 -25.57 -35.75 -21.26
CA GLY C 311 -25.52 -36.79 -20.24
C GLY C 311 -24.30 -36.77 -19.35
N ARG C 312 -23.31 -35.92 -19.62
CA ARG C 312 -22.14 -35.77 -18.79
C ARG C 312 -22.25 -34.50 -17.96
N ASN C 313 -22.23 -34.67 -16.64
CA ASN C 313 -22.26 -33.54 -15.72
C ASN C 313 -20.86 -32.99 -15.53
N SER C 314 -20.74 -31.66 -15.54
CA SER C 314 -19.48 -30.99 -15.31
C SER C 314 -19.65 -29.97 -14.19
N LEU C 315 -18.67 -29.95 -13.27
CA LEU C 315 -18.68 -28.95 -12.21
C LEU C 315 -18.72 -27.55 -12.80
N MET C 316 -19.45 -26.66 -12.15
CA MET C 316 -19.57 -25.29 -12.63
C MET C 316 -18.40 -24.54 -12.04
N ASN C 317 -17.41 -24.27 -12.86
CA ASN C 317 -16.16 -23.75 -12.37
C ASN C 317 -15.62 -22.77 -13.40
N PRO C 318 -15.09 -21.64 -12.95
CA PRO C 318 -15.37 -21.06 -11.63
C PRO C 318 -16.79 -20.53 -11.58
N GLY C 319 -17.41 -20.36 -12.75
CA GLY C 319 -18.78 -19.94 -12.83
C GLY C 319 -18.92 -18.45 -13.04
N PRO C 320 -20.15 -17.96 -13.10
CA PRO C 320 -20.36 -16.51 -13.23
C PRO C 320 -19.76 -15.75 -12.05
N ALA C 321 -19.48 -14.47 -12.29
CA ALA C 321 -18.85 -13.64 -11.28
C ALA C 321 -19.85 -13.37 -10.16
N MET C 322 -19.48 -13.72 -8.93
CA MET C 322 -20.26 -13.42 -7.75
C MET C 322 -19.33 -13.20 -6.57
N ALA C 323 -19.71 -12.29 -5.69
CA ALA C 323 -18.90 -12.01 -4.52
C ALA C 323 -18.76 -13.26 -3.66
N SER C 324 -17.53 -13.60 -3.30
CA SER C 324 -17.28 -14.77 -2.48
C SER C 324 -18.08 -14.75 -1.19
N HIS C 325 -17.83 -13.76 -0.34
CA HIS C 325 -18.53 -13.69 0.92
C HIS C 325 -19.06 -12.29 1.22
N LYS C 326 -20.17 -12.22 1.94
CA LYS C 326 -20.74 -10.93 2.35
C LYS C 326 -19.92 -10.34 3.49
N GLU C 327 -19.91 -9.02 3.61
CA GLU C 327 -19.17 -8.37 4.68
C GLU C 327 -19.64 -8.89 6.04
N GLY C 328 -18.69 -9.18 6.92
CA GLY C 328 -19.00 -9.74 8.21
C GLY C 328 -18.63 -11.20 8.32
N GLU C 329 -18.56 -11.91 7.20
CA GLU C 329 -17.97 -13.23 7.17
C GLU C 329 -16.94 -13.28 6.05
N ASP C 330 -15.67 -13.31 6.44
CA ASP C 330 -14.58 -13.40 5.49
C ASP C 330 -14.01 -14.80 5.38
N ARG C 331 -14.45 -15.74 6.22
CA ARG C 331 -13.76 -17.02 6.30
C ARG C 331 -14.39 -18.05 5.38
N PHE C 332 -15.60 -17.78 4.91
CA PHE C 332 -16.24 -18.70 3.97
C PHE C 332 -15.81 -18.38 2.54
N PHE C 333 -15.90 -19.40 1.69
CA PHE C 333 -15.70 -19.20 0.26
C PHE C 333 -16.69 -20.09 -0.47
N PRO C 334 -17.17 -19.67 -1.63
CA PRO C 334 -17.97 -20.55 -2.48
C PRO C 334 -17.09 -21.69 -2.98
N LEU C 335 -17.73 -22.80 -3.31
CA LEU C 335 -16.98 -24.03 -3.52
C LEU C 335 -16.15 -23.91 -4.79
N SER C 336 -16.78 -23.80 -5.95
CA SER C 336 -16.01 -23.65 -7.17
C SER C 336 -16.02 -22.21 -7.66
N GLY C 337 -16.67 -21.33 -6.92
CA GLY C 337 -16.79 -19.95 -7.36
C GLY C 337 -15.55 -19.11 -7.29
N SER C 338 -14.40 -19.70 -6.98
CA SER C 338 -13.14 -18.99 -6.95
C SER C 338 -12.11 -19.74 -7.78
N LEU C 339 -11.03 -19.03 -8.10
CA LEU C 339 -9.88 -19.68 -8.71
C LEU C 339 -8.85 -20.01 -7.65
N ILE C 340 -8.61 -21.30 -7.45
CA ILE C 340 -7.72 -21.75 -6.40
C ILE C 340 -6.39 -22.09 -7.04
N PHE C 341 -5.39 -21.24 -6.82
CA PHE C 341 -4.03 -21.46 -7.25
C PHE C 341 -3.34 -22.37 -6.23
N GLY C 342 -2.02 -22.44 -6.30
CA GLY C 342 -1.26 -23.17 -5.31
C GLY C 342 0.12 -22.56 -5.13
N LYS C 343 0.65 -22.76 -3.93
CA LYS C 343 1.94 -22.23 -3.53
C LYS C 343 3.08 -23.04 -4.13
N GLN C 344 4.26 -22.42 -4.14
CA GLN C 344 5.46 -23.12 -4.59
C GLN C 344 5.69 -24.38 -3.78
N GLY C 345 6.21 -25.41 -4.43
CA GLY C 345 6.46 -26.68 -3.78
C GLY C 345 5.22 -27.51 -3.53
N THR C 346 4.04 -27.01 -3.90
CA THR C 346 2.80 -27.74 -3.77
C THR C 346 2.45 -28.32 -5.13
N GLY C 347 1.86 -29.51 -5.13
CA GLY C 347 1.47 -30.11 -6.39
C GLY C 347 0.74 -31.41 -6.24
N ARG C 348 0.08 -31.78 -7.34
CA ARG C 348 -0.60 -33.07 -7.52
C ARG C 348 -1.71 -33.28 -6.52
N ASP C 349 -1.69 -34.37 -5.77
CA ASP C 349 -2.91 -34.89 -5.19
C ASP C 349 -2.95 -34.69 -3.68
N ASN C 350 -4.13 -34.31 -3.20
CA ASN C 350 -4.47 -34.33 -1.77
C ASN C 350 -3.45 -33.55 -0.95
N VAL C 351 -3.28 -32.29 -1.30
CA VAL C 351 -2.42 -31.39 -0.57
C VAL C 351 -3.23 -30.82 0.58
N ASP C 352 -2.55 -30.24 1.56
CA ASP C 352 -3.22 -29.65 2.70
C ASP C 352 -3.81 -28.28 2.40
N ALA C 353 -4.68 -27.80 3.28
CA ALA C 353 -5.36 -26.52 3.10
C ALA C 353 -4.43 -25.31 3.02
N ASP C 354 -3.38 -25.28 3.82
CA ASP C 354 -2.45 -24.15 3.80
C ASP C 354 -1.75 -23.99 2.46
N LYS C 355 -1.41 -25.11 1.84
CA LYS C 355 -0.70 -25.12 0.56
C LYS C 355 -1.31 -24.30 -0.58
N VAL C 356 -2.62 -24.40 -0.79
CA VAL C 356 -3.23 -23.72 -1.92
C VAL C 356 -3.67 -22.33 -1.49
N MET C 357 -3.53 -21.37 -2.40
CA MET C 357 -3.93 -20.00 -2.19
C MET C 357 -5.19 -19.69 -2.98
N ILE C 358 -6.18 -19.13 -2.31
CA ILE C 358 -7.48 -18.84 -2.91
C ILE C 358 -7.67 -17.36 -3.22
N THR C 359 -8.18 -17.07 -4.42
CA THR C 359 -8.46 -15.71 -4.86
C THR C 359 -9.69 -15.13 -4.17
N ASN C 360 -9.78 -13.80 -4.09
CA ASN C 360 -10.92 -13.16 -3.45
C ASN C 360 -11.75 -12.28 -4.40
N GLU C 361 -13.06 -12.49 -4.40
CA GLU C 361 -13.97 -11.76 -5.26
C GLU C 361 -14.87 -10.82 -4.47
N GLU C 362 -14.40 -10.40 -3.31
CA GLU C 362 -15.19 -9.54 -2.44
C GLU C 362 -15.60 -8.19 -3.02
N GLU C 363 -14.72 -7.55 -3.77
CA GLU C 363 -15.02 -6.22 -4.34
C GLU C 363 -16.27 -6.06 -5.20
N ILE C 364 -16.75 -7.13 -5.82
CA ILE C 364 -17.89 -7.06 -6.72
C ILE C 364 -19.19 -7.23 -5.94
N LYS C 365 -19.09 -7.26 -4.62
CA LYS C 365 -20.27 -7.37 -3.77
C LYS C 365 -21.25 -6.22 -3.94
N THR C 366 -20.84 -5.12 -4.60
CA THR C 366 -21.73 -3.99 -4.74
C THR C 366 -22.83 -4.25 -5.76
N THR C 367 -22.45 -4.72 -6.95
CA THR C 367 -23.41 -4.92 -8.03
C THR C 367 -23.87 -6.37 -8.17
N ASN C 368 -23.34 -7.30 -7.39
CA ASN C 368 -23.57 -8.70 -7.71
C ASN C 368 -24.10 -9.46 -6.51
N PRO C 369 -24.89 -10.51 -6.73
CA PRO C 369 -25.33 -11.35 -5.62
C PRO C 369 -24.21 -12.25 -5.12
N VAL C 370 -24.23 -12.51 -3.82
CA VAL C 370 -23.19 -13.33 -3.21
C VAL C 370 -23.29 -14.75 -3.75
N ALA C 371 -22.14 -15.40 -3.93
CA ALA C 371 -22.09 -16.68 -4.61
C ALA C 371 -22.88 -17.76 -3.89
N THR C 372 -22.81 -17.76 -2.57
CA THR C 372 -23.48 -18.80 -1.78
C THR C 372 -24.75 -18.30 -1.14
N GLU C 373 -25.45 -17.41 -1.84
CA GLU C 373 -26.70 -16.88 -1.32
C GLU C 373 -27.72 -16.86 -2.46
N SER C 374 -29.01 -16.92 -2.12
CA SER C 374 -30.06 -16.92 -3.13
C SER C 374 -30.15 -15.60 -3.83
N TYR C 375 -30.59 -15.61 -5.08
CA TYR C 375 -30.77 -14.34 -5.76
C TYR C 375 -31.79 -13.48 -5.05
N GLY C 376 -32.91 -14.05 -4.65
CA GLY C 376 -34.01 -13.27 -4.13
C GLY C 376 -35.23 -14.15 -3.93
N GLN C 377 -36.40 -13.53 -3.98
CA GLN C 377 -37.66 -14.22 -3.77
C GLN C 377 -38.69 -13.80 -4.81
N VAL C 378 -39.51 -14.77 -5.22
CA VAL C 378 -40.69 -14.53 -6.03
C VAL C 378 -41.88 -15.10 -5.29
N ALA C 379 -43.07 -14.70 -5.72
CA ALA C 379 -44.30 -15.29 -5.20
C ALA C 379 -44.61 -16.57 -5.97
N THR C 380 -45.06 -17.59 -5.24
CA THR C 380 -45.43 -18.86 -5.84
C THR C 380 -46.93 -19.07 -6.01
N ASN C 381 -47.78 -18.13 -5.60
CA ASN C 381 -49.22 -18.36 -5.69
C ASN C 381 -49.95 -17.03 -5.76
N HIS C 382 -51.27 -17.10 -5.88
CA HIS C 382 -52.15 -15.95 -5.77
C HIS C 382 -52.70 -15.91 -4.35
N GLN C 383 -52.63 -14.75 -3.71
CA GLN C 383 -53.33 -14.66 -2.44
C GLN C 383 -54.84 -14.65 -2.70
N SER C 384 -55.53 -15.51 -1.98
CA SER C 384 -56.98 -15.46 -1.92
C SER C 384 -57.32 -14.82 -0.58
N ALA C 385 -58.62 -14.70 -0.30
CA ALA C 385 -59.03 -14.40 1.07
C ALA C 385 -58.92 -15.64 1.93
N GLN C 386 -58.79 -16.80 1.30
CA GLN C 386 -58.68 -18.09 1.97
C GLN C 386 -57.25 -18.63 2.06
N ALA C 387 -56.26 -17.94 1.51
CA ALA C 387 -54.89 -18.47 1.46
C ALA C 387 -53.87 -17.35 1.61
N GLN C 388 -52.86 -17.59 2.44
CA GLN C 388 -51.78 -16.63 2.60
C GLN C 388 -50.80 -16.69 1.43
N ALA C 389 -50.09 -15.59 1.24
CA ALA C 389 -49.11 -15.50 0.16
C ALA C 389 -47.98 -16.49 0.38
N GLN C 390 -47.43 -16.98 -0.72
CA GLN C 390 -46.33 -17.94 -0.66
C GLN C 390 -45.17 -17.45 -1.50
N THR C 391 -43.97 -17.61 -0.96
CA THR C 391 -42.74 -17.12 -1.56
C THR C 391 -41.83 -18.30 -1.83
N GLY C 392 -40.82 -18.09 -2.66
CA GLY C 392 -39.85 -19.12 -2.92
C GLY C 392 -38.51 -18.51 -3.23
N TRP C 393 -37.46 -19.27 -2.94
CA TRP C 393 -36.11 -18.76 -3.07
C TRP C 393 -35.59 -19.07 -4.46
N VAL C 394 -35.40 -18.02 -5.25
CA VAL C 394 -34.71 -18.15 -6.52
C VAL C 394 -33.31 -18.65 -6.20
N GLN C 395 -32.95 -19.83 -6.70
CA GLN C 395 -31.57 -20.25 -6.56
C GLN C 395 -30.71 -19.67 -7.66
N ASN C 396 -31.19 -19.67 -8.89
CA ASN C 396 -30.46 -19.16 -10.03
C ASN C 396 -31.37 -18.30 -10.88
N GLN C 397 -30.82 -17.25 -11.46
CA GLN C 397 -31.59 -16.37 -12.34
C GLN C 397 -30.76 -16.05 -13.56
N GLY C 398 -31.33 -16.26 -14.74
CA GLY C 398 -30.73 -15.78 -15.96
C GLY C 398 -30.94 -14.30 -16.10
N ILE C 399 -30.47 -13.76 -17.22
CA ILE C 399 -30.49 -12.32 -17.43
C ILE C 399 -31.92 -11.81 -17.41
N LEU C 400 -32.10 -10.61 -16.84
CA LEU C 400 -33.31 -9.83 -16.91
C LEU C 400 -32.95 -8.41 -17.32
N PRO C 401 -33.86 -7.67 -17.97
CA PRO C 401 -33.55 -6.29 -18.32
C PRO C 401 -33.27 -5.47 -17.07
N GLY C 402 -32.15 -4.77 -17.07
CA GLY C 402 -31.71 -4.04 -15.89
C GLY C 402 -30.55 -4.65 -15.14
N MET C 403 -30.22 -5.92 -15.37
CA MET C 403 -29.11 -6.52 -14.67
C MET C 403 -27.78 -5.96 -15.14
N VAL C 404 -26.97 -5.56 -14.17
CA VAL C 404 -25.62 -5.07 -14.40
C VAL C 404 -24.66 -5.90 -13.55
N TRP C 405 -23.41 -6.00 -13.98
CA TRP C 405 -22.48 -6.83 -13.22
C TRP C 405 -21.04 -6.44 -13.51
N GLN C 406 -20.17 -6.90 -12.62
CA GLN C 406 -18.73 -6.92 -12.81
C GLN C 406 -18.29 -8.31 -13.18
N ASP C 407 -17.25 -8.41 -14.02
CA ASP C 407 -16.75 -9.71 -14.40
C ASP C 407 -15.65 -10.16 -13.43
N ARG C 408 -15.14 -11.36 -13.63
CA ARG C 408 -14.25 -11.96 -12.66
C ARG C 408 -12.84 -11.38 -12.78
N ASP C 409 -12.33 -10.90 -11.65
CA ASP C 409 -11.06 -10.21 -11.55
C ASP C 409 -9.93 -11.10 -12.07
N VAL C 410 -8.88 -10.47 -12.58
CA VAL C 410 -7.72 -11.20 -13.08
C VAL C 410 -6.61 -11.07 -12.05
N TYR C 411 -5.77 -12.08 -11.99
CA TYR C 411 -4.72 -12.15 -11.00
C TYR C 411 -3.38 -12.24 -11.70
N LEU C 412 -2.34 -11.74 -11.01
CA LEU C 412 -0.99 -11.81 -11.55
C LEU C 412 -0.65 -13.22 -11.98
N GLN C 413 -1.11 -14.21 -11.23
CA GLN C 413 -0.88 -15.60 -11.60
C GLN C 413 -1.92 -16.12 -12.57
N GLY C 414 -2.92 -15.32 -12.93
CA GLY C 414 -4.05 -15.79 -13.69
C GLY C 414 -3.87 -15.67 -15.19
N PRO C 415 -4.83 -16.19 -15.95
CA PRO C 415 -4.74 -16.11 -17.42
C PRO C 415 -5.07 -14.71 -17.90
N ILE C 416 -4.71 -14.45 -19.16
CA ILE C 416 -4.92 -13.14 -19.77
C ILE C 416 -6.14 -13.17 -20.69
N TRP C 417 -6.08 -13.98 -21.74
CA TRP C 417 -7.15 -14.00 -22.74
C TRP C 417 -7.74 -15.40 -22.84
N ALA C 418 -8.89 -15.47 -23.50
CA ALA C 418 -9.51 -16.73 -23.87
C ALA C 418 -10.07 -16.59 -25.28
N LYS C 419 -10.42 -17.72 -25.89
CA LYS C 419 -10.91 -17.73 -27.25
C LYS C 419 -12.42 -17.94 -27.26
N ILE C 420 -13.14 -16.91 -27.68
CA ILE C 420 -14.59 -17.02 -27.86
C ILE C 420 -14.89 -18.14 -28.84
N PRO C 421 -15.71 -19.13 -28.48
CA PRO C 421 -16.05 -20.16 -29.46
C PRO C 421 -16.78 -19.55 -30.65
N HIS C 422 -16.74 -20.26 -31.77
CA HIS C 422 -17.47 -19.84 -32.95
C HIS C 422 -18.83 -20.51 -32.92
N THR C 423 -19.88 -19.74 -32.67
CA THR C 423 -21.23 -20.27 -32.55
C THR C 423 -22.19 -19.28 -33.18
N ASP C 424 -23.47 -19.61 -33.11
CA ASP C 424 -24.48 -18.74 -33.69
C ASP C 424 -24.61 -17.45 -32.89
N GLY C 425 -24.69 -17.57 -31.56
CA GLY C 425 -24.76 -16.39 -30.73
C GLY C 425 -24.17 -16.65 -29.37
N ASN C 426 -23.69 -15.57 -28.76
CA ASN C 426 -23.07 -15.59 -27.45
C ASN C 426 -23.60 -14.42 -26.65
N PHE C 427 -23.36 -14.45 -25.35
CA PHE C 427 -23.75 -13.33 -24.50
C PHE C 427 -22.60 -12.97 -23.59
N HIS C 428 -22.14 -11.73 -23.68
CA HIS C 428 -21.10 -11.18 -22.84
C HIS C 428 -19.90 -12.12 -22.87
N PRO C 429 -19.21 -12.20 -24.00
CA PRO C 429 -18.24 -13.28 -24.23
C PRO C 429 -17.08 -13.34 -23.23
N SER C 430 -16.94 -12.34 -22.37
CA SER C 430 -15.85 -12.30 -21.40
C SER C 430 -15.73 -13.65 -20.68
N PRO C 431 -14.53 -14.21 -20.57
CA PRO C 431 -14.39 -15.58 -20.06
C PRO C 431 -14.63 -15.68 -18.56
N LEU C 432 -15.12 -16.85 -18.16
CA LEU C 432 -15.58 -17.03 -16.80
C LEU C 432 -14.44 -17.17 -15.79
N MET C 433 -13.23 -17.52 -16.23
CA MET C 433 -12.11 -17.42 -15.31
C MET C 433 -11.57 -16.00 -15.21
N GLY C 434 -12.00 -15.10 -16.06
CA GLY C 434 -11.48 -13.75 -16.09
C GLY C 434 -10.51 -13.54 -17.24
N GLY C 435 -10.31 -12.27 -17.57
CA GLY C 435 -9.51 -11.90 -18.73
C GLY C 435 -10.34 -11.39 -19.88
N PHE C 436 -9.68 -11.29 -21.04
CA PHE C 436 -10.25 -10.67 -22.23
C PHE C 436 -10.71 -11.74 -23.20
N GLY C 437 -12.02 -11.79 -23.44
CA GLY C 437 -12.55 -12.68 -24.47
C GLY C 437 -12.28 -12.11 -25.86
N MET C 438 -11.81 -12.98 -26.75
CA MET C 438 -11.50 -12.58 -28.12
C MET C 438 -11.92 -13.67 -29.09
N LYS C 439 -12.68 -13.30 -30.12
CA LYS C 439 -12.95 -14.22 -31.22
C LYS C 439 -11.71 -14.57 -32.00
N HIS C 440 -10.71 -13.69 -32.01
CA HIS C 440 -9.43 -13.91 -32.68
C HIS C 440 -8.32 -13.63 -31.69
N PRO C 441 -8.10 -14.52 -30.73
CA PRO C 441 -7.09 -14.27 -29.69
C PRO C 441 -5.70 -14.55 -30.22
N PRO C 442 -4.65 -14.30 -29.44
CA PRO C 442 -3.29 -14.54 -29.91
C PRO C 442 -3.17 -15.95 -30.45
N PRO C 443 -2.56 -16.11 -31.63
CA PRO C 443 -2.52 -17.42 -32.26
C PRO C 443 -1.59 -18.34 -31.50
N GLN C 444 -1.76 -19.64 -31.74
CA GLN C 444 -0.83 -20.59 -31.17
C GLN C 444 0.46 -20.58 -31.96
N ILE C 445 1.55 -20.90 -31.27
CA ILE C 445 2.85 -21.07 -31.89
C ILE C 445 3.22 -22.52 -31.70
N LEU C 446 3.18 -23.30 -32.77
CA LEU C 446 3.49 -24.71 -32.71
C LEU C 446 4.97 -24.90 -33.03
N ILE C 447 5.60 -25.87 -32.38
CA ILE C 447 7.02 -26.09 -32.55
C ILE C 447 7.33 -27.57 -32.34
N LYS C 448 8.26 -28.10 -33.13
CA LYS C 448 8.76 -29.45 -32.92
C LYS C 448 10.15 -29.56 -33.53
N ASN C 449 10.86 -30.62 -33.14
CA ASN C 449 12.16 -30.91 -33.71
C ASN C 449 11.98 -31.75 -34.97
N THR C 450 12.77 -31.46 -36.00
CA THR C 450 12.73 -32.26 -37.21
C THR C 450 13.53 -33.54 -37.01
N PRO C 451 12.93 -34.72 -37.18
CA PRO C 451 13.62 -35.99 -36.88
C PRO C 451 14.68 -36.38 -37.90
N PHE C 468 15.73 -43.36 -34.78
CA PHE C 468 16.14 -41.97 -34.87
C PHE C 468 17.33 -41.67 -33.95
N ILE C 469 17.85 -40.45 -34.05
CA ILE C 469 18.91 -40.01 -33.15
C ILE C 469 18.27 -39.29 -31.95
N THR C 470 18.80 -39.53 -30.76
CA THR C 470 18.34 -38.82 -29.58
C THR C 470 18.74 -37.35 -29.70
N GLN C 471 17.77 -36.46 -29.60
CA GLN C 471 17.96 -35.08 -30.01
C GLN C 471 17.05 -34.18 -29.19
N TYR C 472 17.54 -32.99 -28.84
CA TYR C 472 16.69 -31.99 -28.21
C TYR C 472 17.22 -30.60 -28.56
N SER C 473 16.33 -29.61 -28.48
CA SER C 473 16.66 -28.25 -28.88
C SER C 473 16.43 -27.28 -27.73
N THR C 474 17.44 -26.44 -27.48
CA THR C 474 17.34 -25.33 -26.55
C THR C 474 17.43 -24.04 -27.33
N GLY C 475 16.86 -22.98 -26.76
CA GLY C 475 16.70 -21.75 -27.51
C GLY C 475 16.38 -20.58 -26.61
N GLN C 476 15.92 -19.50 -27.23
CA GLN C 476 15.54 -18.29 -26.52
C GLN C 476 14.19 -17.82 -27.03
N VAL C 477 13.45 -17.09 -26.21
CA VAL C 477 12.19 -16.48 -26.60
C VAL C 477 12.09 -15.11 -25.98
N SER C 478 11.71 -14.12 -26.78
CA SER C 478 11.39 -12.79 -26.28
C SER C 478 10.03 -12.37 -26.81
N VAL C 479 9.06 -12.25 -25.92
CA VAL C 479 7.69 -11.92 -26.27
C VAL C 479 7.36 -10.53 -25.73
N GLU C 480 6.68 -9.73 -26.53
CA GLU C 480 6.43 -8.32 -26.20
C GLU C 480 4.97 -7.99 -26.43
N ILE C 481 4.28 -7.60 -25.36
CA ILE C 481 2.88 -7.21 -25.40
C ILE C 481 2.81 -5.73 -25.06
N GLU C 482 1.88 -5.02 -25.70
CA GLU C 482 1.67 -3.60 -25.44
C GLU C 482 0.27 -3.40 -24.88
N TRP C 483 0.14 -2.60 -23.84
CA TRP C 483 -1.09 -2.46 -23.09
C TRP C 483 -1.53 -1.01 -23.12
N GLU C 484 -2.83 -0.77 -23.20
CA GLU C 484 -3.38 0.58 -23.12
C GLU C 484 -3.90 0.84 -21.71
N LEU C 485 -3.61 2.02 -21.18
CA LEU C 485 -3.97 2.35 -19.81
C LEU C 485 -5.11 3.34 -19.75
N GLN C 486 -6.00 3.16 -18.78
CA GLN C 486 -7.10 4.07 -18.52
C GLN C 486 -6.84 4.75 -17.19
N LYS C 487 -6.54 6.04 -17.23
CA LYS C 487 -6.04 6.75 -16.06
C LYS C 487 -7.13 7.02 -15.04
N GLU C 488 -6.69 7.29 -13.81
CA GLU C 488 -7.58 7.50 -12.68
C GLU C 488 -7.99 8.97 -12.61
N ASN C 489 -9.27 9.25 -12.81
CA ASN C 489 -9.80 10.61 -12.86
C ASN C 489 -10.46 11.04 -11.55
N SER C 490 -10.50 10.15 -10.55
CA SER C 490 -11.38 10.32 -9.40
C SER C 490 -11.14 11.64 -8.68
N LYS C 491 -12.23 12.21 -8.17
CA LYS C 491 -12.20 13.39 -7.32
C LYS C 491 -12.27 13.05 -5.83
N ARG C 492 -12.26 11.76 -5.49
CA ARG C 492 -12.36 11.33 -4.11
C ARG C 492 -11.32 11.99 -3.23
N TRP C 493 -11.77 12.51 -2.09
CA TRP C 493 -10.92 13.31 -1.23
C TRP C 493 -9.98 12.44 -0.40
N ASN C 494 -10.50 11.42 0.28
CA ASN C 494 -9.63 10.59 1.12
C ASN C 494 -8.77 9.58 0.36
N PRO C 495 -7.59 9.26 0.91
CA PRO C 495 -6.62 8.33 0.33
C PRO C 495 -7.23 6.95 0.23
N GLU C 496 -6.92 6.22 -0.84
CA GLU C 496 -7.53 4.91 -1.06
C GLU C 496 -6.64 3.69 -0.86
N ILE C 497 -7.28 2.58 -0.53
CA ILE C 497 -6.59 1.33 -0.29
C ILE C 497 -5.86 0.89 -1.55
N GLN C 498 -4.61 0.48 -1.40
CA GLN C 498 -3.81 0.01 -2.52
C GLN C 498 -2.66 -0.87 -2.02
N TYR C 499 -2.16 -1.74 -2.88
CA TYR C 499 -1.14 -2.72 -2.51
C TYR C 499 0.15 -2.19 -1.87
N THR C 500 0.59 -2.86 -0.83
CA THR C 500 1.84 -2.52 -0.16
C THR C 500 2.47 -3.73 0.48
N SER C 501 3.80 -3.74 0.53
CA SER C 501 4.53 -4.77 1.25
C SER C 501 4.59 -4.47 2.73
N ASN C 502 4.76 -5.53 3.52
CA ASN C 502 4.82 -5.41 4.97
C ASN C 502 6.20 -4.87 5.37
N TYR C 503 6.25 -3.71 5.99
CA TYR C 503 7.54 -3.15 6.36
C TYR C 503 8.23 -3.88 7.52
N TYR C 504 7.50 -4.72 8.23
CA TYR C 504 8.07 -5.34 9.43
C TYR C 504 9.09 -6.40 9.04
N LYS C 505 10.02 -6.65 9.96
CA LYS C 505 11.10 -7.58 9.70
C LYS C 505 10.56 -8.96 9.38
N SER C 506 11.32 -9.72 8.61
CA SER C 506 10.91 -11.05 8.19
C SER C 506 12.15 -11.88 7.88
N ASN C 507 11.96 -13.20 7.80
CA ASN C 507 13.05 -14.07 7.42
C ASN C 507 13.46 -13.84 5.99
N ASN C 508 12.50 -13.53 5.13
CA ASN C 508 12.69 -13.50 3.69
C ASN C 508 11.96 -12.29 3.12
N VAL C 509 12.22 -12.04 1.84
CA VAL C 509 11.45 -11.03 1.13
C VAL C 509 10.40 -11.71 0.26
N GLU C 510 9.15 -11.28 0.41
CA GLU C 510 8.11 -11.76 -0.49
C GLU C 510 8.46 -11.40 -1.92
N PHE C 511 8.18 -12.33 -2.84
CA PHE C 511 8.57 -12.21 -4.25
C PHE C 511 10.08 -12.03 -4.38
N ALA C 512 10.82 -12.96 -3.79
CA ALA C 512 12.27 -13.04 -3.91
C ALA C 512 12.70 -14.46 -3.57
N VAL C 513 13.91 -14.82 -4.01
CA VAL C 513 14.35 -16.19 -3.90
C VAL C 513 14.83 -16.50 -2.49
N ASN C 514 14.76 -17.77 -2.10
CA ASN C 514 15.18 -18.16 -0.76
C ASN C 514 16.65 -18.56 -0.78
N THR C 515 17.11 -19.21 0.29
CA THR C 515 18.51 -19.58 0.41
C THR C 515 18.89 -20.70 -0.56
N GLU C 516 17.91 -21.49 -1.00
CA GLU C 516 18.20 -22.49 -2.03
C GLU C 516 17.98 -21.98 -3.44
N GLY C 517 17.64 -20.70 -3.60
CA GLY C 517 17.39 -20.16 -4.92
C GLY C 517 15.98 -20.31 -5.41
N VAL C 518 15.15 -21.13 -4.74
CA VAL C 518 13.78 -21.33 -5.15
C VAL C 518 13.01 -20.01 -5.06
N TYR C 519 12.23 -19.72 -6.09
CA TYR C 519 11.44 -18.50 -6.19
C TYR C 519 9.98 -18.85 -5.96
N SER C 520 9.26 -17.98 -5.25
CA SER C 520 7.87 -18.25 -4.91
C SER C 520 7.09 -16.95 -4.85
N GLU C 521 5.81 -17.03 -5.24
CA GLU C 521 4.91 -15.89 -5.19
C GLU C 521 3.99 -16.18 -4.01
N PRO C 522 4.12 -15.39 -2.94
CA PRO C 522 3.41 -15.57 -1.66
C PRO C 522 1.89 -15.47 -1.68
N ARG C 523 1.30 -14.53 -2.41
CA ARG C 523 -0.17 -14.45 -2.41
C ARG C 523 -0.77 -14.01 -3.73
N PRO C 524 -2.02 -14.43 -3.98
CA PRO C 524 -2.69 -14.04 -5.22
C PRO C 524 -2.86 -12.54 -5.18
N ILE C 525 -2.58 -11.87 -6.28
CA ILE C 525 -2.70 -10.43 -6.33
C ILE C 525 -3.75 -10.11 -7.40
N GLY C 526 -4.65 -9.18 -7.08
CA GLY C 526 -5.75 -8.85 -7.96
C GLY C 526 -5.71 -7.41 -8.43
N THR C 527 -6.28 -7.17 -9.59
CA THR C 527 -6.33 -5.84 -10.19
C THR C 527 -7.16 -4.73 -9.54
N ARG C 528 -8.32 -5.05 -8.99
CA ARG C 528 -9.19 -3.99 -8.48
C ARG C 528 -8.89 -3.44 -7.10
N TYR C 529 -8.15 -2.34 -7.06
CA TYR C 529 -7.85 -1.66 -5.82
C TYR C 529 -8.37 -0.21 -5.80
N LEU C 530 -8.50 0.39 -6.98
CA LEU C 530 -8.99 1.75 -7.10
C LEU C 530 -10.52 1.84 -7.04
N THR C 531 -11.04 3.00 -6.66
CA THR C 531 -12.49 3.14 -6.55
C THR C 531 -13.15 4.19 -7.43
N ARG C 532 -14.20 3.77 -8.14
CA ARG C 532 -15.02 4.61 -8.98
C ARG C 532 -16.36 4.81 -8.33
N ASN C 533 -17.07 5.84 -8.78
CA ASN C 533 -18.43 5.99 -8.35
C ASN C 533 -19.21 5.08 -9.32
N LEU C 534 -20.35 4.59 -8.88
CA LEU C 534 -21.13 3.61 -9.64
C LEU C 534 -22.08 4.29 -10.63
N THR D 39 46.37 5.54 -22.07
CA THR D 39 46.83 4.17 -21.97
C THR D 39 45.80 3.21 -22.54
N THR D 40 46.28 2.06 -23.02
CA THR D 40 45.42 1.00 -23.50
C THR D 40 45.85 -0.29 -22.83
N SER D 41 44.92 -1.22 -22.66
CA SER D 41 45.18 -2.47 -21.94
C SER D 41 44.45 -3.61 -22.64
N THR D 42 44.92 -4.83 -22.41
CA THR D 42 44.26 -6.03 -22.88
C THR D 42 44.57 -7.18 -21.92
N ARG D 43 43.58 -8.02 -21.65
CA ARG D 43 43.75 -9.17 -20.77
C ARG D 43 42.96 -10.35 -21.32
N THR D 44 43.21 -11.52 -20.74
CA THR D 44 42.42 -12.72 -20.99
C THR D 44 41.69 -13.10 -19.71
N TRP D 45 40.41 -13.42 -19.84
CA TRP D 45 39.54 -13.70 -18.71
C TRP D 45 38.93 -15.09 -18.82
N ALA D 46 38.48 -15.59 -17.69
CA ALA D 46 37.75 -16.86 -17.61
C ALA D 46 36.57 -16.67 -16.67
N LEU D 47 35.37 -16.96 -17.16
CA LEU D 47 34.15 -16.75 -16.40
C LEU D 47 33.46 -18.08 -16.15
N PRO D 48 33.40 -18.55 -14.91
CA PRO D 48 32.73 -19.82 -14.61
C PRO D 48 31.24 -19.59 -14.32
N THR D 49 30.56 -20.68 -13.97
CA THR D 49 29.15 -20.62 -13.59
C THR D 49 29.01 -20.49 -12.09
N TYR D 50 28.55 -19.33 -11.65
CA TYR D 50 28.36 -19.11 -10.23
C TYR D 50 26.99 -19.54 -9.75
N ASN D 51 26.95 -20.14 -8.56
CA ASN D 51 25.73 -20.51 -7.87
C ASN D 51 24.84 -21.43 -8.70
N ASN D 52 25.42 -22.11 -9.69
CA ASN D 52 24.64 -22.94 -10.61
C ASN D 52 23.50 -22.15 -11.24
N HIS D 53 23.79 -20.93 -11.66
CA HIS D 53 22.82 -20.04 -12.31
C HIS D 53 21.67 -19.66 -11.39
N LEU D 54 21.90 -19.53 -10.09
CA LEU D 54 20.83 -19.24 -9.13
C LEU D 54 21.15 -18.00 -8.32
N TYR D 55 20.14 -17.16 -8.15
CA TYR D 55 20.20 -16.15 -7.11
C TYR D 55 19.93 -16.82 -5.77
N LYS D 56 20.76 -16.52 -4.78
CA LYS D 56 20.63 -17.18 -3.49
C LYS D 56 20.68 -16.17 -2.35
N GLN D 57 19.64 -16.16 -1.53
CA GLN D 57 19.58 -15.35 -0.32
C GLN D 57 20.68 -15.80 0.65
N ILE D 58 21.48 -14.84 1.08
CA ILE D 58 22.57 -15.15 1.99
C ILE D 58 22.61 -14.14 3.13
N SER D 59 22.79 -14.64 4.34
CA SER D 59 22.93 -13.82 5.53
C SER D 59 23.98 -14.48 6.41
N ASN D 60 24.39 -13.75 7.46
CA ASN D 60 25.50 -14.23 8.29
C ASN D 60 25.24 -15.61 8.86
N SER D 61 23.97 -16.04 8.92
CA SER D 61 23.67 -17.37 9.42
C SER D 61 24.27 -18.45 8.54
N THR D 62 24.40 -18.18 7.24
CA THR D 62 25.11 -19.12 6.37
C THR D 62 26.58 -19.23 6.76
N SER D 63 27.15 -18.17 7.33
CA SER D 63 28.52 -18.18 7.82
C SER D 63 28.61 -18.43 9.33
N GLY D 64 27.48 -18.57 10.01
CA GLY D 64 27.47 -18.79 11.44
C GLY D 64 27.00 -17.62 12.27
N GLY D 65 26.81 -16.45 11.66
CA GLY D 65 26.21 -15.32 12.35
C GLY D 65 27.17 -14.25 12.83
N SER D 66 28.43 -14.59 13.06
CA SER D 66 29.45 -13.64 13.53
C SER D 66 28.87 -12.89 14.73
N SER D 67 28.68 -11.57 14.65
CA SER D 67 28.20 -10.78 15.77
C SER D 67 27.16 -9.76 15.32
N ASN D 68 26.77 -8.86 16.22
CA ASN D 68 25.85 -7.78 15.89
C ASN D 68 26.40 -6.88 14.79
N ASP D 69 27.63 -6.41 14.93
CA ASP D 69 28.27 -5.56 13.93
C ASP D 69 28.25 -6.17 12.54
N ASN D 70 28.35 -7.49 12.44
CA ASN D 70 28.49 -8.17 11.17
C ASN D 70 27.16 -8.64 10.59
N ALA D 71 26.04 -8.27 11.19
CA ALA D 71 24.75 -8.70 10.68
C ALA D 71 24.46 -8.07 9.34
N TYR D 72 24.20 -8.92 8.34
CA TYR D 72 23.92 -8.42 7.00
C TYR D 72 22.84 -9.29 6.38
N PHE D 73 22.22 -8.76 5.31
CA PHE D 73 21.24 -9.50 4.53
C PHE D 73 21.38 -9.09 3.06
N GLY D 74 21.35 -10.08 2.18
CA GLY D 74 21.47 -9.78 0.77
C GLY D 74 21.59 -11.03 -0.07
N TYR D 75 21.71 -10.83 -1.38
CA TYR D 75 21.66 -11.92 -2.33
C TYR D 75 23.00 -12.07 -3.03
N SER D 76 23.26 -13.27 -3.53
CA SER D 76 24.38 -13.55 -4.42
C SER D 76 23.84 -13.88 -5.80
N THR D 77 24.51 -13.39 -6.83
CA THR D 77 24.04 -13.53 -8.19
C THR D 77 24.99 -14.42 -8.99
N PRO D 78 24.48 -15.12 -10.00
CA PRO D 78 25.36 -15.87 -10.91
C PRO D 78 26.17 -14.97 -11.83
N TRP D 79 25.70 -13.77 -12.12
CA TRP D 79 26.42 -12.82 -12.96
C TRP D 79 27.78 -12.47 -12.36
N GLY D 80 28.78 -12.36 -13.23
CA GLY D 80 30.06 -11.78 -12.88
C GLY D 80 30.18 -10.37 -13.43
N TYR D 81 31.22 -9.67 -12.98
CA TYR D 81 31.40 -8.29 -13.36
C TYR D 81 32.89 -7.97 -13.45
N PHE D 82 33.24 -7.15 -14.43
CA PHE D 82 34.63 -6.75 -14.66
C PHE D 82 35.07 -5.62 -13.76
N ASP D 83 36.09 -5.86 -12.95
CA ASP D 83 36.58 -4.80 -12.08
C ASP D 83 38.00 -4.42 -12.46
N PHE D 84 38.17 -3.16 -12.88
CA PHE D 84 39.46 -2.62 -13.24
C PHE D 84 39.61 -1.27 -12.58
N ASN D 85 39.07 -1.16 -11.37
CA ASN D 85 39.09 0.08 -10.61
C ASN D 85 40.49 0.60 -10.27
N ARG D 86 41.39 -0.31 -9.91
CA ARG D 86 42.76 0.07 -9.54
C ARG D 86 43.61 0.64 -10.68
N PHE D 87 44.63 1.41 -10.32
CA PHE D 87 45.53 2.05 -11.28
C PHE D 87 46.44 1.06 -12.00
N HIS D 88 47.06 0.14 -11.26
CA HIS D 88 47.98 -0.81 -11.88
C HIS D 88 47.36 -1.57 -13.03
N CYS D 89 46.02 -1.61 -13.11
CA CYS D 89 45.36 -2.18 -14.27
C CYS D 89 45.65 -1.36 -15.52
N HIS D 90 46.25 -0.18 -15.36
CA HIS D 90 46.42 0.74 -16.46
C HIS D 90 47.86 1.23 -16.55
N ILE D 132 37.57 -31.12 -22.38
CA ILE D 132 37.19 -29.72 -22.56
C ILE D 132 37.08 -29.41 -24.04
N ALA D 133 35.85 -29.52 -24.55
CA ALA D 133 35.58 -29.35 -25.97
C ALA D 133 34.83 -28.04 -26.19
N ASN D 134 35.08 -27.44 -27.34
CA ASN D 134 34.50 -26.14 -27.65
C ASN D 134 33.02 -26.27 -27.94
N ASN D 135 32.22 -25.43 -27.30
CA ASN D 135 30.81 -25.27 -27.65
C ASN D 135 30.73 -24.07 -28.58
N LEU D 136 30.24 -24.29 -29.80
CA LEU D 136 30.19 -23.23 -30.78
C LEU D 136 29.01 -22.29 -30.60
N THR D 137 27.85 -22.81 -30.22
CA THR D 137 26.63 -22.03 -30.16
C THR D 137 26.37 -21.41 -28.79
N SER D 138 27.14 -21.77 -27.77
CA SER D 138 26.95 -21.17 -26.46
C SER D 138 27.19 -19.67 -26.51
N THR D 139 26.29 -18.93 -25.88
CA THR D 139 26.28 -17.49 -25.90
C THR D 139 26.66 -16.96 -24.52
N VAL D 140 27.25 -15.77 -24.51
CA VAL D 140 27.60 -15.08 -23.28
C VAL D 140 26.76 -13.82 -23.20
N GLN D 141 26.21 -13.54 -22.03
CA GLN D 141 25.37 -12.38 -21.80
C GLN D 141 26.18 -11.30 -21.11
N VAL D 142 26.08 -10.08 -21.64
CA VAL D 142 26.81 -8.94 -21.11
C VAL D 142 25.93 -7.71 -21.24
N PHE D 143 25.95 -6.86 -20.22
CA PHE D 143 25.34 -5.55 -20.31
C PHE D 143 26.00 -4.65 -19.29
N THR D 144 25.78 -3.36 -19.45
CA THR D 144 26.21 -2.38 -18.47
C THR D 144 24.99 -1.67 -17.92
N ASP D 145 25.06 -1.29 -16.65
CA ASP D 145 23.98 -0.52 -16.04
C ASP D 145 24.48 0.92 -16.04
N SER D 146 24.00 1.68 -17.03
CA SER D 146 24.31 3.10 -17.11
C SER D 146 23.21 3.96 -16.54
N ASP D 147 22.10 3.35 -16.15
CA ASP D 147 21.10 3.98 -15.31
C ASP D 147 21.44 3.85 -13.85
N TYR D 148 22.50 3.10 -13.52
CA TYR D 148 23.00 2.95 -12.16
C TYR D 148 21.93 2.33 -11.26
N GLN D 149 21.02 1.60 -11.87
CA GLN D 149 19.89 1.01 -11.17
C GLN D 149 20.27 -0.15 -10.26
N LEU D 150 21.42 -0.78 -10.49
CA LEU D 150 21.83 -1.84 -9.60
C LEU D 150 22.68 -1.30 -8.46
N PRO D 151 22.74 -2.03 -7.35
CA PRO D 151 23.75 -1.75 -6.34
C PRO D 151 25.14 -1.75 -6.93
N TYR D 152 25.93 -0.75 -6.57
CA TYR D 152 27.27 -0.56 -7.12
C TYR D 152 28.29 -0.99 -6.08
N VAL D 153 28.92 -2.14 -6.31
CA VAL D 153 29.85 -2.73 -5.35
C VAL D 153 31.30 -2.44 -5.71
N LEU D 154 31.56 -1.61 -6.72
CA LEU D 154 32.93 -1.38 -7.15
C LEU D 154 33.68 -0.35 -6.31
N GLY D 155 33.02 0.27 -5.34
CA GLY D 155 33.67 1.34 -4.59
C GLY D 155 34.27 0.91 -3.28
N SER D 156 34.11 -0.37 -2.94
CA SER D 156 34.54 -0.90 -1.66
C SER D 156 35.93 -1.50 -1.69
N ALA D 157 36.67 -1.35 -2.80
CA ALA D 157 38.05 -1.79 -2.91
C ALA D 157 38.16 -3.31 -2.78
N HIS D 158 37.32 -4.02 -3.54
CA HIS D 158 37.35 -5.47 -3.54
C HIS D 158 38.42 -6.03 -4.49
N GLU D 159 38.82 -7.26 -4.21
CA GLU D 159 39.75 -7.98 -5.07
C GLU D 159 39.04 -8.38 -6.35
N GLY D 160 39.76 -9.02 -7.26
CA GLY D 160 39.22 -9.34 -8.57
C GLY D 160 39.53 -8.33 -9.65
N CYS D 161 40.56 -7.50 -9.46
CA CYS D 161 40.95 -6.53 -10.47
C CYS D 161 41.69 -7.22 -11.62
N LEU D 162 41.71 -6.55 -12.76
CA LEU D 162 42.62 -6.93 -13.83
C LEU D 162 44.04 -7.00 -13.28
N PRO D 163 44.83 -7.99 -13.69
CA PRO D 163 46.16 -8.14 -13.10
C PRO D 163 47.08 -7.03 -13.57
N PRO D 164 48.00 -6.56 -12.73
CA PRO D 164 48.89 -5.49 -13.16
C PRO D 164 49.88 -5.93 -14.22
N PHE D 165 50.11 -7.23 -14.38
CA PHE D 165 51.03 -7.71 -15.41
C PHE D 165 50.25 -8.23 -16.61
N PRO D 166 50.59 -7.81 -17.83
CA PRO D 166 49.71 -8.06 -18.98
C PRO D 166 49.58 -9.52 -19.39
N ALA D 167 50.47 -10.41 -18.96
CA ALA D 167 50.38 -11.79 -19.42
C ALA D 167 49.59 -12.69 -18.48
N ASP D 168 49.04 -12.16 -17.39
CA ASP D 168 48.30 -12.98 -16.46
C ASP D 168 46.87 -13.24 -16.94
N VAL D 169 46.31 -14.35 -16.48
CA VAL D 169 44.91 -14.69 -16.71
C VAL D 169 44.22 -14.69 -15.35
N PHE D 170 42.97 -14.25 -15.31
CA PHE D 170 42.30 -14.02 -14.04
C PHE D 170 40.84 -14.44 -14.10
N MET D 171 40.30 -14.75 -12.93
CA MET D 171 38.91 -15.16 -12.76
C MET D 171 38.05 -13.91 -12.54
N ILE D 172 36.86 -13.93 -13.11
CA ILE D 172 35.97 -12.77 -13.04
C ILE D 172 35.15 -12.86 -11.76
N PRO D 173 35.12 -11.83 -10.92
CA PRO D 173 34.50 -11.96 -9.60
C PRO D 173 32.99 -12.07 -9.66
N GLN D 174 32.42 -12.66 -8.61
CA GLN D 174 30.99 -12.85 -8.53
C GLN D 174 30.32 -11.60 -7.99
N TYR D 175 29.20 -11.23 -8.60
CA TYR D 175 28.46 -10.05 -8.16
C TYR D 175 27.42 -10.43 -7.12
N GLY D 176 27.44 -9.72 -6.00
CA GLY D 176 26.43 -9.90 -4.97
C GLY D 176 26.25 -8.58 -4.27
N TYR D 177 25.07 -8.40 -3.70
CA TYR D 177 24.69 -7.10 -3.20
C TYR D 177 24.00 -7.23 -1.86
N LEU D 178 24.12 -6.19 -1.05
CA LEU D 178 23.54 -6.15 0.28
C LEU D 178 22.41 -5.13 0.32
N THR D 179 21.41 -5.43 1.14
CA THR D 179 20.30 -4.54 1.39
C THR D 179 20.08 -4.42 2.89
N LEU D 180 19.00 -3.75 3.26
CA LEU D 180 18.72 -3.50 4.67
C LEU D 180 18.39 -4.79 5.41
N ASN D 181 18.55 -4.75 6.72
CA ASN D 181 18.26 -5.90 7.57
C ASN D 181 18.01 -5.45 9.00
N ASP D 182 17.35 -6.33 9.76
CA ASP D 182 17.40 -6.30 11.22
C ASP D 182 18.09 -7.58 11.65
N GLY D 183 19.34 -7.47 12.10
CA GLY D 183 20.11 -8.68 12.29
C GLY D 183 20.26 -9.37 10.95
N SER D 184 19.98 -10.67 10.95
CA SER D 184 20.09 -11.52 9.77
C SER D 184 18.80 -11.56 8.97
N GLN D 185 17.82 -10.75 9.36
CA GLN D 185 16.51 -10.75 8.72
C GLN D 185 16.32 -9.65 7.69
N ALA D 186 15.28 -9.78 6.89
CA ALA D 186 14.99 -8.80 5.85
C ALA D 186 13.77 -7.96 6.16
N VAL D 187 13.94 -6.65 6.13
CA VAL D 187 12.88 -5.69 6.37
C VAL D 187 12.04 -5.46 5.12
N GLY D 188 10.96 -4.72 5.26
CA GLY D 188 10.08 -4.39 4.15
C GLY D 188 10.78 -3.58 3.07
N ARG D 189 11.64 -2.68 3.50
CA ARG D 189 12.45 -1.83 2.63
C ARG D 189 13.41 -2.59 1.73
N SER D 190 13.89 -3.73 2.20
CA SER D 190 14.88 -4.52 1.47
C SER D 190 14.39 -4.84 0.07
N SER D 191 15.28 -4.67 -0.90
CA SER D 191 14.95 -4.91 -2.29
C SER D 191 15.77 -6.02 -2.93
N PHE D 192 15.09 -6.82 -3.75
CA PHE D 192 15.69 -7.93 -4.48
C PHE D 192 15.74 -7.60 -5.96
N TYR D 193 16.89 -7.85 -6.56
CA TYR D 193 17.13 -7.53 -7.96
C TYR D 193 17.32 -8.80 -8.75
N CYS D 194 16.71 -8.85 -9.93
CA CYS D 194 16.98 -9.89 -10.91
C CYS D 194 17.69 -9.24 -12.09
N LEU D 195 18.98 -9.52 -12.24
CA LEU D 195 19.75 -8.89 -13.30
C LEU D 195 19.29 -9.34 -14.68
N GLU D 196 18.64 -10.49 -14.79
CA GLU D 196 18.08 -10.92 -16.05
C GLU D 196 16.95 -10.01 -16.52
N TYR D 197 16.52 -9.07 -15.69
CA TYR D 197 15.40 -8.21 -16.02
C TYR D 197 15.84 -6.90 -16.65
N PHE D 198 17.13 -6.71 -16.86
CA PHE D 198 17.81 -5.69 -17.65
C PHE D 198 18.10 -6.21 -19.05
N PRO D 199 17.84 -5.40 -20.08
CA PRO D 199 18.19 -5.84 -21.44
C PRO D 199 19.70 -5.95 -21.61
N SER D 200 20.13 -7.08 -22.17
CA SER D 200 21.54 -7.35 -22.36
C SER D 200 21.76 -7.95 -23.74
N GLN D 201 22.99 -7.84 -24.22
CA GLN D 201 23.38 -8.39 -25.51
C GLN D 201 24.03 -9.74 -25.33
N MET D 202 23.72 -10.66 -26.23
CA MET D 202 24.16 -12.05 -26.17
C MET D 202 25.19 -12.30 -27.27
N LEU D 203 26.37 -12.77 -26.88
CA LEU D 203 27.50 -12.93 -27.78
C LEU D 203 27.79 -14.40 -28.01
N ARG D 204 27.90 -14.79 -29.28
CA ARG D 204 28.57 -16.05 -29.64
C ARG D 204 30.05 -15.77 -29.90
N THR D 205 30.79 -16.83 -30.24
CA THR D 205 32.24 -16.73 -30.39
C THR D 205 32.66 -15.76 -31.49
N GLY D 206 31.86 -15.60 -32.54
CA GLY D 206 32.16 -14.62 -33.56
C GLY D 206 31.88 -13.19 -33.17
N ASN D 207 30.84 -12.97 -32.39
CA ASN D 207 30.37 -11.63 -32.05
C ASN D 207 31.33 -10.95 -31.07
N ASN D 208 31.30 -9.62 -31.07
CA ASN D 208 32.15 -8.79 -30.23
C ASN D 208 31.29 -7.80 -29.46
N PHE D 209 31.89 -7.19 -28.44
CA PHE D 209 31.18 -6.25 -27.58
C PHE D 209 32.06 -5.04 -27.31
N GLN D 210 31.47 -3.86 -27.37
CA GLN D 210 32.19 -2.63 -27.09
C GLN D 210 31.22 -1.57 -26.63
N PHE D 211 31.71 -0.62 -25.83
CA PHE D 211 30.96 0.58 -25.55
C PHE D 211 31.93 1.66 -25.12
N SER D 212 31.50 2.91 -25.23
CA SER D 212 32.31 4.04 -24.83
C SER D 212 31.63 4.79 -23.69
N TYR D 213 32.44 5.33 -22.79
CA TYR D 213 31.93 6.07 -21.65
C TYR D 213 32.81 7.27 -21.34
N GLU D 214 32.17 8.42 -21.22
CA GLU D 214 32.82 9.70 -20.94
C GLU D 214 32.69 10.00 -19.45
N PHE D 215 33.82 10.24 -18.80
CA PHE D 215 33.82 10.63 -17.39
C PHE D 215 33.11 11.96 -17.22
N GLU D 216 32.45 12.11 -16.07
CA GLU D 216 31.99 13.43 -15.70
C GLU D 216 33.16 14.27 -15.22
N ASN D 217 32.96 15.58 -15.18
CA ASN D 217 34.03 16.48 -14.79
C ASN D 217 34.38 16.30 -13.32
N VAL D 218 35.63 15.98 -13.04
CA VAL D 218 36.13 15.85 -11.67
C VAL D 218 37.46 16.58 -11.57
N PRO D 219 37.81 17.06 -10.37
CA PRO D 219 39.07 17.80 -10.22
C PRO D 219 40.28 16.91 -10.44
N PHE D 220 41.43 17.55 -10.66
CA PHE D 220 42.68 16.83 -10.79
C PHE D 220 43.05 16.17 -9.46
N HIS D 221 43.87 15.13 -9.54
CA HIS D 221 44.38 14.50 -8.35
C HIS D 221 45.79 14.99 -8.22
N SER D 222 46.06 15.79 -7.19
CA SER D 222 47.39 16.34 -7.01
C SER D 222 48.42 15.26 -6.76
N SER D 223 49.57 15.40 -7.41
CA SER D 223 50.68 14.48 -7.22
C SER D 223 51.90 15.35 -6.98
N TYR D 224 51.91 15.98 -5.82
CA TYR D 224 52.98 16.88 -5.42
C TYR D 224 53.00 16.99 -3.90
N ALA D 225 54.03 17.61 -3.35
CA ALA D 225 54.11 17.80 -1.91
C ALA D 225 54.78 19.12 -1.55
N GLY D 273 49.25 35.68 13.74
CA GLY D 273 47.94 35.85 13.15
C GLY D 273 47.85 35.29 11.75
N ARG D 274 47.29 34.09 11.64
CA ARG D 274 47.20 33.37 10.38
C ARG D 274 45.75 33.35 9.92
N ASN D 275 45.55 33.27 8.61
CA ASN D 275 44.20 33.32 8.06
C ASN D 275 43.59 31.95 7.80
N TYR D 276 44.33 30.86 8.03
CA TYR D 276 43.80 29.55 7.73
C TYR D 276 44.31 28.55 8.75
N ILE D 277 43.47 27.57 9.06
CA ILE D 277 43.78 26.55 10.05
C ILE D 277 43.78 25.20 9.35
N PRO D 278 44.44 24.19 9.94
CA PRO D 278 44.50 22.87 9.30
C PRO D 278 43.14 22.19 9.25
N GLY D 279 43.09 21.14 8.43
CA GLY D 279 41.85 20.48 8.09
C GLY D 279 41.26 19.65 9.22
N PRO D 280 40.24 18.87 8.89
CA PRO D 280 39.46 18.19 9.93
C PRO D 280 40.17 16.96 10.47
N SER D 281 39.78 16.51 11.65
CA SER D 281 40.43 15.33 12.21
C SER D 281 39.61 14.52 13.22
N TYR D 282 39.61 13.21 12.99
CA TYR D 282 38.99 12.27 13.90
C TYR D 282 40.23 11.55 14.36
N ARG D 283 40.53 11.61 15.65
CA ARG D 283 41.78 11.01 16.13
C ARG D 283 41.88 9.50 16.18
N GLN D 284 42.96 8.97 15.61
CA GLN D 284 43.26 7.56 15.67
C GLN D 284 44.23 7.28 16.80
N GLN D 285 44.16 6.07 17.34
CA GLN D 285 45.16 5.61 18.30
C GLN D 285 46.52 5.50 17.61
N ARG D 286 47.58 5.58 18.39
CA ARG D 286 48.93 5.50 17.87
C ARG D 286 49.50 4.11 18.10
N VAL D 287 49.64 3.34 17.03
CA VAL D 287 50.26 2.02 17.06
C VAL D 287 51.69 2.17 16.60
N SER D 288 52.60 1.43 17.24
CA SER D 288 54.02 1.51 16.95
C SER D 288 54.49 0.24 16.24
N THR D 289 55.52 0.40 15.39
CA THR D 289 56.07 -0.74 14.65
C THR D 289 57.04 -1.57 15.48
N THR D 290 57.49 -1.07 16.63
CA THR D 290 58.29 -1.86 17.55
C THR D 290 57.36 -2.48 18.58
N VAL D 291 57.25 -3.81 18.55
CA VAL D 291 56.24 -4.48 19.36
C VAL D 291 56.46 -4.28 20.85
N THR D 292 57.70 -4.10 21.30
CA THR D 292 57.95 -3.93 22.72
C THR D 292 57.37 -2.64 23.30
N GLN D 293 57.37 -1.59 22.50
CA GLN D 293 56.88 -0.29 22.93
C GLN D 293 55.38 -0.33 23.26
N ASN D 294 54.64 -1.10 22.47
CA ASN D 294 53.19 -1.25 22.63
C ASN D 294 52.74 -1.77 24.00
N ASN D 295 51.54 -1.38 24.41
CA ASN D 295 51.00 -1.83 25.68
C ASN D 295 50.71 -3.32 25.58
N ASN D 296 51.03 -4.04 26.64
CA ASN D 296 50.87 -5.49 26.64
C ASN D 296 49.43 -5.95 26.91
N SER D 297 48.56 -5.77 25.94
CA SER D 297 47.17 -6.17 26.07
C SER D 297 46.54 -6.28 24.68
N GLU D 298 45.45 -7.03 24.57
CA GLU D 298 44.78 -7.16 23.28
C GLU D 298 43.84 -5.99 23.07
N PHE D 299 44.42 -4.87 22.68
CA PHE D 299 43.69 -3.62 22.46
C PHE D 299 43.49 -3.35 20.99
N ALA D 300 43.74 -4.32 20.14
CA ALA D 300 43.63 -4.07 18.70
C ALA D 300 42.26 -3.61 18.23
N TRP D 301 41.19 -4.28 18.68
CA TRP D 301 39.86 -3.88 18.25
C TRP D 301 39.09 -3.00 19.22
N PRO D 302 39.32 -3.18 20.52
CA PRO D 302 38.64 -2.40 21.55
C PRO D 302 39.07 -0.94 21.62
N GLY D 303 40.29 -0.64 21.21
CA GLY D 303 40.82 0.71 21.28
C GLY D 303 40.78 1.47 19.97
N ALA D 304 39.94 1.06 19.06
CA ALA D 304 39.93 1.59 17.70
C ALA D 304 38.74 2.50 17.46
N SER D 305 39.00 3.65 16.85
CA SER D 305 37.97 4.64 16.58
C SER D 305 36.92 4.09 15.61
N SER D 306 35.65 4.35 15.91
CA SER D 306 34.57 3.81 15.10
C SER D 306 33.37 4.74 15.17
N TRP D 307 32.44 4.54 14.24
CA TRP D 307 31.19 5.29 14.22
C TRP D 307 29.99 4.35 14.30
N ALA D 308 28.89 4.88 14.82
CA ALA D 308 27.70 4.10 15.11
C ALA D 308 26.62 4.36 14.08
N LEU D 309 26.06 3.30 13.51
CA LEU D 309 24.96 3.40 12.57
C LEU D 309 23.94 2.31 12.89
N ASN D 310 22.73 2.72 13.26
CA ASN D 310 21.62 1.81 13.53
C ASN D 310 22.02 0.70 14.51
N GLY D 311 22.86 1.05 15.48
CA GLY D 311 23.27 0.10 16.49
C GLY D 311 24.50 -0.72 16.13
N ARG D 312 24.83 -0.85 14.85
CA ARG D 312 26.00 -1.60 14.42
C ARG D 312 27.22 -0.68 14.42
N ASN D 313 28.30 -1.15 15.03
CA ASN D 313 29.53 -0.38 15.15
C ASN D 313 30.45 -0.73 13.99
N SER D 314 30.63 0.21 13.08
CA SER D 314 31.56 0.05 11.97
C SER D 314 32.82 0.84 12.29
N LEU D 315 33.97 0.21 12.05
CA LEU D 315 35.25 0.84 12.33
C LEU D 315 35.43 2.08 11.45
N MET D 316 36.23 3.03 11.93
CA MET D 316 36.56 4.19 11.11
C MET D 316 37.81 3.82 10.33
N ASN D 317 37.63 3.56 9.04
CA ASN D 317 38.72 3.13 8.20
C ASN D 317 38.59 3.72 6.80
N PRO D 318 39.69 4.25 6.25
CA PRO D 318 40.84 4.76 6.98
C PRO D 318 40.47 6.02 7.75
N GLY D 319 39.31 6.60 7.41
CA GLY D 319 38.81 7.76 8.08
C GLY D 319 39.09 9.03 7.32
N PRO D 320 38.99 10.18 7.98
CA PRO D 320 39.37 11.42 7.32
C PRO D 320 40.85 11.40 6.95
N ALA D 321 41.18 12.10 5.88
CA ALA D 321 42.56 12.10 5.40
C ALA D 321 43.40 12.96 6.34
N MET D 322 44.41 12.34 6.95
CA MET D 322 45.23 12.98 7.97
C MET D 322 46.64 12.46 7.88
N ALA D 323 47.58 13.22 8.45
CA ALA D 323 48.97 12.82 8.43
C ALA D 323 49.19 11.58 9.26
N SER D 324 50.14 10.74 8.85
CA SER D 324 50.35 9.47 9.52
C SER D 324 51.08 9.63 10.85
N HIS D 325 52.04 10.54 10.92
CA HIS D 325 52.87 10.64 12.11
C HIS D 325 53.52 12.01 12.17
N LYS D 326 54.00 12.36 13.36
CA LYS D 326 54.83 13.53 13.53
C LYS D 326 56.19 13.30 12.87
N GLU D 327 56.89 14.40 12.61
CA GLU D 327 58.22 14.29 12.03
C GLU D 327 59.21 13.81 13.09
N GLY D 328 60.07 12.88 12.70
CA GLY D 328 61.03 12.29 13.60
C GLY D 328 60.68 10.91 14.11
N GLU D 329 59.41 10.53 14.09
CA GLU D 329 58.98 9.19 14.46
C GLU D 329 58.35 8.54 13.22
N ASP D 330 59.09 7.62 12.60
CA ASP D 330 58.57 6.83 11.49
C ASP D 330 58.08 5.47 11.94
N ARG D 331 58.22 5.15 13.23
CA ARG D 331 57.84 3.84 13.75
C ARG D 331 56.42 3.80 14.30
N PHE D 332 55.71 4.92 14.30
CA PHE D 332 54.33 4.97 14.77
C PHE D 332 53.39 5.14 13.59
N PHE D 333 52.20 4.58 13.72
CA PHE D 333 51.16 4.70 12.70
C PHE D 333 49.77 4.61 13.33
N PRO D 334 48.76 5.13 12.63
CA PRO D 334 47.37 5.08 13.10
C PRO D 334 46.90 3.63 13.12
N LEU D 335 46.06 3.26 14.08
CA LEU D 335 45.63 1.89 14.17
C LEU D 335 44.88 1.41 12.93
N SER D 336 43.98 2.24 12.41
CA SER D 336 43.23 1.86 11.20
C SER D 336 43.22 2.91 10.10
N GLY D 337 43.79 4.08 10.37
CA GLY D 337 43.76 5.16 9.39
C GLY D 337 44.49 4.92 8.07
N SER D 338 45.67 4.31 8.13
CA SER D 338 46.45 4.05 6.92
C SER D 338 45.99 2.90 6.05
N LEU D 339 46.33 2.95 4.76
CA LEU D 339 46.03 1.88 3.84
C LEU D 339 47.09 0.81 4.05
N ILE D 340 46.73 -0.46 3.93
CA ILE D 340 47.69 -1.53 4.13
C ILE D 340 47.50 -2.51 2.99
N PHE D 341 48.59 -2.84 2.30
CA PHE D 341 48.57 -3.78 1.18
C PHE D 341 49.35 -5.03 1.53
N GLY D 342 49.05 -6.11 0.83
CA GLY D 342 49.77 -7.36 1.01
C GLY D 342 50.75 -7.59 -0.14
N LYS D 343 51.81 -8.35 0.12
CA LYS D 343 52.83 -8.66 -0.89
C LYS D 343 52.38 -9.83 -1.76
N GLN D 344 53.10 -10.14 -2.84
CA GLN D 344 52.64 -11.25 -3.67
C GLN D 344 52.59 -12.59 -2.92
N GLY D 345 51.40 -13.17 -2.82
CA GLY D 345 51.20 -14.48 -2.22
C GLY D 345 51.03 -14.48 -0.72
N THR D 346 50.66 -13.35 -0.13
CA THR D 346 50.50 -13.25 1.31
C THR D 346 49.35 -14.10 1.84
N GLY D 347 49.50 -14.62 3.05
CA GLY D 347 48.49 -15.44 3.68
C GLY D 347 47.26 -14.65 4.06
N ARG D 348 46.10 -15.28 3.94
CA ARG D 348 44.83 -14.63 4.25
C ARG D 348 44.61 -14.22 5.72
N ASP D 349 45.00 -15.07 6.66
CA ASP D 349 44.75 -14.78 8.08
C ASP D 349 45.93 -14.67 9.04
N ASN D 350 45.93 -13.58 9.81
CA ASN D 350 46.93 -13.30 10.84
C ASN D 350 48.38 -13.30 10.42
N VAL D 351 48.69 -12.75 9.24
CA VAL D 351 50.08 -12.70 8.79
C VAL D 351 50.90 -11.66 9.53
N ASP D 352 52.22 -11.84 9.53
CA ASP D 352 53.15 -10.94 10.21
C ASP D 352 53.32 -9.60 9.49
N ALA D 353 53.93 -8.65 10.18
CA ALA D 353 54.11 -7.29 9.66
C ALA D 353 54.90 -7.20 8.35
N ASP D 354 55.93 -8.02 8.20
CA ASP D 354 56.74 -7.95 6.98
C ASP D 354 55.92 -8.27 5.73
N LYS D 355 55.01 -9.23 5.83
CA LYS D 355 54.17 -9.60 4.70
C LYS D 355 53.21 -8.52 4.20
N VAL D 356 52.98 -7.47 4.99
CA VAL D 356 52.06 -6.42 4.58
C VAL D 356 52.84 -5.13 4.36
N MET D 357 52.29 -4.27 3.51
CA MET D 357 52.87 -2.97 3.19
C MET D 357 51.96 -1.88 3.73
N ILE D 358 52.41 -1.17 4.76
CA ILE D 358 51.64 -0.12 5.39
C ILE D 358 52.03 1.21 4.76
N THR D 359 51.09 1.82 4.05
CA THR D 359 51.30 3.14 3.48
C THR D 359 51.21 4.21 4.55
N ASN D 360 51.79 5.37 4.25
CA ASN D 360 51.76 6.51 5.15
C ASN D 360 51.53 7.79 4.34
N GLU D 361 50.81 8.72 4.95
CA GLU D 361 50.39 9.95 4.29
C GLU D 361 51.33 11.12 4.53
N GLU D 362 52.47 10.90 5.18
CA GLU D 362 53.23 11.97 5.82
C GLU D 362 53.45 13.18 4.92
N GLU D 363 53.44 13.03 3.60
CA GLU D 363 53.60 14.17 2.70
C GLU D 363 52.65 15.31 3.03
N ILE D 364 51.44 14.98 3.50
CA ILE D 364 50.36 15.95 3.68
C ILE D 364 50.42 16.56 5.07
N LYS D 365 51.47 16.24 5.83
CA LYS D 365 51.58 16.74 7.20
C LYS D 365 51.57 18.25 7.28
N THR D 366 51.73 18.94 6.15
CA THR D 366 51.78 20.40 6.16
C THR D 366 50.41 21.00 6.42
N THR D 367 49.38 20.58 5.68
CA THR D 367 48.04 21.11 5.87
C THR D 367 47.13 20.22 6.70
N ASN D 368 47.57 19.03 7.12
CA ASN D 368 46.64 18.18 7.82
C ASN D 368 47.20 17.80 9.19
N PRO D 369 46.35 17.72 10.20
CA PRO D 369 46.81 17.29 11.53
C PRO D 369 47.23 15.84 11.51
N VAL D 370 47.96 15.46 12.56
CA VAL D 370 48.44 14.08 12.67
C VAL D 370 47.33 13.21 13.24
N ALA D 371 47.08 12.08 12.57
CA ALA D 371 45.97 11.21 12.96
C ALA D 371 46.07 10.76 14.41
N THR D 372 47.28 10.58 14.93
CA THR D 372 47.48 10.07 16.27
C THR D 372 47.54 11.18 17.31
N GLU D 373 47.30 12.42 16.92
CA GLU D 373 47.42 13.57 17.80
C GLU D 373 46.08 14.26 17.94
N SER D 374 45.95 15.04 19.01
CA SER D 374 44.78 15.90 19.15
C SER D 374 44.79 16.97 18.07
N TYR D 375 43.60 17.47 17.75
CA TYR D 375 43.52 18.57 16.81
C TYR D 375 44.00 19.87 17.43
N GLY D 376 43.75 20.05 18.73
CA GLY D 376 44.05 21.31 19.37
C GLY D 376 43.44 21.36 20.76
N GLN D 377 43.27 22.58 21.26
CA GLN D 377 42.78 22.79 22.61
C GLN D 377 41.76 23.92 22.63
N VAL D 378 40.85 23.86 23.62
CA VAL D 378 39.82 24.85 23.82
C VAL D 378 39.81 25.23 25.30
N ALA D 379 39.10 26.30 25.63
CA ALA D 379 38.94 26.70 27.02
C ALA D 379 37.74 25.99 27.63
N THR D 380 37.91 25.46 28.84
CA THR D 380 36.83 24.71 29.48
C THR D 380 35.98 25.54 30.41
N ASN D 381 36.36 26.78 30.71
CA ASN D 381 35.64 27.55 31.72
C ASN D 381 35.87 29.04 31.50
N HIS D 382 35.42 29.84 32.46
CA HIS D 382 35.72 31.26 32.55
C HIS D 382 36.57 31.50 33.78
N GLN D 383 37.79 31.97 33.56
CA GLN D 383 38.68 32.29 34.67
C GLN D 383 38.10 33.41 35.51
N SER D 384 38.54 33.47 36.76
CA SER D 384 38.25 34.60 37.64
C SER D 384 39.33 34.61 38.71
N ALA D 385 39.17 35.51 39.68
CA ALA D 385 40.07 35.49 40.83
C ALA D 385 40.02 34.16 41.55
N GLN D 386 38.91 33.43 41.43
CA GLN D 386 38.73 32.15 42.10
C GLN D 386 39.05 30.95 41.22
N ALA D 387 39.42 31.15 39.96
CA ALA D 387 39.51 30.04 39.04
C ALA D 387 40.75 30.17 38.15
N GLN D 388 41.53 29.10 38.08
CA GLN D 388 42.62 29.04 37.11
C GLN D 388 42.09 28.63 35.74
N ALA D 389 42.83 29.04 34.70
CA ALA D 389 42.41 28.74 33.34
C ALA D 389 42.65 27.27 33.02
N GLN D 390 41.60 26.58 32.61
CA GLN D 390 41.68 25.17 32.31
C GLN D 390 41.33 24.93 30.85
N THR D 391 42.15 24.13 30.19
CA THR D 391 41.96 23.80 28.79
C THR D 391 41.89 22.29 28.63
N GLY D 392 41.37 21.86 27.49
CA GLY D 392 41.20 20.44 27.25
C GLY D 392 41.39 20.13 25.78
N TRP D 393 41.71 18.88 25.52
CA TRP D 393 42.17 18.45 24.20
C TRP D 393 40.99 18.19 23.28
N VAL D 394 41.05 18.74 22.08
CA VAL D 394 40.08 18.42 21.05
C VAL D 394 40.49 17.10 20.43
N GLN D 395 39.65 16.07 20.58
CA GLN D 395 39.97 14.79 19.98
C GLN D 395 39.56 14.71 18.53
N ASN D 396 38.36 15.20 18.21
CA ASN D 396 37.85 15.14 16.85
C ASN D 396 37.30 16.50 16.48
N GLN D 397 37.41 16.86 15.20
CA GLN D 397 37.09 18.22 14.77
C GLN D 397 36.24 18.19 13.52
N GLY D 398 35.03 18.74 13.62
CA GLY D 398 34.22 18.99 12.46
C GLY D 398 34.79 20.13 11.65
N ILE D 399 34.21 20.32 10.46
CA ILE D 399 34.66 21.40 9.58
C ILE D 399 34.47 22.74 10.27
N LEU D 400 35.48 23.60 10.17
CA LEU D 400 35.37 25.00 10.54
C LEU D 400 35.56 25.85 9.30
N PRO D 401 35.02 27.07 9.28
CA PRO D 401 35.36 27.99 8.19
C PRO D 401 36.82 28.39 8.28
N GLY D 402 37.43 28.60 7.12
CA GLY D 402 38.84 28.91 7.04
C GLY D 402 39.75 27.70 6.97
N MET D 403 39.19 26.50 6.90
CA MET D 403 40.00 25.30 6.82
C MET D 403 40.48 25.04 5.40
N VAL D 404 41.68 24.50 5.29
CA VAL D 404 42.23 23.97 4.05
C VAL D 404 42.89 22.64 4.39
N TRP D 405 42.72 21.66 3.50
CA TRP D 405 43.24 20.33 3.77
C TRP D 405 43.59 19.66 2.45
N GLN D 406 44.32 18.56 2.56
CA GLN D 406 44.65 17.71 1.42
C GLN D 406 43.82 16.42 1.46
N ASP D 407 43.48 15.92 0.28
CA ASP D 407 42.83 14.63 0.20
C ASP D 407 43.87 13.51 0.31
N ARG D 408 43.40 12.28 0.29
CA ARG D 408 44.28 11.13 0.44
C ARG D 408 44.93 10.75 -0.89
N ASP D 409 46.21 10.41 -0.83
CA ASP D 409 47.00 10.10 -2.01
C ASP D 409 46.49 8.82 -2.68
N VAL D 410 46.82 8.69 -3.96
CA VAL D 410 46.56 7.48 -4.71
C VAL D 410 47.84 6.70 -4.85
N TYR D 411 47.71 5.38 -4.87
CA TYR D 411 48.84 4.48 -5.04
C TYR D 411 48.62 3.63 -6.29
N LEU D 412 49.72 3.05 -6.78
CA LEU D 412 49.64 2.18 -7.94
C LEU D 412 48.65 1.05 -7.71
N GLN D 413 48.56 0.56 -6.47
CA GLN D 413 47.63 -0.50 -6.11
C GLN D 413 46.25 0.02 -5.71
N GLY D 414 46.10 1.33 -5.49
CA GLY D 414 44.89 1.87 -4.94
C GLY D 414 43.77 2.01 -5.95
N PRO D 415 42.56 2.25 -5.44
CA PRO D 415 41.41 2.44 -6.33
C PRO D 415 41.52 3.75 -7.09
N ILE D 416 40.72 3.84 -8.15
CA ILE D 416 40.72 5.05 -8.98
C ILE D 416 39.52 5.91 -8.63
N TRP D 417 38.31 5.39 -8.81
CA TRP D 417 37.10 6.16 -8.62
C TRP D 417 36.22 5.53 -7.55
N ALA D 418 35.24 6.31 -7.09
CA ALA D 418 34.27 5.84 -6.11
C ALA D 418 32.90 6.43 -6.42
N LYS D 419 31.87 5.59 -6.29
CA LYS D 419 30.49 6.03 -6.44
C LYS D 419 30.08 6.93 -5.28
N ILE D 420 29.52 8.09 -5.61
CA ILE D 420 28.91 8.96 -4.61
C ILE D 420 27.50 8.45 -4.34
N PRO D 421 27.20 7.98 -3.13
CA PRO D 421 25.84 7.51 -2.86
C PRO D 421 24.84 8.63 -3.09
N HIS D 422 23.85 8.33 -3.92
CA HIS D 422 22.80 9.28 -4.25
C HIS D 422 22.10 9.65 -2.95
N THR D 423 22.37 10.86 -2.48
CA THR D 423 21.81 11.32 -1.22
C THR D 423 21.38 12.79 -1.23
N ASP D 424 20.59 13.15 -0.24
CA ASP D 424 20.07 14.51 -0.11
C ASP D 424 21.19 15.53 0.08
N GLY D 425 22.18 15.20 0.90
CA GLY D 425 23.29 16.12 1.14
C GLY D 425 24.60 15.43 1.48
N ASN D 426 25.70 16.13 1.25
CA ASN D 426 27.05 15.62 1.54
C ASN D 426 28.06 16.77 1.54
N PHE D 427 29.30 16.46 1.91
CA PHE D 427 30.35 17.48 1.92
C PHE D 427 31.63 16.88 1.39
N HIS D 428 32.27 17.60 0.47
CA HIS D 428 33.56 17.25 -0.12
C HIS D 428 33.57 15.80 -0.56
N PRO D 429 32.91 15.49 -1.66
CA PRO D 429 32.64 14.09 -2.00
C PRO D 429 33.85 13.18 -2.18
N SER D 430 35.06 13.73 -2.22
CA SER D 430 36.24 12.92 -2.46
C SER D 430 36.29 11.72 -1.51
N PRO D 431 36.36 10.50 -2.03
CA PRO D 431 36.24 9.32 -1.18
C PRO D 431 37.41 9.19 -0.20
N LEU D 432 37.10 8.57 0.95
CA LEU D 432 38.07 8.50 2.03
C LEU D 432 39.20 7.51 1.75
N MET D 433 39.00 6.55 0.86
CA MET D 433 40.11 5.70 0.46
C MET D 433 40.88 6.29 -0.71
N GLY D 434 40.56 7.50 -1.13
CA GLY D 434 41.30 8.20 -2.15
C GLY D 434 40.70 8.00 -3.52
N GLY D 435 41.25 8.72 -4.49
CA GLY D 435 40.75 8.66 -5.84
C GLY D 435 39.72 9.73 -6.13
N PHE D 436 38.83 9.42 -7.05
CA PHE D 436 37.91 10.38 -7.62
C PHE D 436 36.48 9.96 -7.34
N GLY D 437 35.79 10.74 -6.50
CA GLY D 437 34.38 10.50 -6.26
C GLY D 437 33.54 11.00 -7.42
N MET D 438 32.52 10.22 -7.78
CA MET D 438 31.72 10.51 -8.96
C MET D 438 30.26 10.23 -8.65
N LYS D 439 29.39 11.12 -9.12
CA LYS D 439 27.96 10.82 -9.10
C LYS D 439 27.57 9.87 -10.22
N HIS D 440 28.38 9.77 -11.26
CA HIS D 440 28.19 8.82 -12.36
C HIS D 440 29.54 8.22 -12.69
N PRO D 441 30.03 7.29 -11.88
CA PRO D 441 31.26 6.58 -12.22
C PRO D 441 31.06 5.71 -13.45
N PRO D 442 32.09 5.02 -13.92
CA PRO D 442 31.89 4.08 -15.01
C PRO D 442 30.85 3.04 -14.64
N PRO D 443 29.94 2.73 -15.55
CA PRO D 443 28.89 1.76 -15.24
C PRO D 443 29.46 0.38 -14.96
N GLN D 444 28.84 -0.31 -14.01
CA GLN D 444 29.16 -1.71 -13.81
C GLN D 444 28.87 -2.50 -15.07
N ILE D 445 29.83 -3.34 -15.45
CA ILE D 445 29.73 -4.15 -16.65
C ILE D 445 29.44 -5.57 -16.19
N LEU D 446 28.22 -6.02 -16.40
CA LEU D 446 27.78 -7.31 -15.90
C LEU D 446 27.87 -8.34 -17.01
N ILE D 447 28.26 -9.56 -16.65
CA ILE D 447 28.52 -10.62 -17.62
C ILE D 447 28.13 -11.96 -17.01
N LYS D 448 27.55 -12.84 -17.82
CA LYS D 448 27.37 -14.23 -17.43
C LYS D 448 27.18 -15.10 -18.67
N ASN D 449 27.39 -16.40 -18.48
CA ASN D 449 27.16 -17.37 -19.54
C ASN D 449 25.68 -17.73 -19.61
N THR D 450 25.15 -17.83 -20.81
CA THR D 450 23.80 -18.31 -20.98
C THR D 450 23.73 -19.79 -20.59
N PRO D 451 22.94 -20.16 -19.59
CA PRO D 451 22.90 -21.57 -19.18
C PRO D 451 22.30 -22.44 -20.27
N VAL D 452 22.96 -23.57 -20.52
CA VAL D 452 22.53 -24.53 -21.54
C VAL D 452 22.05 -25.79 -20.82
N PRO D 453 20.80 -26.19 -21.04
CA PRO D 453 20.26 -27.33 -20.30
C PRO D 453 20.81 -28.66 -20.78
N ALA D 454 20.66 -29.67 -19.93
CA ALA D 454 20.96 -31.04 -20.31
C ALA D 454 19.76 -31.66 -21.02
N ASP D 455 19.77 -32.97 -21.19
CA ASP D 455 18.67 -33.64 -21.86
C ASP D 455 17.39 -33.52 -21.03
N PRO D 456 16.36 -32.88 -21.53
CA PRO D 456 15.11 -32.79 -20.79
C PRO D 456 14.36 -34.10 -20.84
N PRO D 457 13.63 -34.47 -19.79
CA PRO D 457 12.89 -35.73 -19.81
C PRO D 457 11.83 -35.71 -20.89
N THR D 458 11.36 -36.91 -21.24
CA THR D 458 10.41 -37.05 -22.34
C THR D 458 9.05 -36.42 -22.06
N ALA D 459 8.39 -36.79 -20.96
CA ALA D 459 7.09 -36.25 -20.61
C ALA D 459 7.25 -34.95 -19.85
N PHE D 460 6.34 -34.01 -20.09
CA PHE D 460 6.51 -32.65 -19.59
C PHE D 460 6.47 -32.59 -18.07
N ASN D 461 7.42 -31.86 -17.50
CA ASN D 461 7.52 -31.58 -16.08
C ASN D 461 7.63 -30.08 -15.88
N LYS D 462 6.67 -29.51 -15.16
CA LYS D 462 6.61 -28.06 -15.01
C LYS D 462 7.76 -27.48 -14.21
N ASP D 463 8.44 -28.28 -13.40
CA ASP D 463 9.50 -27.76 -12.55
C ASP D 463 10.64 -27.20 -13.39
N LYS D 464 11.15 -26.05 -12.96
CA LYS D 464 12.25 -25.43 -13.68
C LYS D 464 13.46 -26.35 -13.67
N LEU D 465 14.30 -26.20 -14.69
CA LEU D 465 15.34 -27.18 -14.96
C LEU D 465 16.51 -26.98 -14.01
N ASN D 466 16.88 -28.03 -13.27
CA ASN D 466 18.03 -28.01 -12.40
C ASN D 466 19.28 -28.67 -12.99
N SER D 467 19.22 -29.13 -14.24
CA SER D 467 20.31 -29.89 -14.86
C SER D 467 20.93 -29.09 -16.00
N PHE D 468 22.24 -28.89 -15.93
CA PHE D 468 22.96 -28.03 -16.88
C PHE D 468 24.31 -28.65 -17.24
N ILE D 469 24.86 -28.21 -18.36
CA ILE D 469 26.12 -28.73 -18.87
C ILE D 469 27.28 -27.97 -18.24
N THR D 470 28.24 -28.71 -17.71
CA THR D 470 29.42 -28.08 -17.11
C THR D 470 30.13 -27.23 -18.15
N GLN D 471 30.38 -25.97 -17.83
CA GLN D 471 30.83 -25.04 -18.84
C GLN D 471 31.49 -23.83 -18.20
N TYR D 472 32.35 -23.17 -18.98
CA TYR D 472 32.87 -21.85 -18.65
C TYR D 472 33.30 -21.18 -19.95
N SER D 473 33.49 -19.87 -19.91
CA SER D 473 33.86 -19.11 -21.10
C SER D 473 35.13 -18.32 -20.84
N THR D 474 35.80 -17.97 -21.94
CA THR D 474 37.03 -17.17 -21.89
C THR D 474 37.07 -16.26 -23.11
N GLY D 475 37.86 -15.20 -23.00
CA GLY D 475 37.92 -14.24 -24.08
C GLY D 475 38.91 -13.13 -23.78
N GLN D 476 38.80 -12.05 -24.56
CA GLN D 476 39.71 -10.92 -24.47
C GLN D 476 38.96 -9.67 -24.03
N VAL D 477 39.59 -8.89 -23.16
CA VAL D 477 39.03 -7.64 -22.68
C VAL D 477 40.06 -6.53 -22.84
N SER D 478 39.67 -5.49 -23.57
CA SER D 478 40.50 -4.31 -23.73
C SER D 478 39.78 -3.10 -23.14
N VAL D 479 40.51 -2.30 -22.36
CA VAL D 479 39.92 -1.12 -21.76
C VAL D 479 40.78 0.12 -22.00
N SER E 223 28.46 44.45 4.96
CA SER E 223 28.71 45.78 5.50
C SER E 223 27.49 46.30 6.23
N TYR E 224 27.13 45.62 7.31
CA TYR E 224 25.91 45.91 8.05
C TYR E 224 25.85 45.03 9.29
N ALA E 225 24.86 45.27 10.14
CA ALA E 225 24.62 44.47 11.33
C ALA E 225 23.14 44.20 11.46
N HIS E 226 22.81 42.94 11.71
CA HIS E 226 21.40 42.53 11.72
C HIS E 226 20.64 43.20 12.84
N SER E 227 19.41 43.60 12.52
CA SER E 227 18.45 44.09 13.49
C SER E 227 17.61 42.97 14.07
N GLN E 228 17.91 41.72 13.73
CA GLN E 228 17.23 40.56 14.27
C GLN E 228 18.24 39.57 14.83
N SER E 229 17.73 38.64 15.63
CA SER E 229 18.53 37.53 16.12
C SER E 229 18.00 36.22 15.54
N LEU E 230 18.90 35.24 15.44
CA LEU E 230 18.56 34.01 14.72
C LEU E 230 17.39 33.29 15.38
N ASP E 231 17.26 33.41 16.70
CA ASP E 231 16.19 32.74 17.44
C ASP E 231 14.87 33.48 17.37
N ARG E 232 14.87 34.80 17.18
CA ARG E 232 13.68 35.64 17.31
C ARG E 232 12.95 35.89 15.99
N LEU E 233 13.30 35.15 14.93
CA LEU E 233 12.69 35.33 13.62
C LEU E 233 11.19 35.07 13.60
N MET E 234 10.62 34.63 14.72
CA MET E 234 9.23 34.25 14.84
C MET E 234 8.28 35.43 14.84
N ASN E 235 7.02 35.14 14.50
CA ASN E 235 5.93 36.09 14.68
C ASN E 235 5.47 36.05 16.13
N PRO E 236 5.60 37.14 16.89
CA PRO E 236 5.27 37.11 18.32
C PRO E 236 3.79 36.93 18.63
N LEU E 237 2.90 37.08 17.66
CA LEU E 237 1.47 37.14 17.95
C LEU E 237 0.74 35.82 17.76
N ILE E 238 1.42 34.77 17.28
CA ILE E 238 0.74 33.56 16.82
C ILE E 238 1.48 32.34 17.34
N ASP E 239 0.72 31.35 17.82
CA ASP E 239 1.29 30.06 18.19
C ASP E 239 1.73 29.29 16.95
N GLN E 240 2.81 28.53 17.12
CA GLN E 240 3.17 27.48 16.17
C GLN E 240 2.13 26.36 16.22
N TYR E 241 2.12 25.53 15.19
CA TYR E 241 1.31 24.32 15.27
C TYR E 241 2.09 23.17 15.89
N LEU E 242 3.36 23.41 16.23
CA LEU E 242 4.20 22.37 16.79
C LEU E 242 3.94 22.19 18.29
N TYR E 243 4.27 21.00 18.78
CA TYR E 243 4.17 20.64 20.18
C TYR E 243 5.54 20.19 20.68
N TYR E 244 5.86 20.56 21.92
CA TYR E 244 7.10 20.14 22.57
C TYR E 244 6.75 19.38 23.83
N LEU E 245 7.78 18.99 24.58
CA LEU E 245 7.59 18.18 25.78
C LEU E 245 7.67 19.12 26.99
N SER E 246 6.52 19.42 27.56
CA SER E 246 6.43 20.44 28.60
C SER E 246 6.83 19.90 29.97
N LYS E 247 6.23 18.78 30.38
CA LYS E 247 6.31 18.34 31.77
C LYS E 247 6.41 16.82 31.84
N THR E 248 7.42 16.32 32.56
CA THR E 248 7.63 14.90 32.69
C THR E 248 7.13 14.27 33.99
N ILE E 249 6.58 15.05 34.91
CA ILE E 249 6.06 14.50 36.17
C ILE E 249 4.74 15.19 36.51
N ASN E 250 3.78 14.43 37.02
CA ASN E 250 2.59 15.04 37.58
C ASN E 250 2.95 15.93 38.75
N GLY E 251 3.84 15.47 39.62
CA GLY E 251 4.29 16.28 40.73
C GLY E 251 5.21 15.47 41.62
N SER E 252 5.67 16.13 42.69
CA SER E 252 6.49 15.44 43.68
C SER E 252 5.76 14.21 44.20
N GLY E 253 6.51 13.14 44.39
CA GLY E 253 5.93 11.87 44.76
C GLY E 253 6.87 10.74 44.37
N GLN E 254 6.28 9.57 44.16
CA GLN E 254 7.01 8.37 43.80
C GLN E 254 6.23 7.59 42.76
N ASN E 255 6.91 7.22 41.67
CA ASN E 255 6.28 6.62 40.50
C ASN E 255 5.28 7.56 39.85
N GLN E 256 5.72 8.80 39.62
CA GLN E 256 4.91 9.84 39.01
C GLN E 256 5.15 10.00 37.50
N GLN E 257 5.95 9.13 36.90
CA GLN E 257 6.40 9.33 35.52
C GLN E 257 5.22 9.54 34.58
N THR E 258 5.29 10.59 33.78
CA THR E 258 4.28 10.86 32.75
C THR E 258 4.88 11.78 31.70
N LEU E 259 4.20 11.87 30.56
CA LEU E 259 4.63 12.74 29.46
C LEU E 259 3.50 13.66 29.04
N LYS E 260 3.70 14.96 29.25
CA LYS E 260 2.73 15.98 28.88
C LYS E 260 3.33 16.85 27.78
N PHE E 261 2.50 17.20 26.80
CA PHE E 261 2.91 18.05 25.69
C PHE E 261 2.09 19.33 25.72
N SER E 262 2.68 20.41 25.22
CA SER E 262 2.02 21.71 25.17
C SER E 262 2.31 22.38 23.84
N VAL E 263 1.75 23.57 23.66
CA VAL E 263 2.05 24.36 22.46
C VAL E 263 3.14 25.38 22.78
N ALA E 264 4.09 25.50 21.85
CA ALA E 264 5.04 26.59 21.92
C ALA E 264 4.42 27.84 21.31
N GLY E 265 4.68 28.98 21.93
CA GLY E 265 4.03 30.21 21.54
C GLY E 265 4.73 31.44 22.08
N PRO E 266 4.03 32.58 22.03
CA PRO E 266 4.63 33.83 22.54
C PRO E 266 5.05 33.74 23.99
N SER E 267 4.33 32.94 24.79
CA SER E 267 4.67 32.81 26.20
C SER E 267 6.07 32.24 26.38
N ASN E 268 6.31 31.05 25.83
CA ASN E 268 7.62 30.41 25.89
C ASN E 268 8.16 30.37 24.47
N MET E 269 9.11 31.27 24.17
CA MET E 269 9.71 31.30 22.84
C MET E 269 10.89 30.34 22.74
N ALA E 270 11.60 30.13 23.85
CA ALA E 270 12.87 29.43 23.79
C ALA E 270 12.72 28.01 23.28
N VAL E 271 11.53 27.42 23.44
CA VAL E 271 11.37 26.01 23.11
C VAL E 271 10.79 25.83 21.72
N GLN E 272 10.47 26.92 21.04
CA GLN E 272 9.89 26.80 19.70
C GLN E 272 10.88 26.18 18.75
N GLY E 273 10.37 25.45 17.77
CA GLY E 273 11.22 24.91 16.74
C GLY E 273 11.69 26.00 15.79
N ARG E 274 12.92 25.86 15.32
CA ARG E 274 13.55 26.87 14.48
C ARG E 274 14.26 26.18 13.33
N ASN E 275 14.36 26.89 12.20
CA ASN E 275 14.95 26.35 10.98
C ASN E 275 16.47 26.41 10.96
N TYR E 276 17.08 27.45 11.51
CA TYR E 276 18.51 27.66 11.36
C TYR E 276 19.14 27.91 12.72
N ILE E 277 20.35 27.38 12.89
CA ILE E 277 21.02 27.42 14.19
C ILE E 277 22.32 28.19 14.03
N PRO E 278 22.75 28.90 15.06
CA PRO E 278 23.88 29.81 14.93
C PRO E 278 25.18 29.09 14.59
N GLY E 279 26.06 29.83 13.94
CA GLY E 279 27.24 29.28 13.30
C GLY E 279 28.21 28.63 14.27
N PRO E 280 29.25 28.00 13.73
CA PRO E 280 30.15 27.21 14.56
C PRO E 280 30.94 28.06 15.54
N SER E 281 31.51 27.36 16.54
CA SER E 281 32.25 28.02 17.60
C SER E 281 33.38 27.14 18.08
N TYR E 282 34.47 27.79 18.49
CA TYR E 282 35.64 27.15 19.07
C TYR E 282 36.05 28.00 20.25
N ARG E 283 35.77 27.53 21.46
CA ARG E 283 35.98 28.30 22.70
C ARG E 283 37.31 28.99 22.97
N GLN E 284 37.24 30.26 23.37
CA GLN E 284 38.41 31.02 23.77
C GLN E 284 38.39 31.24 25.28
N GLN E 285 39.57 31.50 25.83
CA GLN E 285 39.65 31.91 27.23
C GLN E 285 39.32 33.39 27.34
N ARG E 286 38.65 33.76 28.43
CA ARG E 286 38.11 35.10 28.61
C ARG E 286 39.05 35.91 29.47
N VAL E 287 39.33 37.15 29.06
CA VAL E 287 40.23 38.04 29.78
C VAL E 287 39.50 39.36 30.02
N SER E 288 39.68 39.92 31.21
CA SER E 288 39.03 41.16 31.59
C SER E 288 40.00 42.34 31.52
N THR E 289 39.50 43.48 31.07
CA THR E 289 40.29 44.70 31.07
C THR E 289 40.52 45.25 32.47
N THR E 290 39.60 45.02 33.40
CA THR E 290 39.82 45.26 34.82
C THR E 290 40.63 44.09 35.35
N VAL E 291 41.83 44.37 35.87
CA VAL E 291 42.76 43.27 36.10
C VAL E 291 42.57 42.63 37.47
N THR E 292 41.84 43.28 38.37
CA THR E 292 41.58 42.67 39.67
C THR E 292 40.69 41.45 39.54
N GLN E 293 39.87 41.39 38.49
CA GLN E 293 39.00 40.27 38.25
C GLN E 293 39.74 39.01 37.82
N ASN E 294 40.84 39.19 37.09
CA ASN E 294 41.61 38.06 36.60
C ASN E 294 42.35 37.29 37.67
N ASN E 295 42.65 36.02 37.37
CA ASN E 295 43.37 35.15 38.28
C ASN E 295 44.82 35.59 38.40
N ASN E 296 45.43 35.35 39.55
CA ASN E 296 46.83 35.72 39.79
C ASN E 296 47.81 34.68 39.28
N SER E 297 47.88 34.51 37.96
CA SER E 297 48.81 33.54 37.38
C SER E 297 49.13 33.88 35.93
N GLU E 298 50.22 33.32 35.41
CA GLU E 298 50.61 33.56 34.04
C GLU E 298 49.84 32.59 33.15
N PHE E 299 48.61 32.94 32.84
CA PHE E 299 47.74 32.09 32.03
C PHE E 299 47.68 32.37 30.52
N ALA E 300 48.40 33.38 30.05
CA ALA E 300 48.39 33.74 28.63
C ALA E 300 48.63 32.57 27.68
N TRP E 301 49.83 32.01 27.73
CA TRP E 301 50.18 30.86 26.89
C TRP E 301 49.52 29.56 27.36
N PRO E 302 49.62 29.16 28.64
CA PRO E 302 49.06 27.84 29.00
C PRO E 302 47.56 27.73 28.80
N GLY E 303 46.86 28.85 28.74
CA GLY E 303 45.42 28.81 28.55
C GLY E 303 45.03 29.14 27.12
N ALA E 304 46.02 29.23 26.24
CA ALA E 304 45.79 29.58 24.85
C ALA E 304 45.12 28.41 24.13
N SER E 305 44.22 28.74 23.22
CA SER E 305 43.66 27.71 22.35
C SER E 305 44.52 27.60 21.10
N SER E 306 45.19 26.48 20.95
CA SER E 306 46.18 26.29 19.90
C SER E 306 45.80 25.09 19.06
N TRP E 307 46.40 25.01 17.88
CA TRP E 307 46.24 23.84 17.02
C TRP E 307 47.60 23.27 16.65
N ALA E 308 47.73 21.96 16.83
CA ALA E 308 48.99 21.26 16.66
C ALA E 308 49.13 20.81 15.21
N LEU E 309 50.30 21.10 14.63
CA LEU E 309 50.60 20.73 13.26
C LEU E 309 52.04 20.25 13.21
N ASN E 310 52.24 19.00 12.78
CA ASN E 310 53.56 18.38 12.74
C ASN E 310 54.30 18.60 14.05
N GLY E 311 53.59 18.45 15.16
CA GLY E 311 54.13 18.71 16.47
C GLY E 311 54.39 20.17 16.79
N ARG E 312 53.85 21.10 16.01
CA ARG E 312 54.00 22.52 16.27
C ARG E 312 52.66 23.14 16.63
N ASN E 313 52.58 23.71 17.83
CA ASN E 313 51.33 24.26 18.33
C ASN E 313 51.26 25.75 17.99
N SER E 314 50.33 26.11 17.12
CA SER E 314 50.08 27.49 16.74
C SER E 314 48.84 28.00 17.43
N LEU E 315 48.95 29.16 18.08
CA LEU E 315 47.82 29.80 18.71
C LEU E 315 46.71 30.06 17.70
N MET E 316 45.45 29.99 18.15
CA MET E 316 44.30 30.18 17.27
C MET E 316 43.98 31.67 17.28
N ASN E 317 44.31 32.35 16.18
CA ASN E 317 44.20 33.80 16.12
C ASN E 317 43.81 34.22 14.70
N PRO E 318 42.88 35.17 14.58
CA PRO E 318 41.97 35.69 15.60
C PRO E 318 40.97 34.62 16.01
N GLY E 319 40.88 33.58 15.19
CA GLY E 319 39.98 32.49 15.42
C GLY E 319 38.79 32.56 14.47
N PRO E 320 37.92 31.55 14.51
CA PRO E 320 36.64 31.68 13.81
C PRO E 320 35.87 32.87 14.34
N ALA E 321 35.09 33.49 13.47
CA ALA E 321 34.33 34.67 13.85
C ALA E 321 33.33 34.31 14.94
N MET E 322 33.42 35.00 16.06
CA MET E 322 32.54 34.79 17.21
C MET E 322 32.41 36.10 17.96
N ALA E 323 31.25 36.32 18.55
CA ALA E 323 31.04 37.52 19.35
C ALA E 323 32.08 37.57 20.46
N SER E 324 32.79 38.69 20.52
CA SER E 324 33.83 38.85 21.53
C SER E 324 33.26 38.79 22.94
N HIS E 325 32.02 39.19 23.12
CA HIS E 325 31.45 39.27 24.46
C HIS E 325 29.93 39.20 24.36
N LYS E 326 29.31 38.84 25.47
CA LYS E 326 27.85 38.86 25.55
C LYS E 326 27.34 40.30 25.55
N GLU E 327 26.08 40.46 25.18
CA GLU E 327 25.48 41.78 25.23
C GLU E 327 25.40 42.27 26.67
N GLY E 328 25.90 43.49 26.89
CA GLY E 328 25.96 44.07 28.20
C GLY E 328 27.33 44.06 28.85
N GLU E 329 28.22 43.17 28.43
CA GLU E 329 29.56 43.04 29.01
C GLU E 329 30.59 43.45 27.96
N ASP E 330 31.16 44.64 28.09
CA ASP E 330 32.27 45.05 27.23
C ASP E 330 33.62 44.94 27.92
N ARG E 331 33.65 44.62 29.21
CA ARG E 331 34.90 44.60 29.95
C ARG E 331 35.68 43.32 29.75
N PHE E 332 35.04 42.27 29.24
CA PHE E 332 35.72 41.03 28.91
C PHE E 332 35.99 40.98 27.41
N PHE E 333 37.20 40.54 27.06
CA PHE E 333 37.55 40.33 25.67
C PHE E 333 38.18 38.96 25.54
N PRO E 334 37.91 38.25 24.46
CA PRO E 334 38.53 36.94 24.26
C PRO E 334 40.04 37.09 24.12
N LEU E 335 40.76 36.12 24.66
CA LEU E 335 42.21 36.18 24.76
C LEU E 335 42.83 36.39 23.38
N SER E 336 42.75 35.37 22.52
CA SER E 336 43.26 35.45 21.17
C SER E 336 42.19 35.85 20.16
N GLY E 337 41.00 36.20 20.62
CA GLY E 337 39.96 36.64 19.71
C GLY E 337 40.02 38.12 19.36
N GLU E 362 31.26 42.45 18.00
CA GLU E 362 30.02 42.41 18.77
C GLU E 362 28.81 42.59 17.87
N GLU E 363 29.04 42.83 16.58
CA GLU E 363 27.94 42.96 15.65
C GLU E 363 27.42 41.60 15.21
N ILE E 364 28.31 40.62 15.09
CA ILE E 364 27.98 39.30 14.56
C ILE E 364 27.25 38.47 15.60
N LYS E 365 27.13 38.99 16.81
CA LYS E 365 26.56 38.22 17.93
C LYS E 365 25.19 37.68 17.62
N THR E 366 24.49 38.23 16.63
CA THR E 366 23.14 37.78 16.30
C THR E 366 23.15 36.37 15.70
N THR E 367 23.97 36.14 14.68
CA THR E 367 24.08 34.80 14.10
C THR E 367 25.31 34.04 14.58
N ASN E 368 26.22 34.67 15.31
CA ASN E 368 27.46 34.04 15.74
C ASN E 368 27.48 33.92 17.27
N PRO E 369 27.69 32.73 17.81
CA PRO E 369 27.82 32.60 19.27
C PRO E 369 28.99 33.41 19.82
N VAL E 370 28.91 33.69 21.11
CA VAL E 370 29.95 34.41 21.82
C VAL E 370 31.19 33.53 21.90
N ALA E 371 32.37 34.14 21.83
CA ALA E 371 33.63 33.41 21.76
C ALA E 371 33.98 32.72 23.07
N THR E 372 33.46 33.22 24.18
CA THR E 372 33.78 32.68 25.50
C THR E 372 32.77 31.67 26.01
N GLU E 373 31.69 31.42 25.27
CA GLU E 373 30.58 30.61 25.74
C GLU E 373 30.54 29.28 25.01
N SER E 374 30.17 28.23 25.74
CA SER E 374 29.92 26.94 25.12
C SER E 374 28.83 27.06 24.08
N TYR E 375 28.92 26.25 23.03
CA TYR E 375 27.94 26.32 21.96
C TYR E 375 26.56 25.86 22.45
N GLY E 376 26.54 25.01 23.46
CA GLY E 376 25.29 24.53 24.01
C GLY E 376 25.56 23.38 24.95
N GLN E 377 24.54 22.56 25.14
CA GLN E 377 24.67 21.33 25.91
C GLN E 377 24.24 20.15 25.04
N VAL E 378 24.76 18.98 25.37
CA VAL E 378 24.37 17.73 24.71
C VAL E 378 24.18 16.66 25.76
N ALA E 379 23.06 15.95 25.68
CA ALA E 379 22.78 14.83 26.57
C ALA E 379 23.89 13.79 26.43
N THR E 380 24.47 13.38 27.56
CA THR E 380 25.58 12.44 27.50
C THR E 380 25.19 10.99 27.79
N ASN E 381 23.93 10.72 28.12
CA ASN E 381 23.52 9.35 28.38
C ASN E 381 22.02 9.21 28.20
N HIS E 382 21.60 7.96 28.07
CA HIS E 382 20.18 7.66 28.16
C HIS E 382 19.70 7.82 29.60
N GLN E 383 18.40 7.97 29.76
CA GLN E 383 17.77 8.00 31.06
C GLN E 383 17.11 6.65 31.33
N SER E 384 17.24 6.16 32.56
CA SER E 384 16.57 4.95 32.97
C SER E 384 15.68 5.27 34.16
N ALA E 385 14.98 4.25 34.63
CA ALA E 385 14.27 4.40 35.90
C ALA E 385 15.26 4.61 37.04
N GLN E 386 16.43 3.97 36.95
CA GLN E 386 17.42 4.10 38.01
C GLN E 386 18.51 5.10 37.65
N ALA E 387 18.45 5.69 36.46
CA ALA E 387 19.53 6.52 35.98
C ALA E 387 19.02 7.86 35.46
N GLN E 388 19.45 8.94 36.11
CA GLN E 388 19.01 10.28 35.73
C GLN E 388 19.68 10.76 34.45
N ALA E 389 19.05 11.74 33.83
CA ALA E 389 19.57 12.33 32.60
C ALA E 389 20.80 13.18 32.89
N GLN E 390 21.82 13.01 32.06
CA GLN E 390 23.06 13.76 32.16
C GLN E 390 23.23 14.61 30.91
N THR E 391 23.96 15.71 31.05
CA THR E 391 24.35 16.56 29.93
C THR E 391 25.79 17.00 30.12
N GLY E 392 26.33 17.58 29.06
CA GLY E 392 27.67 18.13 29.09
C GLY E 392 27.74 19.35 28.20
N TRP E 393 28.87 20.05 28.27
CA TRP E 393 29.01 21.28 27.51
C TRP E 393 29.71 21.03 26.19
N VAL E 394 29.25 21.73 25.16
CA VAL E 394 29.85 21.67 23.83
C VAL E 394 30.89 22.76 23.76
N GLN E 395 32.16 22.38 23.75
CA GLN E 395 33.23 23.37 23.76
C GLN E 395 33.48 23.93 22.37
N ASN E 396 33.50 23.05 21.37
CA ASN E 396 33.55 23.45 19.97
C ASN E 396 32.56 22.61 19.19
N GLN E 397 32.07 23.14 18.07
CA GLN E 397 31.17 22.43 17.18
C GLN E 397 31.51 22.80 15.76
N GLY E 398 31.67 21.79 14.91
CA GLY E 398 31.95 22.01 13.51
C GLY E 398 30.72 22.46 12.76
N ILE E 399 30.74 22.29 11.45
CA ILE E 399 29.60 22.68 10.64
C ILE E 399 28.48 21.66 10.82
N LEU E 400 27.24 22.13 10.70
CA LEU E 400 26.03 21.34 10.70
C LEU E 400 25.10 21.86 9.62
N PRO E 401 24.37 20.98 8.93
CA PRO E 401 23.38 21.46 7.95
C PRO E 401 22.34 22.35 8.62
N GLY E 402 22.11 23.51 8.03
CA GLY E 402 21.22 24.48 8.61
C GLY E 402 21.89 25.58 9.39
N MET E 403 23.23 25.60 9.44
CA MET E 403 23.93 26.72 10.06
C MET E 403 23.92 27.94 9.17
N VAL E 404 23.93 29.11 9.80
CA VAL E 404 24.21 30.38 9.14
C VAL E 404 25.13 31.16 10.08
N TRP E 405 26.04 31.93 9.49
CA TRP E 405 26.97 32.70 10.32
C TRP E 405 27.46 33.90 9.55
N GLN E 406 27.83 34.94 10.30
CA GLN E 406 28.51 36.12 9.79
C GLN E 406 30.01 35.94 9.88
N ASP E 407 30.72 36.52 8.91
CA ASP E 407 32.17 36.50 8.90
C ASP E 407 32.71 37.59 9.80
N ARG E 408 34.02 37.80 9.77
CA ARG E 408 34.63 38.85 10.57
C ARG E 408 34.68 40.15 9.77
N ASP E 409 34.46 41.25 10.49
CA ASP E 409 34.31 42.56 9.85
C ASP E 409 35.62 43.08 9.30
N ILE E 420 43.85 32.63 -0.67
CA ILE E 420 43.41 31.24 -0.58
C ILE E 420 44.52 30.30 -1.02
N PRO E 421 45.01 29.48 -0.07
CA PRO E 421 46.09 28.56 -0.39
C PRO E 421 45.68 27.58 -1.48
N HIS E 422 46.68 26.93 -2.07
CA HIS E 422 46.43 25.91 -3.07
C HIS E 422 46.40 24.56 -2.36
N THR E 423 45.22 23.95 -2.27
CA THR E 423 45.02 22.68 -1.59
C THR E 423 43.97 21.87 -2.33
N ASP E 424 43.88 20.59 -2.00
CA ASP E 424 42.84 19.75 -2.59
C ASP E 424 41.45 20.28 -2.29
N GLY E 425 41.19 20.65 -1.03
CA GLY E 425 39.87 21.11 -0.66
C GLY E 425 39.92 22.11 0.48
N ASN E 426 38.85 22.89 0.59
CA ASN E 426 38.72 23.93 1.58
C ASN E 426 37.23 24.22 1.79
N PHE E 427 36.91 24.91 2.87
CA PHE E 427 35.54 25.29 3.14
C PHE E 427 35.47 26.74 3.59
N HIS E 428 34.62 27.51 2.91
CA HIS E 428 34.40 28.92 3.17
C HIS E 428 35.74 29.62 3.26
N PRO E 429 36.46 29.70 2.13
CA PRO E 429 37.88 30.08 2.16
C PRO E 429 38.16 31.50 2.63
N SER E 430 37.12 32.32 2.80
CA SER E 430 37.30 33.69 3.25
C SER E 430 38.23 33.73 4.45
N PRO E 431 39.23 34.63 4.45
CA PRO E 431 40.28 34.56 5.47
C PRO E 431 39.80 34.98 6.84
N LEU E 432 40.43 34.40 7.86
CA LEU E 432 40.05 34.69 9.24
C LEU E 432 40.72 35.99 9.69
N VAL F 19 -20.39 46.63 -8.44
CA VAL F 19 -20.94 46.01 -7.24
C VAL F 19 -21.64 44.71 -7.58
N GLY F 20 -22.48 44.74 -8.61
CA GLY F 20 -23.19 43.58 -9.10
C GLY F 20 -22.37 42.71 -10.03
N SER F 21 -21.06 42.85 -10.03
CA SER F 21 -20.16 42.06 -10.86
C SER F 21 -19.36 41.11 -9.99
N SER F 22 -19.21 39.88 -10.45
CA SER F 22 -18.34 38.92 -9.79
C SER F 22 -16.95 38.98 -10.44
N SER F 23 -15.93 39.14 -9.61
CA SER F 23 -14.57 39.39 -10.07
C SER F 23 -13.72 38.13 -10.17
N GLY F 24 -14.27 36.98 -9.79
CA GLY F 24 -13.56 35.73 -9.95
C GLY F 24 -14.47 34.56 -9.64
N ASN F 25 -14.13 33.41 -10.21
CA ASN F 25 -14.88 32.19 -9.98
C ASN F 25 -14.19 31.36 -8.90
N TRP F 26 -14.79 30.24 -8.56
CA TRP F 26 -14.26 29.35 -7.53
C TRP F 26 -13.45 28.23 -8.16
N HIS F 27 -12.14 28.35 -8.22
CA HIS F 27 -11.33 27.30 -8.84
C HIS F 27 -10.59 26.44 -7.82
N CYS F 28 -11.01 25.18 -7.70
CA CYS F 28 -10.35 24.24 -6.80
C CYS F 28 -10.27 22.88 -7.46
N ASP F 29 -9.07 22.45 -7.83
CA ASP F 29 -8.83 21.16 -8.49
C ASP F 29 -7.35 20.87 -8.60
N SER F 30 -7.01 19.73 -9.21
CA SER F 30 -5.63 19.37 -9.46
C SER F 30 -5.54 18.63 -10.78
N GLN F 31 -4.49 18.95 -11.55
CA GLN F 31 -4.28 18.32 -12.84
C GLN F 31 -2.97 17.56 -12.81
N TRP F 32 -2.95 16.38 -13.41
CA TRP F 32 -1.75 15.56 -13.47
C TRP F 32 -1.29 15.52 -14.91
N LEU F 33 -0.21 16.24 -15.20
CA LEU F 33 0.29 16.41 -16.57
C LEU F 33 1.78 16.11 -16.57
N GLY F 34 2.16 15.00 -17.19
CA GLY F 34 3.57 14.70 -17.39
C GLY F 34 4.39 14.71 -16.12
N ASP F 35 5.43 15.54 -16.11
CA ASP F 35 6.28 15.73 -14.95
C ASP F 35 5.76 16.81 -14.01
N ARG F 36 4.58 17.34 -14.26
CA ARG F 36 4.06 18.46 -13.51
C ARG F 36 2.74 18.09 -12.83
N VAL F 37 2.46 18.79 -11.74
CA VAL F 37 1.20 18.68 -11.03
C VAL F 37 0.77 20.09 -10.66
N ILE F 38 -0.46 20.44 -10.99
CA ILE F 38 -0.96 21.79 -10.81
C ILE F 38 -2.09 21.75 -9.79
N THR F 39 -1.87 22.34 -8.62
CA THR F 39 -2.82 22.31 -7.54
C THR F 39 -3.40 23.69 -7.29
N THR F 40 -4.72 23.80 -7.40
CA THR F 40 -5.41 25.06 -7.19
C THR F 40 -6.27 24.94 -5.93
N SER F 41 -6.02 25.81 -4.96
CA SER F 41 -6.79 25.82 -3.72
C SER F 41 -7.43 27.18 -3.53
N THR F 42 -8.75 27.20 -3.44
CA THR F 42 -9.52 28.39 -3.12
C THR F 42 -10.09 28.26 -1.72
N ARG F 43 -10.05 29.35 -0.97
CA ARG F 43 -10.64 29.40 0.36
C ARG F 43 -11.33 30.74 0.54
N THR F 44 -12.15 30.83 1.58
CA THR F 44 -12.80 32.07 1.99
C THR F 44 -12.17 32.55 3.29
N TRP F 45 -11.95 33.85 3.39
CA TRP F 45 -11.32 34.45 4.56
C TRP F 45 -12.21 35.54 5.15
N ALA F 46 -11.94 35.89 6.40
CA ALA F 46 -12.62 36.98 7.08
C ALA F 46 -11.60 37.77 7.89
N LEU F 47 -11.48 39.07 7.60
CA LEU F 47 -10.41 39.88 8.16
C LEU F 47 -10.97 40.98 9.05
N PRO F 48 -10.78 40.91 10.35
CA PRO F 48 -11.19 41.99 11.25
C PRO F 48 -10.11 43.07 11.33
N THR F 49 -10.29 43.98 12.30
CA THR F 49 -9.36 45.08 12.52
C THR F 49 -8.40 44.75 13.66
N TYR F 50 -7.11 44.76 13.36
CA TYR F 50 -6.13 44.46 14.38
C TYR F 50 -5.57 45.73 14.99
N ASN F 51 -5.41 45.70 16.31
CA ASN F 51 -4.79 46.77 17.09
C ASN F 51 -5.47 48.12 16.92
N ASN F 52 -6.71 48.14 16.45
CA ASN F 52 -7.41 49.39 16.15
C ASN F 52 -6.54 50.32 15.32
N HIS F 53 -6.00 49.81 14.21
CA HIS F 53 -5.24 50.58 13.23
C HIS F 53 -3.94 51.13 13.81
N LEU F 54 -3.43 50.55 14.89
CA LEU F 54 -2.30 51.11 15.62
C LEU F 54 -1.08 50.21 15.50
N TYR F 55 0.09 50.83 15.57
CA TYR F 55 1.34 50.09 15.63
C TYR F 55 1.87 50.14 17.06
N LYS F 56 1.77 49.02 17.77
CA LYS F 56 2.01 49.03 19.20
C LYS F 56 3.24 48.20 19.54
N GLN F 57 4.16 48.81 20.29
CA GLN F 57 5.33 48.13 20.82
C GLN F 57 4.94 47.05 21.80
N ILE F 58 5.52 45.86 21.62
CA ILE F 58 5.30 44.73 22.51
C ILE F 58 6.66 44.23 22.98
N SER F 59 6.66 43.63 24.16
CA SER F 59 7.87 43.02 24.71
C SER F 59 7.44 41.97 25.72
N ASN F 60 8.42 41.45 26.45
CA ASN F 60 8.14 40.54 27.56
C ASN F 60 7.62 41.30 28.77
N SER F 61 7.78 42.63 28.76
CA SER F 61 7.47 43.41 29.96
C SER F 61 5.97 43.51 30.18
N THR F 62 5.17 43.54 29.10
CA THR F 62 3.73 43.40 29.28
C THR F 62 3.35 41.94 29.47
N SER F 63 4.21 41.02 29.05
CA SER F 63 4.07 39.62 29.38
C SER F 63 4.63 39.29 30.76
N GLY F 64 5.43 40.19 31.34
CA GLY F 64 6.01 40.01 32.65
C GLY F 64 7.46 39.58 32.64
N GLY F 65 7.91 38.92 31.58
CA GLY F 65 9.29 38.52 31.46
C GLY F 65 9.78 37.63 32.59
N SER F 66 9.03 36.58 32.91
CA SER F 66 9.43 35.70 33.99
C SER F 66 10.68 34.89 33.64
N SER F 67 11.03 34.81 32.37
CA SER F 67 12.19 34.05 31.92
C SER F 67 13.09 34.93 31.07
N ASN F 68 14.40 34.76 31.21
CA ASN F 68 15.34 35.43 30.32
C ASN F 68 15.26 34.87 28.91
N ASP F 69 15.41 33.55 28.76
CA ASP F 69 15.44 32.97 27.43
C ASP F 69 14.16 33.25 26.66
N ASN F 70 13.11 33.64 27.37
CA ASN F 70 11.84 34.05 26.78
C ASN F 70 11.73 35.55 26.60
N ALA F 71 12.80 36.30 26.86
CA ALA F 71 12.77 37.75 26.69
C ALA F 71 12.75 38.14 25.22
N TYR F 72 11.74 38.93 24.84
CA TYR F 72 11.62 39.37 23.45
C TYR F 72 11.16 40.82 23.41
N PHE F 73 11.28 41.42 22.23
CA PHE F 73 10.87 42.79 21.98
C PHE F 73 10.50 42.96 20.51
N GLY F 74 9.54 43.84 20.24
CA GLY F 74 9.14 44.07 18.88
C GLY F 74 7.87 44.89 18.81
N TYR F 75 7.25 44.87 17.62
CA TYR F 75 6.08 45.69 17.36
C TYR F 75 4.98 44.82 16.77
N SER F 76 3.76 45.05 17.20
CA SER F 76 2.58 44.36 16.70
C SER F 76 1.74 45.32 15.86
N THR F 77 1.55 44.97 14.59
CA THR F 77 1.05 45.87 13.57
C THR F 77 -0.32 45.43 13.07
N PRO F 78 -1.14 46.37 12.58
CA PRO F 78 -2.53 46.02 12.20
C PRO F 78 -2.65 45.11 11.00
N TRP F 79 -1.60 44.93 10.20
CA TRP F 79 -1.70 44.15 8.98
C TRP F 79 -1.89 42.67 9.27
N GLY F 80 -2.58 41.99 8.34
CA GLY F 80 -2.66 40.55 8.32
C GLY F 80 -1.81 39.97 7.20
N TYR F 81 -1.86 38.65 7.06
CA TYR F 81 -1.12 38.02 5.99
C TYR F 81 -1.74 36.68 5.63
N PHE F 82 -1.47 36.24 4.41
CA PHE F 82 -1.98 34.97 3.91
C PHE F 82 -0.89 33.90 3.99
N ASP F 83 -1.15 32.85 4.75
CA ASP F 83 -0.17 31.79 4.94
C ASP F 83 -0.71 30.53 4.28
N PHE F 84 -0.17 30.19 3.11
CA PHE F 84 -0.47 28.93 2.43
C PHE F 84 0.68 27.92 2.55
N ASN F 85 1.68 28.24 3.37
CA ASN F 85 2.97 27.56 3.44
C ASN F 85 2.88 26.07 3.88
N ARG F 86 1.72 25.55 4.25
CA ARG F 86 1.62 24.15 4.65
C ARG F 86 0.99 23.31 3.54
N PHE F 87 1.55 22.12 3.31
CA PHE F 87 1.08 21.25 2.23
C PHE F 87 -0.40 20.94 2.31
N HIS F 88 -0.97 20.86 3.53
CA HIS F 88 -2.38 20.47 3.63
C HIS F 88 -3.30 21.49 3.00
N CYS F 89 -2.78 22.64 2.59
CA CYS F 89 -3.58 23.60 1.85
C CYS F 89 -3.75 23.17 0.39
N HIS F 90 -2.67 22.71 -0.23
CA HIS F 90 -2.65 22.50 -1.67
C HIS F 90 -2.90 21.07 -2.12
N PHE F 91 -2.90 20.09 -1.22
CA PHE F 91 -3.08 18.70 -1.60
C PHE F 91 -4.22 18.09 -0.81
N SER F 92 -5.16 17.48 -1.51
CA SER F 92 -6.10 16.59 -0.86
C SER F 92 -5.36 15.38 -0.30
N PRO F 93 -5.89 14.75 0.74
CA PRO F 93 -5.26 13.51 1.22
C PRO F 93 -5.19 12.43 0.16
N ARG F 94 -6.01 12.53 -0.89
CA ARG F 94 -5.81 11.66 -2.05
C ARG F 94 -4.61 12.08 -2.87
N ASP F 95 -4.55 13.35 -3.26
CA ASP F 95 -3.46 13.81 -4.11
C ASP F 95 -2.12 13.61 -3.44
N TRP F 96 -2.07 13.80 -2.13
CA TRP F 96 -0.85 13.52 -1.39
C TRP F 96 -0.49 12.04 -1.50
N GLN F 97 -1.51 11.17 -1.53
CA GLN F 97 -1.26 9.75 -1.70
C GLN F 97 -0.83 9.45 -3.13
N ARG F 98 -1.45 10.11 -4.11
CA ARG F 98 -1.10 9.87 -5.50
C ARG F 98 0.30 10.39 -5.80
N LEU F 99 0.79 11.31 -4.97
CA LEU F 99 2.14 11.83 -5.13
C LEU F 99 3.17 10.92 -4.47
N ILE F 100 3.12 10.81 -3.14
CA ILE F 100 4.18 10.13 -2.41
C ILE F 100 4.32 8.68 -2.81
N ASN F 101 3.28 8.06 -3.35
CA ASN F 101 3.36 6.67 -3.75
C ASN F 101 4.08 6.46 -5.07
N ASN F 102 3.92 7.36 -6.03
CA ASN F 102 4.46 7.14 -7.38
C ASN F 102 5.73 7.91 -7.72
N ASN F 103 6.24 8.79 -6.88
CA ASN F 103 7.30 9.69 -7.33
C ASN F 103 8.45 9.74 -6.34
N TRP F 104 9.67 9.83 -6.89
CA TRP F 104 10.86 10.06 -6.08
C TRP F 104 10.95 11.46 -5.51
N GLY F 105 10.65 12.49 -6.29
CA GLY F 105 10.79 13.83 -5.77
C GLY F 105 9.78 14.76 -6.40
N PHE F 106 9.52 15.85 -5.70
CA PHE F 106 8.71 16.93 -6.20
C PHE F 106 9.37 18.22 -5.75
N ARG F 107 8.88 19.32 -6.29
CA ARG F 107 9.40 20.64 -5.96
C ARG F 107 8.55 21.70 -6.65
N PRO F 108 8.31 22.82 -6.01
CA PRO F 108 7.44 23.83 -6.60
C PRO F 108 8.16 24.56 -7.72
N LYS F 109 7.38 24.96 -8.72
CA LYS F 109 7.89 25.71 -9.86
C LYS F 109 7.37 27.14 -9.85
N ARG F 110 6.07 27.35 -9.98
CA ARG F 110 5.49 28.67 -10.10
C ARG F 110 4.46 28.89 -9.01
N LEU F 111 4.11 30.15 -8.82
CA LEU F 111 3.04 30.53 -7.90
C LEU F 111 2.12 31.51 -8.60
N ASN F 112 0.81 31.29 -8.44
CA ASN F 112 -0.20 32.18 -8.99
C ASN F 112 -1.22 32.44 -7.89
N PHE F 113 -1.32 33.71 -7.48
CA PHE F 113 -2.15 34.11 -6.36
C PHE F 113 -3.19 35.10 -6.86
N LYS F 114 -4.40 34.99 -6.35
CA LYS F 114 -5.50 35.89 -6.72
C LYS F 114 -6.32 36.23 -5.50
N LEU F 115 -6.94 37.39 -5.54
CA LEU F 115 -7.81 37.88 -4.47
C LEU F 115 -8.98 38.57 -5.14
N PHE F 116 -10.20 38.24 -4.72
CA PHE F 116 -11.37 38.70 -5.45
C PHE F 116 -12.61 38.58 -4.58
N ASN F 117 -13.73 39.02 -5.12
CA ASN F 117 -15.02 39.04 -4.43
C ASN F 117 -14.89 39.65 -3.05
N ILE F 118 -14.34 40.87 -3.01
CA ILE F 118 -14.18 41.60 -1.76
C ILE F 118 -15.54 42.03 -1.25
N GLN F 119 -15.72 41.98 0.07
CA GLN F 119 -16.90 42.53 0.73
C GLN F 119 -16.40 43.25 1.98
N VAL F 120 -17.08 44.32 2.35
CA VAL F 120 -16.76 45.06 3.56
C VAL F 120 -18.04 45.21 4.36
N LYS F 121 -17.94 45.04 5.68
CA LYS F 121 -19.09 45.03 6.57
C LYS F 121 -18.94 46.08 7.65
N GLU F 122 -20.05 46.43 8.28
CA GLU F 122 -20.08 47.45 9.32
C GLU F 122 -20.99 46.99 10.45
N VAL F 123 -20.44 46.98 11.66
CA VAL F 123 -21.18 46.55 12.84
C VAL F 123 -21.43 47.76 13.74
N ILE F 132 -25.37 44.22 10.89
CA ILE F 132 -24.34 44.10 9.87
C ILE F 132 -24.93 44.38 8.50
N ALA F 133 -24.31 45.29 7.76
CA ALA F 133 -24.75 45.66 6.42
C ALA F 133 -23.54 45.95 5.54
N ASN F 134 -23.81 46.04 4.24
CA ASN F 134 -22.75 46.30 3.28
C ASN F 134 -22.29 47.74 3.37
N ASN F 135 -20.99 47.93 3.54
CA ASN F 135 -20.36 49.24 3.33
C ASN F 135 -19.71 49.16 1.95
N LEU F 136 -20.32 49.83 0.98
CA LEU F 136 -19.96 49.58 -0.41
C LEU F 136 -18.83 50.47 -0.91
N THR F 137 -18.46 51.51 -0.16
CA THR F 137 -17.41 52.42 -0.61
C THR F 137 -16.05 52.13 0.02
N SER F 138 -15.96 51.17 0.93
CA SER F 138 -14.70 50.92 1.59
C SER F 138 -13.75 50.15 0.70
N THR F 139 -12.46 50.31 0.97
CA THR F 139 -11.42 49.64 0.21
C THR F 139 -10.54 48.80 1.12
N VAL F 140 -9.79 47.90 0.50
CA VAL F 140 -8.94 46.94 1.20
C VAL F 140 -7.52 47.09 0.67
N GLN F 141 -6.57 47.32 1.57
CA GLN F 141 -5.18 47.49 1.20
C GLN F 141 -4.50 46.14 1.13
N VAL F 142 -3.99 45.79 -0.05
CA VAL F 142 -3.31 44.51 -0.22
C VAL F 142 -2.14 44.71 -1.17
N PHE F 143 -0.98 44.16 -0.79
CA PHE F 143 0.21 44.24 -1.61
C PHE F 143 1.14 43.12 -1.18
N THR F 144 2.12 42.83 -2.03
CA THR F 144 3.17 41.89 -1.70
C THR F 144 4.50 42.61 -1.58
N ASP F 145 5.39 42.06 -0.77
CA ASP F 145 6.77 42.53 -0.73
C ASP F 145 7.58 41.55 -1.56
N SER F 146 7.92 41.95 -2.77
CA SER F 146 8.79 41.16 -3.61
C SER F 146 10.25 41.48 -3.38
N ASP F 147 10.53 42.50 -2.58
CA ASP F 147 11.89 42.93 -2.27
C ASP F 147 12.40 42.34 -0.96
N TYR F 148 11.55 41.60 -0.24
CA TYR F 148 11.95 40.90 0.99
C TYR F 148 12.49 41.89 2.02
N GLN F 149 11.86 43.07 2.07
CA GLN F 149 12.30 44.15 2.92
C GLN F 149 11.82 44.04 4.36
N LEU F 150 10.61 43.54 4.56
CA LEU F 150 10.03 43.42 5.90
C LEU F 150 10.50 42.14 6.58
N PRO F 151 10.39 42.08 7.90
CA PRO F 151 10.74 40.84 8.60
C PRO F 151 9.82 39.69 8.18
N TYR F 152 10.43 38.52 7.99
CA TYR F 152 9.75 37.39 7.37
C TYR F 152 9.33 36.40 8.46
N VAL F 153 8.03 36.30 8.71
CA VAL F 153 7.51 35.46 9.78
C VAL F 153 7.00 34.10 9.30
N LEU F 154 7.06 33.83 7.99
CA LEU F 154 6.40 32.65 7.47
C LEU F 154 7.23 31.38 7.60
N GLY F 155 8.42 31.45 8.20
CA GLY F 155 9.26 30.28 8.30
C GLY F 155 9.17 29.53 9.61
N SER F 156 8.46 30.09 10.59
CA SER F 156 8.42 29.53 11.94
C SER F 156 7.25 28.58 12.16
N ALA F 157 6.51 28.23 11.11
CA ALA F 157 5.45 27.22 11.16
C ALA F 157 4.31 27.62 12.09
N HIS F 158 3.88 28.88 11.98
CA HIS F 158 2.78 29.39 12.79
C HIS F 158 1.44 28.88 12.29
N GLU F 159 0.44 29.00 13.15
CA GLU F 159 -0.93 28.75 12.74
C GLU F 159 -1.39 29.92 11.85
N GLY F 160 -2.63 29.83 11.37
CA GLY F 160 -3.15 30.84 10.46
C GLY F 160 -3.19 30.42 9.02
N CYS F 161 -2.72 29.21 8.71
CA CYS F 161 -2.66 28.73 7.34
C CYS F 161 -4.06 28.56 6.76
N LEU F 162 -4.13 28.52 5.43
CA LEU F 162 -5.38 28.23 4.77
C LEU F 162 -5.91 26.89 5.27
N PRO F 163 -7.22 26.74 5.43
CA PRO F 163 -7.74 25.54 6.07
C PRO F 163 -7.60 24.34 5.15
N PRO F 164 -7.33 23.16 5.70
CA PRO F 164 -7.12 21.99 4.84
C PRO F 164 -8.36 21.55 4.12
N PHE F 165 -9.51 21.82 4.66
CA PHE F 165 -10.73 21.34 4.04
C PHE F 165 -11.47 22.50 3.40
N PRO F 166 -11.78 22.40 2.09
CA PRO F 166 -12.21 23.58 1.34
C PRO F 166 -13.45 24.26 1.86
N ALA F 167 -14.30 23.58 2.61
CA ALA F 167 -15.55 24.18 3.07
C ALA F 167 -15.37 25.01 4.32
N ASP F 168 -14.15 25.16 4.82
CA ASP F 168 -13.93 25.91 6.03
C ASP F 168 -13.48 27.33 5.71
N VAL F 169 -14.23 28.31 6.23
CA VAL F 169 -13.82 29.70 6.23
C VAL F 169 -12.75 29.85 7.29
N PHE F 170 -11.67 30.58 6.97
CA PHE F 170 -10.60 30.78 7.92
C PHE F 170 -10.40 32.27 8.20
N MET F 171 -9.79 32.55 9.33
CA MET F 171 -9.46 33.90 9.76
C MET F 171 -8.01 34.21 9.43
N ILE F 172 -7.74 35.43 9.00
CA ILE F 172 -6.38 35.81 8.62
C ILE F 172 -5.59 36.12 9.87
N PRO F 173 -4.35 35.62 9.98
CA PRO F 173 -3.53 35.92 11.17
C PRO F 173 -2.94 37.31 11.12
N GLN F 174 -2.60 37.81 12.31
CA GLN F 174 -2.01 39.14 12.44
C GLN F 174 -0.52 39.11 12.16
N TYR F 175 -0.04 40.16 11.49
CA TYR F 175 1.39 40.33 11.27
C TYR F 175 1.99 41.04 12.48
N GLY F 176 3.20 40.61 12.85
CA GLY F 176 3.96 41.24 13.90
C GLY F 176 5.35 40.65 13.85
N TYR F 177 6.31 41.42 14.32
CA TYR F 177 7.69 41.03 14.14
C TYR F 177 8.47 41.35 15.40
N LEU F 178 9.69 40.84 15.45
CA LEU F 178 10.60 41.05 16.56
C LEU F 178 11.93 41.59 16.08
N THR F 179 12.63 42.29 16.96
CA THR F 179 13.91 42.88 16.61
C THR F 179 14.85 42.82 17.81
N LEU F 180 16.03 43.43 17.69
CA LEU F 180 17.05 43.28 18.73
C LEU F 180 16.59 43.87 20.05
N ASN F 181 17.12 43.33 21.14
CA ASN F 181 16.79 43.80 22.48
C ASN F 181 17.89 43.42 23.46
N ASP F 182 17.91 44.12 24.58
CA ASP F 182 18.63 43.69 25.78
C ASP F 182 17.60 43.40 26.85
N GLY F 183 17.40 42.13 27.15
CA GLY F 183 16.29 41.77 28.00
C GLY F 183 14.99 42.27 27.41
N SER F 184 14.26 43.04 28.18
CA SER F 184 13.03 43.68 27.73
C SER F 184 13.28 44.91 26.87
N GLN F 185 14.24 45.75 27.25
CA GLN F 185 14.48 47.02 26.57
C GLN F 185 15.00 46.80 25.16
N ALA F 186 14.75 47.79 24.30
CA ALA F 186 15.24 47.78 22.93
C ALA F 186 16.70 48.21 22.91
N VAL F 187 17.28 48.24 21.71
CA VAL F 187 18.62 48.75 21.50
C VAL F 187 18.58 49.72 20.33
N GLY F 188 19.65 50.52 20.21
CA GLY F 188 19.71 51.50 19.14
C GLY F 188 19.75 50.90 17.76
N ARG F 189 20.34 49.71 17.63
CA ARG F 189 20.46 49.05 16.33
C ARG F 189 19.14 48.46 15.84
N SER F 190 18.12 48.39 16.68
CA SER F 190 16.84 47.83 16.26
C SER F 190 16.19 48.71 15.21
N SER F 191 15.22 48.13 14.50
CA SER F 191 14.55 48.77 13.39
C SER F 191 13.06 48.86 13.68
N PHE F 192 12.38 49.72 12.92
CA PHE F 192 10.93 49.85 12.94
C PHE F 192 10.44 49.92 11.50
N TYR F 193 9.21 49.45 11.27
CA TYR F 193 8.67 49.40 9.92
C TYR F 193 7.23 49.90 9.86
N PHE F 198 5.02 51.93 1.73
CA PHE F 198 4.70 50.85 0.81
C PHE F 198 3.46 51.15 -0.02
N PRO F 199 3.62 51.21 -1.34
CA PRO F 199 2.44 51.33 -2.20
C PRO F 199 1.53 50.12 -2.04
N SER F 200 0.27 50.38 -1.75
CA SER F 200 -0.69 49.30 -1.53
C SER F 200 -1.93 49.57 -2.36
N GLN F 201 -2.15 48.70 -3.34
CA GLN F 201 -3.33 48.75 -4.17
C GLN F 201 -4.57 48.65 -3.31
N MET F 202 -5.48 49.60 -3.49
CA MET F 202 -6.67 49.73 -2.66
C MET F 202 -7.86 49.18 -3.44
N LEU F 203 -8.66 48.35 -2.79
CA LEU F 203 -9.71 47.60 -3.47
C LEU F 203 -11.10 47.97 -2.96
N THR F 205 -14.93 47.24 -3.91
CA THR F 205 -15.44 45.87 -3.80
C THR F 205 -15.70 45.26 -5.18
N GLY F 206 -15.36 45.99 -6.23
CA GLY F 206 -15.37 45.45 -7.58
C GLY F 206 -14.00 45.11 -8.12
N ASN F 207 -12.96 45.47 -7.39
CA ASN F 207 -11.57 45.24 -7.78
C ASN F 207 -11.11 43.82 -7.44
N ASN F 208 -10.08 43.37 -8.15
CA ASN F 208 -9.42 42.11 -7.87
C ASN F 208 -7.92 42.35 -7.71
N PHE F 209 -7.22 41.34 -7.19
CA PHE F 209 -5.78 41.45 -6.97
C PHE F 209 -5.11 40.14 -7.34
N GLN F 210 -4.09 40.21 -8.18
CA GLN F 210 -3.37 39.02 -8.60
C GLN F 210 -1.89 39.33 -8.74
N PHE F 211 -1.08 38.26 -8.74
CA PHE F 211 0.38 38.33 -8.91
C PHE F 211 0.97 36.94 -9.20
N SER F 212 2.10 36.88 -9.89
CA SER F 212 2.75 35.61 -10.18
C SER F 212 4.15 35.58 -9.58
N TYR F 213 4.48 34.48 -8.92
CA TYR F 213 5.78 34.35 -8.28
C TYR F 213 6.55 33.13 -8.78
N GLU F 214 7.84 33.31 -9.06
CA GLU F 214 8.67 32.22 -9.55
C GLU F 214 9.68 31.74 -8.50
N PHE F 215 9.69 30.44 -8.23
CA PHE F 215 10.61 29.86 -7.26
C PHE F 215 12.05 29.82 -7.74
N GLU F 216 13.02 30.04 -6.85
CA GLU F 216 14.42 29.93 -7.23
C GLU F 216 14.71 28.43 -7.29
N ASN F 217 15.62 28.02 -8.16
CA ASN F 217 15.85 26.59 -8.35
C ASN F 217 16.27 25.93 -7.06
N VAL F 218 15.52 24.91 -6.65
CA VAL F 218 15.84 24.15 -5.44
C VAL F 218 15.88 22.67 -5.82
N PRO F 219 16.70 21.89 -5.13
CA PRO F 219 16.74 20.45 -5.40
C PRO F 219 15.44 19.78 -4.98
N PHE F 220 15.18 18.63 -5.60
CA PHE F 220 13.99 17.85 -5.32
C PHE F 220 13.95 17.32 -3.89
N HIS F 221 12.79 17.38 -3.26
CA HIS F 221 12.63 16.84 -1.93
C HIS F 221 12.79 15.35 -2.13
N SER F 222 13.59 14.68 -1.30
CA SER F 222 13.79 13.25 -1.49
C SER F 222 12.76 12.41 -0.77
N SER F 223 11.69 12.08 -1.47
CA SER F 223 10.62 11.27 -0.89
C SER F 223 10.85 9.77 -1.07
N TYR F 224 11.92 9.24 -0.49
CA TYR F 224 12.22 7.81 -0.62
C TYR F 224 13.16 7.31 0.46
N ALA F 225 13.24 5.99 0.59
CA ALA F 225 14.11 5.35 1.57
C ALA F 225 15.09 4.44 0.84
N HIS F 226 16.37 4.51 1.20
CA HIS F 226 17.38 3.69 0.53
C HIS F 226 17.30 2.19 0.84
N SER F 227 17.49 1.37 -0.18
CA SER F 227 17.48 -0.08 -0.02
C SER F 227 18.65 -0.54 0.84
N GLN F 228 19.80 0.10 0.64
CA GLN F 228 21.00 -0.27 1.37
C GLN F 228 21.40 0.72 2.46
N SER F 229 22.14 0.19 3.43
CA SER F 229 22.70 0.95 4.52
C SER F 229 24.14 1.31 4.20
N LEU F 230 24.55 2.50 4.63
CA LEU F 230 25.88 3.03 4.33
C LEU F 230 26.97 2.02 4.64
N ASP F 231 26.89 1.32 5.76
CA ASP F 231 27.94 0.39 6.16
C ASP F 231 27.87 -0.94 5.45
N ARG F 232 26.86 -1.14 4.60
CA ARG F 232 26.75 -2.37 3.85
C ARG F 232 26.71 -2.11 2.35
N LEU F 233 27.62 -1.26 1.88
CA LEU F 233 27.71 -0.94 0.46
C LEU F 233 28.65 -1.88 -0.30
N MET F 234 29.42 -2.64 0.45
CA MET F 234 30.42 -3.58 -0.08
C MET F 234 29.82 -4.84 -0.68
N ASN F 235 30.58 -5.54 -1.50
CA ASN F 235 30.13 -6.79 -2.08
C ASN F 235 30.38 -7.88 -1.03
N PRO F 236 29.33 -8.61 -0.64
CA PRO F 236 29.37 -9.67 0.37
C PRO F 236 30.24 -10.88 0.07
N LEU F 237 30.28 -11.33 -1.18
CA LEU F 237 31.03 -12.52 -1.56
C LEU F 237 32.53 -12.41 -1.81
N ILE F 238 33.10 -11.21 -1.80
CA ILE F 238 34.51 -11.07 -2.16
C ILE F 238 35.25 -10.39 -1.03
N ASP F 239 36.56 -10.64 -0.95
CA ASP F 239 37.42 -9.94 -0.02
C ASP F 239 37.79 -8.56 -0.55
N GLN F 240 38.12 -7.66 0.37
CA GLN F 240 38.93 -6.50 0.03
C GLN F 240 40.38 -6.91 -0.12
N TYR F 241 41.15 -6.05 -0.78
CA TYR F 241 42.60 -6.22 -0.83
C TYR F 241 43.31 -5.47 0.28
N LEU F 242 42.60 -4.66 1.05
CA LEU F 242 43.17 -3.97 2.19
C LEU F 242 43.25 -4.88 3.40
N TYR F 243 44.16 -4.55 4.31
CA TYR F 243 44.41 -5.33 5.51
C TYR F 243 44.09 -4.53 6.76
N TYR F 244 43.61 -5.23 7.78
CA TYR F 244 43.41 -4.63 9.09
C TYR F 244 44.22 -5.42 10.11
N LEU F 245 44.48 -4.80 11.25
CA LEU F 245 45.34 -5.38 12.28
C LEU F 245 44.47 -6.16 13.26
N SER F 246 44.59 -7.48 13.23
CA SER F 246 43.74 -8.32 14.07
C SER F 246 44.28 -8.49 15.48
N LYS F 247 45.58 -8.75 15.63
CA LYS F 247 46.15 -9.13 16.92
C LYS F 247 47.26 -8.17 17.32
N THR F 248 47.11 -7.57 18.51
CA THR F 248 48.17 -6.71 19.02
C THR F 248 49.08 -7.45 20.00
N ILE F 249 48.74 -8.67 20.41
CA ILE F 249 49.58 -9.46 21.29
C ILE F 249 49.53 -10.91 20.84
N ASN F 250 50.51 -11.69 21.31
CA ASN F 250 50.59 -13.10 20.93
C ASN F 250 49.62 -13.95 21.75
N GLY F 251 49.61 -13.76 23.06
CA GLY F 251 48.93 -14.70 23.93
C GLY F 251 48.91 -14.20 25.35
N SER F 252 48.71 -15.13 26.28
CA SER F 252 48.63 -14.78 27.69
C SER F 252 50.01 -14.86 28.33
N GLY F 253 50.40 -13.80 29.00
CA GLY F 253 51.64 -13.78 29.74
C GLY F 253 52.24 -12.39 29.74
N GLN F 254 53.53 -12.33 30.01
CA GLN F 254 54.29 -11.09 29.95
C GLN F 254 55.10 -11.08 28.65
N ASN F 255 55.26 -9.89 28.07
CA ASN F 255 56.00 -9.70 26.82
C ASN F 255 55.43 -10.57 25.70
N GLN F 256 54.11 -10.49 25.54
CA GLN F 256 53.37 -11.23 24.51
C GLN F 256 53.08 -10.41 23.26
N GLN F 257 53.64 -9.20 23.14
CA GLN F 257 53.32 -8.35 22.01
C GLN F 257 53.70 -9.00 20.68
N THR F 258 52.80 -8.92 19.70
CA THR F 258 53.07 -9.26 18.32
C THR F 258 52.05 -8.53 17.47
N LEU F 259 52.31 -8.46 16.16
CA LEU F 259 51.37 -7.87 15.21
C LEU F 259 50.98 -8.90 14.17
N LYS F 260 49.68 -9.11 14.02
CA LYS F 260 49.14 -10.02 13.02
C LYS F 260 48.05 -9.29 12.24
N PHE F 261 48.00 -9.51 10.93
CA PHE F 261 47.12 -8.77 10.05
C PHE F 261 46.19 -9.73 9.33
N SER F 262 45.08 -9.20 8.83
CA SER F 262 44.02 -10.02 8.25
C SER F 262 43.36 -9.29 7.10
N VAL F 263 42.74 -10.06 6.22
CA VAL F 263 42.03 -9.51 5.07
C VAL F 263 40.61 -9.12 5.50
N ALA F 264 40.26 -7.85 5.31
CA ALA F 264 38.88 -7.44 5.51
C ALA F 264 38.02 -8.07 4.44
N GLY F 265 37.04 -8.87 4.85
CA GLY F 265 36.17 -9.54 3.91
C GLY F 265 34.81 -9.80 4.49
N PRO F 266 34.17 -10.89 4.04
CA PRO F 266 32.84 -11.30 4.49
C PRO F 266 32.78 -11.63 5.97
N SER F 267 33.81 -12.27 6.50
CA SER F 267 33.83 -12.65 7.91
C SER F 267 33.75 -11.46 8.85
N ASN F 268 34.47 -10.39 8.52
CA ASN F 268 34.49 -9.21 9.36
C ASN F 268 34.11 -7.98 8.56
N MET F 269 32.83 -7.87 8.22
CA MET F 269 32.32 -6.75 7.43
C MET F 269 32.47 -5.41 8.12
N ALA F 270 32.35 -5.39 9.44
CA ALA F 270 32.42 -4.16 10.21
C ALA F 270 33.76 -3.41 10.09
N VAL F 271 34.86 -4.13 10.00
CA VAL F 271 36.19 -3.52 9.93
C VAL F 271 36.67 -3.11 8.53
N GLN F 272 35.87 -3.33 7.50
CA GLN F 272 36.26 -2.97 6.14
C GLN F 272 36.43 -1.47 5.90
N GLY F 273 37.36 -1.12 5.00
CA GLY F 273 37.61 0.26 4.64
C GLY F 273 36.38 0.81 3.94
N ARG F 274 36.04 2.07 4.20
CA ARG F 274 34.83 2.66 3.64
C ARG F 274 35.13 4.05 3.13
N ASN F 275 34.54 4.37 1.98
CA ASN F 275 34.69 5.66 1.32
C ASN F 275 33.85 6.76 1.94
N TYR F 276 32.63 6.45 2.36
CA TYR F 276 31.71 7.47 2.83
C TYR F 276 31.17 7.07 4.19
N ILE F 277 30.75 8.07 4.97
CA ILE F 277 30.46 7.87 6.38
C ILE F 277 29.21 8.67 6.74
N PRO F 278 28.50 8.27 7.78
CA PRO F 278 27.24 8.94 8.13
C PRO F 278 27.45 10.38 8.59
N GLY F 279 26.39 11.17 8.40
CA GLY F 279 26.42 12.59 8.60
C GLY F 279 26.54 13.01 10.04
N PRO F 280 26.41 14.31 10.31
CA PRO F 280 26.67 14.84 11.65
C PRO F 280 25.65 14.35 12.65
N SER F 281 26.00 14.50 13.93
CA SER F 281 25.12 14.08 15.01
C SER F 281 25.28 15.04 16.19
N TYR F 282 24.14 15.35 16.81
CA TYR F 282 24.11 16.17 18.02
C TYR F 282 23.13 15.46 18.96
N ARG F 283 23.62 14.88 20.05
CA ARG F 283 22.81 13.87 20.74
C ARG F 283 21.58 14.46 21.41
N GLN F 284 20.47 13.71 21.33
CA GLN F 284 19.22 14.00 22.01
C GLN F 284 19.00 13.01 23.14
N GLN F 285 18.36 13.47 24.20
CA GLN F 285 18.02 12.59 25.31
C GLN F 285 16.85 11.67 24.94
N ARG F 286 17.05 10.37 25.13
CA ARG F 286 16.08 9.36 24.73
C ARG F 286 14.92 9.36 25.72
N VAL F 287 13.71 9.16 25.20
CA VAL F 287 12.49 9.24 26.01
C VAL F 287 11.62 8.03 25.67
N SER F 288 11.30 7.21 26.68
CA SER F 288 10.43 6.07 26.47
C SER F 288 8.97 6.50 26.54
N THR F 289 8.23 6.17 25.47
CA THR F 289 6.81 6.50 25.44
C THR F 289 6.06 5.76 26.54
N THR F 290 6.50 4.56 26.89
CA THR F 290 5.92 3.89 28.05
C THR F 290 6.54 4.50 29.30
N VAL F 291 5.71 5.17 30.11
CA VAL F 291 6.25 6.10 31.09
C VAL F 291 6.95 5.39 32.24
N THR F 292 6.57 4.15 32.55
CA THR F 292 7.19 3.46 33.68
C THR F 292 8.67 3.21 33.42
N GLN F 293 9.07 3.23 32.15
CA GLN F 293 10.47 3.05 31.80
C GLN F 293 11.16 4.40 31.94
N ASN F 294 10.42 5.45 31.62
CA ASN F 294 10.96 6.79 31.70
C ASN F 294 11.28 7.13 33.15
N ASN F 295 12.40 7.83 33.34
CA ASN F 295 12.85 8.20 34.67
C ASN F 295 11.90 9.15 35.40
N ASN F 296 11.71 8.92 36.70
CA ASN F 296 10.84 9.74 37.53
C ASN F 296 11.52 11.03 38.03
N SER F 297 12.15 11.76 37.13
CA SER F 297 12.81 13.02 37.46
C SER F 297 12.47 14.10 36.45
N GLU F 298 12.63 15.36 36.84
CA GLU F 298 12.31 16.45 35.93
C GLU F 298 13.46 16.75 34.99
N PHE F 299 13.58 15.90 33.98
CA PHE F 299 14.63 16.00 32.97
C PHE F 299 14.10 16.63 31.69
N ALA F 300 12.87 17.10 31.71
CA ALA F 300 12.26 17.67 30.51
C ALA F 300 12.96 18.89 29.93
N TRP F 301 13.39 19.82 30.77
CA TRP F 301 14.09 20.99 30.23
C TRP F 301 15.60 20.97 30.42
N PRO F 302 16.05 20.72 31.65
CA PRO F 302 17.48 20.70 31.98
C PRO F 302 18.20 19.58 31.25
N GLY F 303 17.54 18.43 31.16
CA GLY F 303 18.09 17.27 30.48
C GLY F 303 18.28 17.51 29.00
N ALA F 304 17.34 18.24 28.41
CA ALA F 304 17.34 18.51 26.97
C ALA F 304 18.54 19.31 26.46
N SER F 305 18.97 18.94 25.26
CA SER F 305 20.09 19.58 24.60
C SER F 305 19.59 20.86 23.97
N SER F 306 20.50 21.81 23.76
CA SER F 306 20.12 23.10 23.17
C SER F 306 21.32 23.86 22.67
N TRP F 307 21.10 25.10 22.30
CA TRP F 307 22.18 25.98 21.86
C TRP F 307 22.01 27.32 22.54
N ALA F 308 23.10 28.08 22.60
CA ALA F 308 23.08 29.39 23.26
C ALA F 308 23.44 30.48 22.26
N LEU F 309 22.72 31.57 22.32
CA LEU F 309 22.97 32.72 21.44
C LEU F 309 22.87 33.98 22.29
N ASN F 310 23.98 34.72 22.39
CA ASN F 310 24.03 35.93 23.21
C ASN F 310 23.60 35.64 24.65
N GLY F 311 24.11 34.54 25.21
CA GLY F 311 23.78 34.17 26.56
C GLY F 311 22.35 33.78 26.81
N ARG F 312 21.59 33.47 25.77
CA ARG F 312 20.28 32.85 25.91
C ARG F 312 20.32 31.43 25.37
N ASN F 313 20.27 30.46 26.27
CA ASN F 313 20.21 29.06 25.88
C ASN F 313 18.84 28.77 25.29
N SER F 314 18.82 28.29 24.05
CA SER F 314 17.59 28.00 23.33
C SER F 314 17.52 26.53 22.98
N LEU F 315 16.33 25.95 23.03
CA LEU F 315 16.18 24.52 22.79
C LEU F 315 16.54 24.19 21.35
N MET F 316 17.13 23.02 21.14
CA MET F 316 17.49 22.57 19.79
C MET F 316 16.29 21.81 19.26
N ASN F 317 15.59 22.42 18.33
CA ASN F 317 14.37 21.84 17.82
C ASN F 317 14.21 22.19 16.35
N PRO F 318 13.77 21.24 15.52
CA PRO F 318 13.88 19.80 15.77
C PRO F 318 15.32 19.33 15.68
N GLY F 319 16.19 20.14 15.08
CA GLY F 319 17.61 19.87 15.06
C GLY F 319 18.06 19.18 13.78
N PRO F 320 19.36 18.88 13.69
CA PRO F 320 19.87 18.16 12.53
C PRO F 320 19.18 16.80 12.37
N ALA F 321 18.88 16.46 11.12
CA ALA F 321 18.15 15.24 10.84
C ALA F 321 18.95 14.04 11.31
N MET F 322 18.32 13.21 12.14
CA MET F 322 18.91 11.99 12.67
C MET F 322 17.79 10.99 12.89
N ALA F 323 18.09 9.72 12.66
CA ALA F 323 17.08 8.68 12.86
C ALA F 323 16.56 8.74 14.29
N SER F 324 15.23 8.66 14.42
CA SER F 324 14.64 8.83 15.73
C SER F 324 15.01 7.70 16.67
N HIS F 325 15.22 6.49 16.14
CA HIS F 325 15.46 5.37 17.02
C HIS F 325 16.23 4.26 16.32
N LYS F 326 16.86 3.43 17.14
CA LYS F 326 17.57 2.26 16.67
C LYS F 326 16.59 1.24 16.12
N GLU F 327 17.15 0.27 15.39
CA GLU F 327 16.38 -0.84 14.86
C GLU F 327 15.49 -1.48 15.94
N GLY F 328 14.23 -1.70 15.59
CA GLY F 328 13.35 -2.47 16.44
C GLY F 328 12.98 -1.83 17.75
N GLU F 329 13.35 -0.58 17.98
CA GLU F 329 12.84 0.19 19.11
C GLU F 329 11.99 1.34 18.58
N ASP F 330 10.66 1.18 18.61
CA ASP F 330 9.81 2.25 18.13
C ASP F 330 9.21 3.03 19.29
N ARG F 331 9.44 2.59 20.52
CA ARG F 331 8.81 3.25 21.66
C ARG F 331 9.58 4.50 22.06
N PHE F 332 10.88 4.52 21.79
CA PHE F 332 11.70 5.66 22.15
C PHE F 332 11.71 6.70 21.04
N PHE F 333 11.84 7.96 21.45
CA PHE F 333 11.95 9.09 20.53
C PHE F 333 12.83 10.17 21.17
N PRO F 334 13.48 11.02 20.34
CA PRO F 334 14.36 12.11 20.82
C PRO F 334 13.54 13.12 21.60
N LEU F 335 14.10 13.73 22.63
CA LEU F 335 13.32 14.65 23.43
C LEU F 335 12.77 15.86 22.69
N SER F 336 13.58 16.50 21.87
CA SER F 336 13.09 17.64 21.10
C SER F 336 13.36 17.49 19.61
N GLY F 337 13.97 16.36 19.24
CA GLY F 337 14.36 16.10 17.88
C GLY F 337 13.35 15.98 16.76
N SER F 338 12.21 15.36 17.00
CA SER F 338 11.23 15.18 15.94
C SER F 338 10.03 16.10 16.03
N LEU F 339 9.38 16.31 14.89
CA LEU F 339 8.19 17.14 14.81
C LEU F 339 7.01 16.43 15.45
N ILE F 340 6.21 17.19 16.19
CA ILE F 340 5.07 16.67 16.94
C ILE F 340 3.85 17.49 16.59
N PHE F 341 2.87 16.86 15.94
CA PHE F 341 1.63 17.52 15.54
C PHE F 341 0.52 17.19 16.50
N GLY F 342 -0.37 18.16 16.73
CA GLY F 342 -1.54 17.92 17.54
C GLY F 342 -2.70 17.34 16.73
N LYS F 343 -3.44 16.44 17.35
CA LYS F 343 -4.61 15.89 16.70
C LYS F 343 -5.73 16.92 16.67
N GLN F 344 -6.69 16.70 15.78
CA GLN F 344 -7.76 17.67 15.62
C GLN F 344 -8.56 17.81 16.90
N GLY F 345 -8.67 19.05 17.37
CA GLY F 345 -9.37 19.32 18.61
C GLY F 345 -8.50 19.27 19.85
N THR F 346 -7.20 18.99 19.69
CA THR F 346 -6.30 18.91 20.83
C THR F 346 -6.12 20.28 21.46
N GLY F 347 -6.18 20.31 22.78
CA GLY F 347 -6.06 21.56 23.51
C GLY F 347 -4.70 22.20 23.35
N ARG F 348 -4.57 23.40 23.91
CA ARG F 348 -3.36 24.18 23.80
C ARG F 348 -2.28 23.78 24.80
N ASP F 349 -2.66 23.47 26.04
CA ASP F 349 -1.68 23.18 27.07
C ASP F 349 -1.93 21.82 27.70
N ASN F 350 -0.84 21.15 28.06
CA ASN F 350 -0.87 19.99 28.95
C ASN F 350 -1.78 18.88 28.42
N VAL F 351 -1.61 18.56 27.16
CA VAL F 351 -2.34 17.46 26.55
C VAL F 351 -1.48 16.21 26.61
N ASP F 352 -2.12 15.07 26.81
CA ASP F 352 -1.38 13.84 27.01
C ASP F 352 -0.81 13.34 25.68
N ALA F 353 -0.04 12.25 25.76
CA ALA F 353 0.63 11.73 24.58
C ALA F 353 -0.36 11.09 23.61
N ASP F 354 -1.61 10.92 24.02
CA ASP F 354 -2.63 10.36 23.14
C ASP F 354 -3.47 11.44 22.46
N LYS F 355 -3.26 12.71 22.78
CA LYS F 355 -3.91 13.80 22.08
C LYS F 355 -3.06 14.40 20.98
N VAL F 356 -1.84 13.91 20.76
CA VAL F 356 -0.94 14.49 19.78
C VAL F 356 -0.38 13.41 18.86
N MET F 357 0.21 13.86 17.77
CA MET F 357 0.86 13.01 16.78
C MET F 357 2.35 13.28 16.85
N ILE F 358 3.16 12.25 16.64
CA ILE F 358 4.61 12.32 16.74
C ILE F 358 5.20 11.67 15.50
N THR F 359 6.17 12.33 14.88
CA THR F 359 6.70 11.87 13.60
C THR F 359 8.06 11.22 13.77
N ASN F 360 8.29 10.14 13.04
CA ASN F 360 9.51 9.37 13.15
C ASN F 360 10.35 9.52 11.89
N GLU F 361 11.67 9.59 12.10
CA GLU F 361 12.66 9.70 11.04
C GLU F 361 13.23 8.36 10.62
N GLU F 362 12.61 7.28 11.07
CA GLU F 362 13.18 5.94 10.94
C GLU F 362 13.64 5.62 9.52
N GLU F 363 13.16 6.36 8.52
CA GLU F 363 13.58 6.10 7.15
C GLU F 363 15.06 6.40 6.94
N ILE F 364 15.59 7.41 7.63
CA ILE F 364 16.95 7.90 7.38
C ILE F 364 17.96 7.13 8.21
N LYS F 365 17.51 6.07 8.88
CA LYS F 365 18.43 5.27 9.70
C LYS F 365 19.54 4.66 8.86
N THR F 366 19.38 4.65 7.54
CA THR F 366 20.37 4.08 6.65
C THR F 366 21.66 4.90 6.64
N THR F 367 21.56 6.18 6.29
CA THR F 367 22.75 7.01 6.18
C THR F 367 22.99 7.91 7.39
N ASN F 368 22.09 7.96 8.36
CA ASN F 368 22.27 8.95 9.41
C ASN F 368 22.35 8.29 10.78
N PRO F 369 23.16 8.83 11.68
CA PRO F 369 23.21 8.29 13.04
C PRO F 369 21.89 8.50 13.77
N VAL F 370 21.72 7.76 14.86
CA VAL F 370 20.55 7.95 15.69
C VAL F 370 20.79 9.11 16.64
N ALA F 371 19.75 9.90 16.89
CA ALA F 371 19.89 11.04 17.79
C ALA F 371 20.24 10.60 19.21
N THR F 372 19.62 9.52 19.68
CA THR F 372 19.80 9.04 21.04
C THR F 372 21.02 8.14 21.19
N GLU F 373 21.79 7.95 20.14
CA GLU F 373 23.06 7.24 20.19
C GLU F 373 24.20 8.20 19.92
N SER F 374 25.38 7.87 20.45
CA SER F 374 26.58 8.64 20.14
C SER F 374 26.95 8.48 18.68
N TYR F 375 27.78 9.40 18.18
CA TYR F 375 28.30 9.22 16.84
C TYR F 375 29.25 8.04 16.78
N GLY F 376 30.18 7.97 17.72
CA GLY F 376 31.11 6.85 17.77
C GLY F 376 32.14 7.07 18.85
N GLN F 377 33.24 6.33 18.74
CA GLN F 377 34.34 6.40 19.70
C GLN F 377 35.60 6.91 19.00
N VAL F 378 36.50 7.47 19.81
CA VAL F 378 37.80 7.94 19.35
C VAL F 378 38.87 7.31 20.23
N ALA F 379 40.10 7.76 20.03
CA ALA F 379 41.18 7.45 20.97
C ALA F 379 41.49 8.70 21.80
N THR F 380 41.56 8.54 23.11
CA THR F 380 41.77 9.67 24.00
C THR F 380 43.21 9.84 24.47
N ASN F 381 44.12 8.94 24.10
CA ASN F 381 45.50 9.05 24.57
C ASN F 381 46.42 8.31 23.61
N HIS F 382 47.72 8.37 23.89
CA HIS F 382 48.71 7.51 23.25
C HIS F 382 48.95 6.31 24.13
N GLN F 383 48.92 5.12 23.54
CA GLN F 383 49.33 3.94 24.28
C GLN F 383 50.85 3.89 24.41
N SER F 384 51.31 3.10 25.37
CA SER F 384 52.71 2.74 25.51
C SER F 384 52.72 1.42 26.26
N ALA F 385 53.92 0.86 26.45
CA ALA F 385 54.03 -0.36 27.23
C ALA F 385 53.60 -0.11 28.68
N GLN F 386 53.61 1.14 29.10
CA GLN F 386 53.19 1.48 30.46
C GLN F 386 51.67 1.61 30.56
N ALA F 387 51.02 2.24 29.58
CA ALA F 387 49.63 2.67 29.72
C ALA F 387 48.77 2.05 28.64
N GLN F 388 47.59 1.57 29.05
CA GLN F 388 46.68 0.92 28.12
C GLN F 388 45.91 1.94 27.29
N ALA F 389 45.49 1.52 26.10
CA ALA F 389 44.76 2.40 25.20
C ALA F 389 43.45 2.83 25.83
N GLN F 390 42.98 4.01 25.42
CA GLN F 390 41.76 4.59 25.96
C GLN F 390 40.90 5.11 24.82
N THR F 391 39.60 5.18 25.09
CA THR F 391 38.64 5.67 24.12
C THR F 391 37.69 6.66 24.79
N GLY F 392 36.92 7.36 23.99
CA GLY F 392 35.90 8.25 24.51
C GLY F 392 34.73 8.40 23.57
N TRP F 393 33.56 8.73 24.09
CA TRP F 393 32.37 8.78 23.26
C TRP F 393 32.23 10.17 22.63
N VAL F 394 31.73 10.19 21.41
CA VAL F 394 31.58 11.42 20.64
C VAL F 394 30.12 11.83 20.75
N GLN F 395 29.86 12.86 21.54
CA GLN F 395 28.47 13.23 21.78
C GLN F 395 27.97 14.22 20.74
N ASN F 396 28.89 14.78 19.95
CA ASN F 396 28.54 15.60 18.82
C ASN F 396 29.64 15.54 17.78
N GLN F 397 29.25 15.60 16.51
CA GLN F 397 30.22 15.58 15.43
C GLN F 397 29.80 16.57 14.37
N GLY F 398 30.68 17.50 14.03
CA GLY F 398 30.47 18.36 12.90
C GLY F 398 30.70 17.63 11.60
N ILE F 399 30.75 18.40 10.51
CA ILE F 399 30.97 17.81 9.20
C ILE F 399 32.39 17.28 9.10
N LEU F 400 32.56 16.18 8.37
CA LEU F 400 33.83 15.61 7.95
C LEU F 400 33.73 15.21 6.49
N PRO F 401 34.80 15.39 5.71
CA PRO F 401 34.73 15.07 4.28
C PRO F 401 34.34 13.61 4.07
N GLY F 402 33.33 13.41 3.24
CA GLY F 402 32.77 12.09 3.04
C GLY F 402 31.51 11.78 3.82
N MET F 403 30.93 12.76 4.51
CA MET F 403 29.63 12.54 5.12
C MET F 403 28.51 12.68 4.11
N VAL F 404 27.56 11.76 4.18
CA VAL F 404 26.33 11.83 3.40
C VAL F 404 25.16 11.81 4.36
N TRP F 405 24.05 12.42 3.96
CA TRP F 405 22.89 12.43 4.84
C TRP F 405 21.61 12.67 4.04
N GLN F 406 20.50 12.37 4.69
CA GLN F 406 19.17 12.72 4.23
C GLN F 406 18.61 13.84 5.11
N ASP F 407 17.76 14.67 4.54
CA ASP F 407 17.15 15.73 5.33
C ASP F 407 15.83 15.25 5.94
N ARG F 408 15.23 16.11 6.75
CA ARG F 408 14.01 15.76 7.45
C ARG F 408 12.81 15.87 6.53
N ASP F 409 11.97 14.84 6.56
CA ASP F 409 10.85 14.72 5.65
C ASP F 409 9.82 15.81 5.88
N VAL F 410 8.97 16.00 4.89
CA VAL F 410 7.85 16.93 4.98
C VAL F 410 6.57 16.12 5.06
N TYR F 411 5.55 16.69 5.69
CA TYR F 411 4.33 15.96 5.93
C TYR F 411 3.16 16.74 5.35
N LEU F 412 2.08 16.02 5.04
CA LEU F 412 0.86 16.66 4.57
C LEU F 412 0.48 17.81 5.49
N GLN F 413 0.75 17.66 6.77
CA GLN F 413 0.53 18.72 7.74
C GLN F 413 1.76 19.61 7.90
N GLY F 414 2.82 19.37 7.14
CA GLY F 414 4.08 20.04 7.36
C GLY F 414 4.30 21.22 6.44
N PRO F 415 5.33 22.01 6.74
CA PRO F 415 5.56 23.23 5.97
C PRO F 415 6.08 22.92 4.57
N ILE F 416 6.00 23.90 3.70
CA ILE F 416 6.49 23.72 2.34
C ILE F 416 7.87 24.34 2.21
N TRP F 417 7.96 25.65 2.29
CA TRP F 417 9.23 26.35 2.12
C TRP F 417 9.59 27.10 3.39
N ALA F 418 10.88 27.41 3.52
CA ALA F 418 11.34 28.35 4.52
C ALA F 418 12.35 29.29 3.87
N LYS F 419 12.47 30.48 4.45
CA LYS F 419 13.38 31.49 3.94
C LYS F 419 14.78 31.25 4.50
N ILE F 420 15.79 31.40 3.65
CA ILE F 420 17.17 31.38 4.14
C ILE F 420 17.48 32.73 4.77
N PRO F 421 18.16 32.78 5.91
CA PRO F 421 18.65 34.07 6.40
C PRO F 421 19.68 34.63 5.45
N HIS F 422 19.82 35.96 5.46
CA HIS F 422 20.81 36.62 4.62
C HIS F 422 22.08 36.74 5.45
N THR F 423 23.09 35.95 5.10
CA THR F 423 24.30 35.85 5.92
C THR F 423 25.50 35.73 5.01
N ASP F 424 26.68 35.91 5.61
CA ASP F 424 27.92 35.83 4.86
C ASP F 424 28.15 34.41 4.36
N GLY F 425 27.77 33.42 5.16
CA GLY F 425 27.91 32.04 4.75
C GLY F 425 26.91 31.16 5.46
N ASN F 426 26.62 30.02 4.82
CA ASN F 426 25.72 29.03 5.37
C ASN F 426 26.09 27.67 4.79
N PHE F 427 25.63 26.62 5.45
CA PHE F 427 25.88 25.27 4.95
C PHE F 427 24.56 24.52 4.87
N HIS F 428 24.23 24.04 3.68
CA HIS F 428 23.09 23.18 3.42
C HIS F 428 21.82 23.88 3.89
N PRO F 429 21.38 24.92 3.20
CA PRO F 429 20.33 25.81 3.71
C PRO F 429 18.98 25.16 3.99
N SER F 430 18.79 23.91 3.61
CA SER F 430 17.51 23.23 3.80
C SER F 430 17.03 23.39 5.25
N PRO F 431 15.81 23.88 5.46
CA PRO F 431 15.38 24.18 6.83
C PRO F 431 15.19 22.93 7.66
N LEU F 432 15.72 22.99 8.88
CA LEU F 432 15.76 21.82 9.75
C LEU F 432 14.39 21.22 10.03
N MET F 433 13.32 22.00 9.96
CA MET F 433 11.99 21.41 10.11
C MET F 433 11.55 20.66 8.86
N GLY F 434 12.28 20.77 7.77
CA GLY F 434 11.90 20.14 6.52
C GLY F 434 11.40 21.15 5.51
N GLY F 435 11.39 20.74 4.26
CA GLY F 435 10.97 21.59 3.16
C GLY F 435 12.13 22.19 2.39
N PHE F 436 11.81 23.27 1.68
CA PHE F 436 12.73 23.90 0.73
C PHE F 436 13.22 25.23 1.28
N GLY F 437 14.53 25.35 1.49
CA GLY F 437 15.11 26.62 1.86
C GLY F 437 15.37 27.45 0.61
N MET F 438 15.11 28.75 0.73
CA MET F 438 15.22 29.66 -0.40
C MET F 438 15.66 31.04 0.06
N LYS F 439 16.54 31.67 -0.71
CA LYS F 439 16.87 33.07 -0.45
C LYS F 439 15.79 34.02 -0.95
N HIS F 440 14.87 33.52 -1.77
CA HIS F 440 13.77 34.32 -2.30
C HIS F 440 12.52 33.45 -2.21
N PRO F 441 11.92 33.35 -1.02
CA PRO F 441 10.70 32.56 -0.87
C PRO F 441 9.52 33.29 -1.48
N PRO F 442 8.35 32.68 -1.50
CA PRO F 442 7.14 33.42 -1.89
C PRO F 442 7.01 34.69 -1.07
N PRO F 443 6.60 35.78 -1.69
CA PRO F 443 6.59 37.06 -0.99
C PRO F 443 5.47 37.12 0.04
N GLN F 444 5.72 37.89 1.10
CA GLN F 444 4.67 38.09 2.10
C GLN F 444 3.57 38.98 1.55
N ILE F 445 2.33 38.51 1.70
CA ILE F 445 1.16 39.15 1.13
C ILE F 445 0.42 39.80 2.28
N LEU F 446 0.45 41.12 2.33
CA LEU F 446 -0.09 41.87 3.46
C LEU F 446 -1.47 42.39 3.12
N ILE F 447 -2.36 42.38 4.10
CA ILE F 447 -3.71 42.86 3.89
C ILE F 447 -4.22 43.46 5.19
N LYS F 448 -4.97 44.55 5.06
CA LYS F 448 -5.69 45.16 6.17
C LYS F 448 -6.83 45.98 5.59
N ASN F 449 -7.77 46.34 6.45
CA ASN F 449 -8.83 47.25 6.07
C ASN F 449 -8.31 48.68 6.11
N THR F 450 -8.58 49.44 5.05
CA THR F 450 -8.28 50.87 5.08
C THR F 450 -9.09 51.51 6.20
N PRO F 451 -8.46 52.27 7.09
CA PRO F 451 -9.21 52.87 8.20
C PRO F 451 -10.12 53.99 7.69
N VAL F 452 -11.33 54.02 8.23
CA VAL F 452 -12.32 55.03 7.87
C VAL F 452 -12.89 55.68 9.13
N PHE F 468 -13.03 55.61 15.12
CA PHE F 468 -13.20 54.77 13.94
C PHE F 468 -14.45 53.93 14.07
N ILE F 469 -14.92 53.39 12.94
CA ILE F 469 -16.14 52.58 12.92
C ILE F 469 -15.79 51.11 12.89
N THR F 470 -16.50 50.30 13.67
CA THR F 470 -16.30 48.86 13.65
C THR F 470 -16.56 48.33 12.24
N GLN F 471 -15.58 47.61 11.70
CA GLN F 471 -15.61 47.25 10.30
C GLN F 471 -14.81 45.97 10.11
N TYR F 472 -15.27 45.10 9.22
CA TYR F 472 -14.50 43.90 8.89
C TYR F 472 -14.79 43.49 7.46
N SER F 473 -13.79 42.90 6.82
CA SER F 473 -13.91 42.48 5.44
C SER F 473 -13.76 40.96 5.32
N THR F 474 -14.33 40.44 4.24
CA THR F 474 -14.18 39.06 3.85
C THR F 474 -13.67 39.04 2.42
N GLY F 475 -13.67 37.86 1.81
CA GLY F 475 -13.28 37.78 0.42
C GLY F 475 -13.10 36.35 -0.03
N GLN F 476 -12.28 36.20 -1.06
CA GLN F 476 -11.95 34.92 -1.64
C GLN F 476 -10.48 34.93 -2.04
N VAL F 477 -9.83 33.79 -1.90
CA VAL F 477 -8.42 33.64 -2.26
C VAL F 477 -8.23 32.33 -3.00
N SER F 478 -7.71 32.41 -4.22
CA SER F 478 -7.36 31.22 -4.97
C SER F 478 -5.88 31.25 -5.27
N VAL F 479 -5.13 30.38 -4.60
CA VAL F 479 -3.70 30.26 -4.77
C VAL F 479 -3.42 29.02 -5.61
N GLU F 480 -2.45 29.14 -6.52
CA GLU F 480 -2.17 28.10 -7.49
C GLU F 480 -0.67 27.90 -7.58
N ILE F 481 -0.21 26.68 -7.35
CA ILE F 481 1.21 26.35 -7.36
C ILE F 481 1.43 25.24 -8.38
N GLU F 482 2.51 25.34 -9.14
CA GLU F 482 2.86 24.34 -10.13
C GLU F 482 4.05 23.53 -9.63
N TRP F 483 3.90 22.22 -9.64
CA TRP F 483 4.86 21.32 -9.03
C TRP F 483 5.56 20.52 -10.12
N GLU F 484 6.84 20.25 -9.95
CA GLU F 484 7.57 19.39 -10.87
C GLU F 484 7.77 18.02 -10.25
N LEU F 485 7.71 16.99 -11.08
CA LEU F 485 7.84 15.62 -10.62
C LEU F 485 9.15 15.01 -11.09
N GLN F 486 9.71 14.13 -10.26
CA GLN F 486 10.82 13.28 -10.65
C GLN F 486 10.35 11.83 -10.62
N LYS F 487 10.20 11.22 -11.80
CA LYS F 487 9.66 9.87 -11.86
C LYS F 487 10.69 8.86 -11.35
N GLU F 488 10.29 7.60 -11.27
CA GLU F 488 11.19 6.57 -10.82
C GLU F 488 11.37 5.51 -11.90
N ASN F 489 12.62 5.23 -12.23
CA ASN F 489 12.94 4.22 -13.23
C ASN F 489 13.28 2.88 -12.57
N SER F 490 13.06 2.78 -11.26
CA SER F 490 13.48 1.62 -10.47
C SER F 490 13.03 0.31 -11.10
N LYS F 491 13.98 -0.60 -11.28
CA LYS F 491 13.73 -1.94 -11.78
C LYS F 491 13.62 -2.98 -10.68
N ARG F 492 13.56 -2.56 -9.42
CA ARG F 492 13.38 -3.47 -8.29
C ARG F 492 12.23 -4.44 -8.53
N TRP F 493 12.48 -5.72 -8.23
CA TRP F 493 11.53 -6.77 -8.56
C TRP F 493 10.37 -6.84 -7.57
N ASN F 494 10.68 -6.86 -6.28
CA ASN F 494 9.64 -7.03 -5.28
C ASN F 494 8.88 -5.72 -5.05
N PRO F 495 7.59 -5.82 -4.74
CA PRO F 495 6.74 -4.62 -4.73
C PRO F 495 7.02 -3.72 -3.54
N GLU F 496 6.73 -2.43 -3.74
CA GLU F 496 7.09 -1.39 -2.78
C GLU F 496 6.19 -1.38 -1.57
N ILE F 497 6.66 -0.69 -0.53
CA ILE F 497 5.79 -0.17 0.51
C ILE F 497 5.08 1.05 -0.02
N GLN F 498 3.75 1.01 -0.01
CA GLN F 498 2.95 2.13 -0.46
C GLN F 498 2.16 2.68 0.71
N TYR F 499 1.33 3.67 0.45
CA TYR F 499 0.39 4.12 1.46
C TYR F 499 -0.99 3.55 1.16
N THR F 500 -1.73 3.21 2.21
CA THR F 500 -3.04 2.62 2.03
C THR F 500 -3.99 3.20 3.07
N SER F 501 -5.28 3.11 2.78
CA SER F 501 -6.32 3.23 3.79
C SER F 501 -6.73 1.84 4.21
N ASN F 502 -6.49 1.52 5.48
CA ASN F 502 -6.78 0.18 5.97
C ASN F 502 -8.25 -0.13 5.74
N TYR F 503 -8.51 -1.25 5.08
CA TYR F 503 -9.90 -1.61 4.79
C TYR F 503 -10.42 -2.49 5.93
N TYR F 504 -11.17 -1.84 6.81
CA TYR F 504 -11.86 -2.49 7.89
C TYR F 504 -13.00 -1.60 8.36
N LYS F 505 -14.08 -2.21 8.80
CA LYS F 505 -15.24 -1.49 9.29
C LYS F 505 -14.85 -0.50 10.38
N SER F 506 -15.32 0.74 10.24
CA SER F 506 -14.97 1.78 11.20
C SER F 506 -16.14 2.74 11.37
N ASN F 507 -16.17 3.43 12.51
CA ASN F 507 -17.24 4.38 12.78
C ASN F 507 -17.22 5.51 11.77
N ASN F 508 -16.04 6.04 11.47
CA ASN F 508 -15.90 7.15 10.55
C ASN F 508 -14.84 6.83 9.52
N VAL F 509 -14.79 7.66 8.48
CA VAL F 509 -13.75 7.52 7.48
C VAL F 509 -12.63 8.50 7.80
N GLU F 510 -11.40 8.08 7.55
CA GLU F 510 -10.29 8.98 7.77
C GLU F 510 -10.27 10.08 6.73
N PHE F 511 -9.79 11.26 7.15
CA PHE F 511 -9.78 12.45 6.32
C PHE F 511 -11.17 12.73 5.76
N ALA F 512 -12.14 12.78 6.65
CA ALA F 512 -13.52 13.07 6.33
C ALA F 512 -14.11 13.83 7.50
N VAL F 513 -15.42 14.02 7.49
CA VAL F 513 -16.06 14.86 8.49
C VAL F 513 -16.89 14.00 9.43
N ASN F 514 -16.74 14.25 10.72
CA ASN F 514 -17.57 13.57 11.71
C ASN F 514 -18.96 14.18 11.72
N THR F 515 -19.85 13.64 12.56
CA THR F 515 -21.27 13.95 12.45
C THR F 515 -21.57 15.43 12.70
N GLU F 516 -20.63 16.17 13.27
CA GLU F 516 -20.75 17.62 13.38
C GLU F 516 -20.01 18.35 12.26
N GLY F 517 -19.38 17.64 11.34
CA GLY F 517 -18.68 18.28 10.25
C GLY F 517 -17.32 18.84 10.60
N VAL F 518 -16.64 18.30 11.59
CA VAL F 518 -15.31 18.75 11.97
C VAL F 518 -14.32 17.91 11.18
N TYR F 519 -13.62 18.52 10.24
CA TYR F 519 -12.67 17.79 9.43
C TYR F 519 -11.49 17.34 10.27
N SER F 520 -11.01 16.13 10.00
CA SER F 520 -10.01 15.51 10.86
C SER F 520 -8.91 14.88 10.01
N GLU F 521 -7.68 15.16 10.38
CA GLU F 521 -6.53 14.46 9.81
C GLU F 521 -6.02 13.48 10.85
N PRO F 522 -6.29 12.19 10.72
CA PRO F 522 -6.02 11.29 11.84
C PRO F 522 -4.56 11.03 12.09
N ARG F 523 -3.72 11.08 11.06
CA ARG F 523 -2.33 10.67 11.24
C ARG F 523 -1.42 11.49 10.33
N PRO F 524 -0.18 11.72 10.75
CA PRO F 524 0.77 12.42 9.87
C PRO F 524 1.21 11.49 8.77
N ILE F 525 1.36 12.05 7.56
CA ILE F 525 1.78 11.26 6.41
C ILE F 525 3.09 11.81 5.89
N GLY F 526 4.12 10.98 5.92
CA GLY F 526 5.37 11.35 5.32
C GLY F 526 5.40 11.05 3.84
N THR F 527 6.47 11.49 3.20
CA THR F 527 6.61 11.31 1.76
C THR F 527 7.39 10.07 1.35
N ARG F 528 8.07 9.41 2.27
CA ARG F 528 9.10 8.45 1.88
C ARG F 528 8.53 7.05 1.99
N TYR F 529 8.23 6.47 0.83
CA TYR F 529 7.70 5.12 0.74
C TYR F 529 8.45 4.33 -0.32
N LEU F 530 8.45 4.82 -1.56
CA LEU F 530 9.27 4.23 -2.60
C LEU F 530 10.72 4.14 -2.14
N THR F 531 11.44 3.15 -2.67
CA THR F 531 12.81 2.91 -2.26
C THR F 531 13.78 3.15 -3.41
N ARG F 532 14.96 3.65 -3.05
CA ARG F 532 16.06 3.81 -3.98
C ARG F 532 17.27 3.03 -3.49
N ASN F 533 18.21 2.84 -4.40
CA ASN F 533 19.54 2.36 -4.04
C ASN F 533 20.33 3.49 -3.40
N LEU F 534 21.38 3.12 -2.68
CA LEU F 534 22.18 4.13 -1.97
C LEU F 534 23.18 4.77 -2.92
N VAL G 1 -14.33 -35.14 22.35
CA VAL G 1 -13.10 -34.44 21.98
C VAL G 1 -12.29 -34.18 23.23
N GLN G 2 -11.02 -34.60 23.23
CA GLN G 2 -10.16 -34.45 24.39
C GLN G 2 -8.74 -34.12 23.96
N LEU G 3 -8.07 -33.33 24.80
CA LEU G 3 -6.65 -33.00 24.65
C LEU G 3 -6.04 -33.07 26.04
N VAL G 4 -4.97 -33.85 26.18
CA VAL G 4 -4.34 -34.06 27.47
C VAL G 4 -2.89 -33.59 27.41
N GLU G 5 -2.18 -33.78 28.51
CA GLU G 5 -0.74 -33.56 28.57
C GLU G 5 -0.12 -34.61 29.48
N SER G 6 1.21 -34.71 29.40
CA SER G 6 1.98 -35.59 30.26
C SER G 6 3.41 -35.08 30.33
N GLY G 7 4.27 -35.87 30.95
CA GLY G 7 5.69 -35.59 30.93
C GLY G 7 6.19 -34.56 31.91
N GLY G 8 5.30 -33.87 32.61
CA GLY G 8 5.74 -32.86 33.56
C GLY G 8 6.49 -33.50 34.72
N GLY G 9 7.29 -32.69 35.43
CA GLY G 9 8.04 -33.19 36.57
C GLY G 9 8.83 -32.08 37.22
N VAL G 10 9.84 -32.48 37.97
CA VAL G 10 10.78 -31.53 38.59
C VAL G 10 12.09 -31.69 37.84
N VAL G 11 12.43 -30.66 37.06
CA VAL G 11 13.55 -30.76 36.13
C VAL G 11 14.87 -30.46 36.82
N GLN G 12 14.90 -29.40 37.64
CA GLN G 12 16.03 -28.61 38.17
C GLN G 12 16.65 -27.85 37.01
N PRO G 13 17.30 -26.72 37.26
CA PRO G 13 17.86 -25.94 36.15
C PRO G 13 18.86 -26.73 35.33
N GLY G 14 18.82 -26.51 34.01
CA GLY G 14 19.88 -26.94 33.12
C GLY G 14 19.65 -28.19 32.32
N ARG G 15 18.54 -28.91 32.54
CA ARG G 15 18.32 -30.19 31.90
C ARG G 15 17.01 -30.18 31.14
N SER G 16 16.83 -31.18 30.28
CA SER G 16 15.71 -31.24 29.35
C SER G 16 14.74 -32.34 29.75
N LEU G 17 13.46 -32.14 29.43
CA LEU G 17 12.45 -33.17 29.54
C LEU G 17 11.47 -33.01 28.39
N ARG G 18 11.15 -34.12 27.72
CA ARG G 18 10.16 -34.05 26.66
C ARG G 18 8.77 -33.86 27.26
N LEU G 19 7.92 -33.13 26.55
CA LEU G 19 6.57 -32.82 27.00
C LEU G 19 5.61 -33.17 25.87
N SER G 20 4.78 -34.19 26.10
CA SER G 20 4.00 -34.80 25.02
C SER G 20 2.52 -34.62 25.27
N CYS G 21 1.76 -34.50 24.17
CA CYS G 21 0.32 -34.30 24.19
C CYS G 21 -0.35 -35.30 23.26
N ALA G 22 -1.12 -36.22 23.84
CA ALA G 22 -1.84 -37.23 23.08
C ALA G 22 -3.29 -36.76 22.91
N ALA G 23 -3.82 -36.88 21.69
CA ALA G 23 -5.19 -36.40 21.45
C ALA G 23 -6.04 -37.28 20.55
N SER G 24 -7.27 -37.52 20.97
CA SER G 24 -8.21 -38.34 20.21
C SER G 24 -9.61 -37.75 20.20
N GLY G 25 -10.43 -38.22 19.26
CA GLY G 25 -11.80 -37.76 19.11
C GLY G 25 -12.01 -36.76 17.99
N PHE G 26 -10.92 -36.30 17.38
CA PHE G 26 -11.00 -35.38 16.25
C PHE G 26 -9.88 -35.73 15.29
N SER G 27 -9.99 -35.32 14.03
CA SER G 27 -8.92 -35.67 13.10
C SER G 27 -7.67 -34.93 13.53
N PHE G 28 -6.59 -35.65 13.77
CA PHE G 28 -5.35 -35.02 14.19
C PHE G 28 -4.76 -34.12 13.12
N SER G 29 -4.78 -34.60 11.88
CA SER G 29 -4.21 -33.88 10.75
C SER G 29 -4.85 -32.55 10.36
N SER G 30 -6.17 -32.47 10.41
CA SER G 30 -6.85 -31.26 9.97
C SER G 30 -6.79 -30.06 10.91
N PHE G 31 -6.03 -30.12 12.01
CA PHE G 31 -6.02 -28.96 12.89
C PHE G 31 -4.58 -28.58 13.24
N VAL G 32 -4.34 -27.28 13.37
CA VAL G 32 -3.03 -26.77 13.73
C VAL G 32 -2.96 -26.59 15.24
N PHE G 33 -1.80 -26.88 15.82
CA PHE G 33 -1.68 -26.93 17.27
C PHE G 33 -0.76 -25.86 17.83
N HIS G 34 -1.07 -25.42 19.05
CA HIS G 34 -0.30 -24.42 19.78
C HIS G 34 0.08 -24.96 21.15
N TRP G 35 1.17 -24.44 21.69
CA TRP G 35 1.52 -24.61 23.08
C TRP G 35 1.46 -23.24 23.74
N VAL G 36 0.85 -23.17 24.92
CA VAL G 36 0.73 -21.90 25.61
C VAL G 36 1.07 -22.11 27.09
N ARG G 37 2.02 -21.33 27.58
CA ARG G 37 2.58 -21.48 28.92
C ARG G 37 2.02 -20.40 29.83
N GLN G 38 1.67 -20.79 31.05
CA GLN G 38 1.09 -19.85 32.02
C GLN G 38 1.83 -19.92 33.34
N ALA G 39 2.51 -18.85 33.67
CA ALA G 39 3.06 -18.67 35.00
C ALA G 39 1.93 -18.57 36.01
N PRO G 40 2.20 -18.83 37.31
CA PRO G 40 1.08 -18.83 38.27
C PRO G 40 0.35 -17.51 38.36
N GLY G 41 1.07 -16.39 38.42
CA GLY G 41 0.45 -15.08 38.52
C GLY G 41 0.52 -14.23 37.27
N LYS G 42 0.87 -14.81 36.13
CA LYS G 42 1.09 -14.03 34.92
C LYS G 42 0.19 -14.53 33.80
N GLY G 43 -0.14 -13.60 32.90
CA GLY G 43 -1.04 -13.91 31.81
C GLY G 43 -0.51 -15.01 30.92
N LEU G 44 -1.42 -15.57 30.11
CA LEU G 44 -1.07 -16.66 29.22
C LEU G 44 0.07 -16.24 28.30
N GLU G 45 1.07 -17.09 28.16
CA GLU G 45 2.18 -16.80 27.26
C GLU G 45 2.20 -17.88 26.19
N TRP G 46 2.28 -17.47 24.93
CA TRP G 46 2.26 -18.43 23.84
C TRP G 46 3.66 -18.93 23.50
N VAL G 47 3.95 -20.14 23.94
CA VAL G 47 5.24 -20.78 23.74
C VAL G 47 5.68 -21.18 22.32
N ALA G 48 4.77 -21.79 21.55
CA ALA G 48 5.09 -22.24 20.19
C ALA G 48 3.85 -22.47 19.33
N VAL G 49 4.04 -22.55 18.01
CA VAL G 49 2.93 -22.83 17.09
C VAL G 49 3.42 -23.69 15.94
N ILE G 50 2.83 -24.87 15.80
CA ILE G 50 3.25 -25.81 14.74
C ILE G 50 2.10 -26.09 13.77
N SER G 51 2.40 -26.01 12.48
CA SER G 51 1.40 -26.24 11.43
C SER G 51 1.04 -27.71 11.23
N TYR G 52 0.01 -27.95 10.43
CA TYR G 52 -0.43 -29.33 10.14
C TYR G 52 0.59 -29.98 9.26
N ASP G 53 0.95 -31.22 9.66
CA ASP G 53 1.98 -32.11 9.09
C ASP G 53 3.37 -31.71 9.59
N GLY G 54 3.42 -30.59 10.32
CA GLY G 54 4.65 -30.08 10.89
C GLY G 54 5.62 -29.48 9.91
N SER G 55 5.14 -29.11 8.74
CA SER G 55 6.03 -28.55 7.73
C SER G 55 6.70 -27.26 8.18
N ASN G 56 5.94 -26.35 8.80
CA ASN G 56 6.52 -25.10 9.26
C ASN G 56 6.25 -24.79 10.73
N LYS G 57 7.30 -24.51 11.48
CA LYS G 57 7.16 -24.18 12.89
C LYS G 57 7.85 -22.86 13.21
N ASN G 58 7.15 -21.96 13.89
CA ASN G 58 7.70 -20.67 14.26
C ASN G 58 7.58 -20.43 15.76
N TYR G 59 8.70 -20.48 16.45
CA TYR G 59 8.71 -20.33 17.90
C TYR G 59 8.49 -18.88 18.31
N ALA G 60 8.13 -18.69 19.57
CA ALA G 60 8.26 -17.38 20.19
C ALA G 60 9.73 -17.03 20.37
N ASP G 61 10.00 -15.74 20.60
CA ASP G 61 11.38 -15.28 20.74
C ASP G 61 12.06 -15.89 21.95
N SER G 62 11.44 -15.77 23.13
CA SER G 62 12.08 -16.17 24.38
C SER G 62 12.61 -17.60 24.32
N VAL G 63 11.88 -18.50 23.65
CA VAL G 63 12.24 -19.91 23.71
C VAL G 63 13.02 -20.34 22.49
N LYS G 64 13.34 -19.42 21.58
CA LYS G 64 13.85 -19.82 20.28
C LYS G 64 15.17 -20.58 20.40
N GLY G 65 15.21 -21.76 19.81
CA GLY G 65 16.40 -22.58 19.76
C GLY G 65 16.59 -23.50 20.94
N ARG G 66 16.02 -23.17 22.10
CA ARG G 66 16.11 -24.00 23.28
C ARG G 66 14.89 -24.91 23.43
N PHE G 67 13.95 -24.84 22.49
CA PHE G 67 12.84 -25.78 22.39
C PHE G 67 12.87 -26.42 21.00
N THR G 68 12.10 -27.50 20.84
CA THR G 68 11.81 -28.05 19.53
C THR G 68 10.41 -28.65 19.57
N ILE G 69 9.81 -28.81 18.39
CA ILE G 69 8.46 -29.33 18.26
C ILE G 69 8.44 -30.47 17.25
N SER G 70 7.80 -31.57 17.62
CA SER G 70 7.63 -32.70 16.73
C SER G 70 6.20 -33.19 16.80
N ARG G 71 5.54 -33.32 15.66
CA ARG G 71 4.17 -33.78 15.62
C ARG G 71 4.04 -35.08 14.84
N ASP G 72 3.76 -36.18 15.53
CA ASP G 72 3.61 -37.46 14.85
C ASP G 72 2.14 -37.69 14.55
N ASN G 73 1.81 -37.64 13.26
CA ASN G 73 0.44 -37.83 12.79
C ASN G 73 -0.18 -39.20 13.00
N SER G 74 0.60 -40.25 12.82
CA SER G 74 0.08 -41.61 12.90
C SER G 74 -0.52 -41.99 14.26
N LYS G 75 0.14 -41.59 15.34
CA LYS G 75 -0.35 -41.93 16.67
C LYS G 75 -1.20 -40.83 17.30
N ASN G 76 -1.54 -39.81 16.52
CA ASN G 76 -2.35 -38.69 16.99
C ASN G 76 -1.75 -38.05 18.25
N THR G 77 -0.45 -37.77 18.20
CA THR G 77 0.24 -37.16 19.33
C THR G 77 1.03 -35.90 18.98
N LEU G 78 1.10 -34.96 19.93
CA LEU G 78 1.84 -33.74 19.75
C LEU G 78 2.98 -33.78 20.75
N PHE G 79 4.21 -33.66 20.26
CA PHE G 79 5.39 -33.77 21.12
C PHE G 79 6.15 -32.45 21.12
N LEU G 80 6.31 -31.86 22.30
CA LEU G 80 7.18 -30.70 22.47
C LEU G 80 8.33 -31.08 23.38
N GLN G 81 9.53 -31.19 22.82
CA GLN G 81 10.72 -31.50 23.57
C GLN G 81 11.55 -30.24 23.75
N MET G 82 11.99 -29.97 24.97
CA MET G 82 12.71 -28.75 25.26
C MET G 82 14.16 -29.01 25.65
N ASN G 83 14.95 -27.95 25.82
CA ASN G 83 16.38 -28.06 26.12
C ASN G 83 16.88 -26.84 26.88
N SER G 84 17.80 -27.05 27.82
CA SER G 84 18.45 -25.97 28.58
C SER G 84 17.39 -25.09 29.25
N LEU G 85 16.68 -25.71 30.19
CA LEU G 85 15.68 -24.98 30.96
C LEU G 85 16.35 -24.14 32.02
N SER G 86 15.89 -22.90 32.15
CA SER G 86 16.22 -22.04 33.26
C SER G 86 15.03 -21.99 34.22
N ALA G 87 15.18 -21.26 35.32
CA ALA G 87 14.12 -21.21 36.31
C ALA G 87 13.04 -20.21 35.92
N ASP G 88 13.21 -19.55 34.77
CA ASP G 88 12.17 -18.65 34.29
C ASP G 88 11.06 -19.41 33.57
N ASP G 89 11.28 -20.70 33.30
CA ASP G 89 10.35 -21.51 32.54
C ASP G 89 9.37 -22.30 33.42
N THR G 90 9.40 -22.12 34.74
CA THR G 90 8.54 -22.91 35.60
C THR G 90 7.11 -22.38 35.53
N ALA G 91 6.20 -23.22 35.02
CA ALA G 91 4.84 -22.80 34.71
C ALA G 91 4.09 -23.97 34.10
N VAL G 92 2.79 -23.81 33.99
CA VAL G 92 1.91 -24.81 33.36
C VAL G 92 2.15 -24.75 31.85
N TYR G 93 1.80 -25.83 31.15
CA TYR G 93 1.86 -25.88 29.70
C TYR G 93 0.59 -26.50 29.13
N TYR G 94 -0.13 -25.74 28.31
CA TYR G 94 -1.40 -26.16 27.74
C TYR G 94 -1.24 -26.57 26.28
N CYS G 95 -1.69 -27.76 25.96
CA CYS G 95 -1.73 -28.24 24.57
C CYS G 95 -2.99 -27.72 23.90
N ALA G 96 -2.81 -26.94 22.84
CA ALA G 96 -3.92 -26.24 22.20
C ALA G 96 -4.12 -26.71 20.77
N ARG G 97 -5.31 -26.50 20.24
CA ARG G 97 -5.57 -26.75 18.82
C ARG G 97 -6.16 -25.52 18.13
N GLY G 98 -5.40 -24.93 17.22
CA GLY G 98 -5.88 -23.78 16.49
C GLY G 98 -6.89 -24.14 15.42
N ALA G 99 -7.96 -23.35 15.33
CA ALA G 99 -8.92 -23.44 14.25
C ALA G 99 -9.27 -22.10 13.64
N ILE G 100 -9.89 -21.20 14.41
CA ILE G 100 -10.34 -19.92 13.91
C ILE G 100 -9.18 -19.09 13.38
N CYS G 101 -9.43 -18.31 12.33
CA CYS G 101 -8.42 -17.55 11.62
C CYS G 101 -8.76 -16.07 11.64
N SER G 102 -7.73 -15.24 11.70
CA SER G 102 -7.93 -13.82 11.48
C SER G 102 -8.49 -13.64 10.08
N SER G 103 -9.57 -12.86 9.98
CA SER G 103 -10.50 -13.00 8.85
C SER G 103 -9.81 -12.85 7.51
N THR G 104 -9.14 -11.72 7.27
CA THR G 104 -8.74 -11.36 5.92
C THR G 104 -7.74 -12.36 5.34
N THR G 105 -6.96 -13.03 6.19
CA THR G 105 -5.95 -13.94 5.70
C THR G 105 -6.41 -15.39 5.66
N CYS G 106 -7.68 -15.66 5.91
CA CYS G 106 -8.17 -17.04 5.92
C CYS G 106 -8.03 -17.74 4.57
N TYR G 107 -8.18 -16.99 3.48
CA TYR G 107 -8.03 -17.53 2.13
C TYR G 107 -6.62 -18.04 1.87
N LEU G 108 -5.62 -17.32 2.38
CA LEU G 108 -4.25 -17.78 2.24
C LEU G 108 -4.09 -19.01 3.13
N GLY G 109 -4.84 -19.03 4.22
CA GLY G 109 -4.87 -20.15 5.13
C GLY G 109 -3.54 -20.65 5.64
N ASP G 110 -2.62 -19.77 6.00
CA ASP G 110 -1.29 -20.20 6.49
C ASP G 110 -1.20 -21.05 7.77
N SER G 111 0.00 -21.55 8.05
CA SER G 111 0.23 -22.34 9.26
C SER G 111 -0.03 -21.45 10.48
N TYR G 112 0.47 -20.21 10.40
CA TYR G 112 0.23 -19.19 11.42
C TYR G 112 -1.10 -18.48 11.13
N TYR G 113 -1.56 -17.66 12.08
CA TYR G 113 -2.81 -16.86 12.13
C TYR G 113 -3.99 -17.69 12.65
N PHE G 114 -3.75 -18.96 12.94
CA PHE G 114 -4.79 -19.81 13.47
C PHE G 114 -4.61 -19.73 14.96
N TYR G 115 -4.54 -18.51 15.48
CA TYR G 115 -4.36 -18.37 16.91
C TYR G 115 -5.63 -18.68 17.68
N GLY G 116 -6.73 -18.92 16.98
CA GLY G 116 -7.94 -19.27 17.66
C GLY G 116 -7.72 -20.67 18.15
N MET G 117 -7.90 -20.87 19.45
CA MET G 117 -7.71 -22.17 20.05
C MET G 117 -9.03 -22.50 20.70
N ASP G 118 -9.88 -23.16 19.94
CA ASP G 118 -11.24 -23.47 20.38
C ASP G 118 -11.23 -24.22 21.70
N VAL G 119 -10.61 -25.40 21.73
CA VAL G 119 -10.51 -26.18 22.96
C VAL G 119 -9.05 -26.44 23.25
N TRP G 120 -8.67 -26.56 24.51
CA TRP G 120 -7.34 -27.07 24.81
C TRP G 120 -7.25 -27.72 26.19
N GLY G 121 -6.06 -28.23 26.49
CA GLY G 121 -5.89 -29.34 27.40
C GLY G 121 -5.90 -28.99 28.88
N GLN G 122 -5.60 -30.00 29.69
CA GLN G 122 -5.69 -29.87 31.13
C GLN G 122 -4.45 -29.18 31.70
N GLY G 123 -3.39 -29.11 30.93
CA GLY G 123 -2.17 -28.50 31.44
C GLY G 123 -1.41 -29.43 32.36
N THR G 124 -0.12 -29.12 32.53
CA THR G 124 0.77 -29.91 33.37
C THR G 124 1.82 -28.98 33.95
N THR G 125 2.19 -29.21 35.20
CA THR G 125 3.11 -28.30 35.88
C THR G 125 4.54 -28.79 35.76
N VAL G 126 5.36 -28.05 35.01
CA VAL G 126 6.78 -28.33 34.87
C VAL G 126 7.52 -27.32 35.72
N THR G 127 8.09 -27.77 36.83
CA THR G 127 8.72 -26.90 37.80
C THR G 127 10.23 -27.04 37.73
N VAL G 128 10.91 -25.97 37.37
CA VAL G 128 12.36 -25.95 37.26
C VAL G 128 12.89 -25.25 38.51
N SER G 129 13.48 -26.03 39.42
CA SER G 129 14.07 -25.48 40.63
C SER G 129 15.14 -26.42 41.14
N SER G 130 16.17 -25.85 41.75
CA SER G 130 17.26 -26.61 42.34
C SER G 130 16.77 -27.40 43.56
N LEU H 1 -0.44 -4.77 23.27
CA LEU H 1 -1.60 -5.41 23.88
C LEU H 1 -1.57 -5.32 25.40
N THR H 2 -2.32 -4.37 25.94
CA THR H 2 -2.33 -4.10 27.36
C THR H 2 -3.77 -4.00 27.87
N GLN H 3 -4.04 -4.68 28.97
CA GLN H 3 -5.35 -4.73 29.58
C GLN H 3 -5.33 -4.06 30.95
N PRO H 4 -6.48 -3.63 31.45
CA PRO H 4 -6.52 -3.01 32.78
C PRO H 4 -6.14 -4.02 33.84
N PRO H 5 -5.30 -3.64 34.80
CA PRO H 5 -4.90 -4.60 35.85
C PRO H 5 -6.09 -5.16 36.61
N SER H 6 -7.14 -4.38 36.78
CA SER H 6 -8.37 -4.86 37.39
C SER H 6 -9.54 -4.08 36.82
N VAL H 7 -10.66 -4.77 36.62
CA VAL H 7 -11.94 -4.12 36.34
C VAL H 7 -12.94 -4.65 37.35
N SER H 8 -13.86 -3.81 37.78
CA SER H 8 -14.78 -4.13 38.86
C SER H 8 -16.15 -3.56 38.55
N GLY H 9 -17.18 -4.38 38.74
CA GLY H 9 -18.54 -3.95 38.51
C GLY H 9 -19.56 -4.69 39.34
N ALA H 10 -20.69 -4.07 39.61
CA ALA H 10 -21.68 -4.68 40.48
C ALA H 10 -22.59 -5.60 39.67
N PRO H 11 -23.23 -6.57 40.34
CA PRO H 11 -24.19 -7.42 39.63
C PRO H 11 -25.32 -6.60 39.04
N GLY H 12 -25.90 -7.11 37.96
CA GLY H 12 -26.96 -6.43 37.25
C GLY H 12 -26.54 -5.16 36.55
N GLN H 13 -25.37 -5.14 35.90
CA GLN H 13 -24.85 -3.93 35.29
C GLN H 13 -24.09 -4.27 34.01
N ARG H 14 -23.42 -3.27 33.47
CA ARG H 14 -22.70 -3.42 32.21
C ARG H 14 -21.21 -3.19 32.43
N VAL H 15 -20.43 -4.25 32.30
CA VAL H 15 -18.98 -4.18 32.48
C VAL H 15 -18.34 -4.22 31.09
N THR H 16 -17.23 -3.49 30.93
CA THR H 16 -16.50 -3.40 29.68
C THR H 16 -15.02 -3.59 29.95
N ILE H 17 -14.35 -4.34 29.06
CA ILE H 17 -12.91 -4.54 29.11
C ILE H 17 -12.34 -4.27 27.72
N SER H 18 -11.21 -3.58 27.66
CA SER H 18 -10.65 -3.14 26.39
C SER H 18 -9.14 -3.29 26.40
N CYS H 19 -8.61 -3.89 25.33
CA CYS H 19 -7.18 -4.10 25.16
C CYS H 19 -6.68 -3.25 24.00
N THR H 20 -5.96 -2.17 24.30
CA THR H 20 -5.42 -1.32 23.25
C THR H 20 -4.27 -2.05 22.57
N GLY H 21 -4.04 -1.76 21.30
CA GLY H 21 -2.99 -2.45 20.56
C GLY H 21 -2.09 -1.65 19.64
N SER H 22 -0.95 -2.23 19.30
CA SER H 22 0.01 -1.57 18.41
C SER H 22 -0.31 -1.85 16.93
N ARG H 23 0.39 -1.14 16.04
CA ARG H 23 0.21 -1.32 14.61
C ARG H 23 0.62 -2.73 14.19
N SER H 24 1.68 -3.24 14.78
CA SER H 24 2.17 -4.58 14.48
C SER H 24 1.17 -5.63 14.97
N ASN H 25 0.32 -5.21 15.91
CA ASN H 25 -0.67 -6.09 16.49
C ASN H 25 -2.07 -6.01 15.90
N ILE H 26 -2.69 -4.85 16.00
CA ILE H 26 -4.08 -4.72 15.57
C ILE H 26 -4.32 -3.77 14.39
N GLY H 27 -3.27 -3.05 14.00
CA GLY H 27 -3.35 -2.13 12.87
C GLY H 27 -3.63 -2.84 11.58
N ALA H 28 -3.06 -4.03 11.43
CA ALA H 28 -3.19 -4.90 10.25
C ALA H 28 -4.60 -5.42 9.94
N GLY H 29 -5.49 -5.40 10.93
CA GLY H 29 -6.84 -5.88 10.75
C GLY H 29 -7.01 -7.29 11.26
N TYR H 30 -5.96 -7.81 11.87
CA TYR H 30 -5.98 -9.15 12.44
C TYR H 30 -7.09 -9.22 13.48
N ASP H 31 -7.78 -10.35 13.53
CA ASP H 31 -8.88 -10.53 14.47
C ASP H 31 -8.34 -10.62 15.89
N VAL H 32 -9.18 -10.21 16.84
CA VAL H 32 -8.82 -10.19 18.25
C VAL H 32 -9.71 -11.17 18.98
N HIS H 33 -9.13 -12.27 19.46
CA HIS H 33 -9.89 -13.36 20.05
C HIS H 33 -9.84 -13.24 21.57
N TRP H 34 -11.01 -13.32 22.20
CA TRP H 34 -11.09 -13.17 23.65
C TRP H 34 -11.25 -14.54 24.30
N TYR H 35 -10.64 -14.69 25.47
CA TYR H 35 -10.68 -15.94 26.24
C TYR H 35 -11.12 -15.62 27.66
N GLN H 36 -11.75 -16.59 28.32
CA GLN H 36 -11.98 -16.50 29.76
C GLN H 36 -11.51 -17.78 30.41
N GLN H 37 -11.06 -17.69 31.65
CA GLN H 37 -10.83 -18.87 32.48
C GLN H 37 -11.29 -18.60 33.89
N LEU H 38 -12.17 -19.45 34.40
CA LEU H 38 -12.37 -19.52 35.83
C LEU H 38 -11.05 -19.87 36.50
N PRO H 39 -10.78 -19.33 37.68
CA PRO H 39 -9.43 -19.44 38.26
C PRO H 39 -9.04 -20.89 38.48
N GLY H 40 -7.79 -21.20 38.16
CA GLY H 40 -7.25 -22.54 38.38
C GLY H 40 -7.89 -23.61 37.52
N THR H 41 -8.39 -23.20 36.36
CA THR H 41 -9.01 -24.12 35.42
C THR H 41 -8.59 -23.76 34.00
N ALA H 42 -8.71 -24.71 33.08
CA ALA H 42 -8.29 -24.47 31.71
C ALA H 42 -9.12 -23.36 31.09
N PRO H 43 -8.45 -22.45 30.36
CA PRO H 43 -9.11 -21.32 29.70
C PRO H 43 -10.00 -21.79 28.57
N LYS H 44 -11.11 -21.09 28.36
CA LYS H 44 -12.07 -21.43 27.33
C LYS H 44 -12.21 -20.30 26.32
N LEU H 45 -12.21 -20.62 25.03
CA LEU H 45 -12.37 -19.59 24.02
C LEU H 45 -13.74 -18.98 24.24
N LEU H 46 -13.82 -17.66 24.22
CA LEU H 46 -15.11 -17.03 24.44
C LEU H 46 -15.67 -16.40 23.19
N ILE H 47 -15.03 -15.37 22.69
CA ILE H 47 -15.50 -14.69 21.48
C ILE H 47 -14.59 -14.93 20.27
N TYR H 48 -14.76 -16.09 19.64
CA TYR H 48 -13.97 -16.43 18.46
C TYR H 48 -14.29 -15.47 17.34
N GLY H 49 -13.25 -14.95 16.69
CA GLY H 49 -13.42 -13.97 15.63
C GLY H 49 -13.52 -12.59 16.25
N ASN H 50 -13.79 -11.56 15.46
CA ASN H 50 -13.88 -10.24 16.08
C ASN H 50 -15.01 -10.05 17.08
N SER H 51 -16.22 -10.51 16.75
CA SER H 51 -17.38 -10.38 17.63
C SER H 51 -18.35 -11.55 17.70
N ASN H 52 -17.93 -12.75 17.34
CA ASN H 52 -18.85 -13.89 17.31
C ASN H 52 -18.84 -14.84 18.52
N ARG H 53 -20.03 -15.18 19.02
CA ARG H 53 -20.11 -16.11 20.12
C ARG H 53 -20.37 -17.51 19.58
N PRO H 54 -19.57 -18.49 19.96
CA PRO H 54 -19.77 -19.85 19.43
C PRO H 54 -20.95 -20.54 20.11
N SER H 55 -21.36 -21.64 19.50
CA SER H 55 -22.38 -22.49 20.09
C SER H 55 -22.00 -22.84 21.53
N GLY H 56 -22.96 -22.74 22.43
CA GLY H 56 -22.71 -22.94 23.83
C GLY H 56 -22.13 -21.76 24.57
N VAL H 57 -22.48 -20.55 24.14
CA VAL H 57 -21.99 -19.34 24.79
C VAL H 57 -23.14 -18.37 25.02
N PRO H 58 -23.17 -17.74 26.20
CA PRO H 58 -24.23 -16.79 26.56
C PRO H 58 -24.30 -15.61 25.61
N ASP H 59 -25.51 -15.18 25.32
CA ASP H 59 -25.79 -14.06 24.43
C ASP H 59 -25.25 -12.74 24.94
N ARG H 60 -25.34 -12.52 26.25
CA ARG H 60 -24.87 -11.27 26.84
C ARG H 60 -23.41 -10.98 26.57
N PHE H 61 -22.56 -12.01 26.50
CA PHE H 61 -21.15 -11.79 26.21
C PHE H 61 -20.92 -11.26 24.80
N SER H 62 -20.65 -9.96 24.66
CA SER H 62 -20.41 -9.37 23.34
C SER H 62 -19.18 -8.46 23.29
N GLY H 63 -18.41 -8.55 22.21
CA GLY H 63 -17.22 -7.74 22.05
C GLY H 63 -17.00 -7.24 20.62
N SER H 64 -16.30 -6.14 20.46
CA SER H 64 -16.04 -5.60 19.13
C SER H 64 -14.61 -5.13 18.91
N LYS H 65 -14.35 -4.61 17.72
CA LYS H 65 -13.03 -4.12 17.32
C LYS H 65 -13.22 -2.78 16.65
N SER H 66 -12.44 -1.79 17.09
CA SER H 66 -12.45 -0.47 16.47
C SER H 66 -11.06 0.13 16.59
N GLY H 67 -10.61 0.79 15.54
CA GLY H 67 -9.26 1.32 15.54
C GLY H 67 -8.26 0.22 15.78
N THR H 68 -7.35 0.44 16.72
CA THR H 68 -6.40 -0.57 17.16
C THR H 68 -6.81 -1.28 18.44
N SER H 69 -7.94 -0.92 19.04
CA SER H 69 -8.28 -1.36 20.38
C SER H 69 -9.63 -2.05 20.38
N ALA H 70 -9.63 -3.35 20.64
CA ALA H 70 -10.87 -4.10 20.75
C ALA H 70 -11.49 -3.91 22.14
N SER H 71 -12.80 -4.09 22.22
CA SER H 71 -13.54 -3.95 23.46
C SER H 71 -14.51 -5.10 23.61
N LEU H 72 -14.80 -5.43 24.87
CA LEU H 72 -15.68 -6.54 25.22
C LEU H 72 -16.66 -6.07 26.28
N ALA H 73 -17.95 -6.10 25.96
CA ALA H 73 -18.99 -5.56 26.82
C ALA H 73 -19.88 -6.70 27.29
N ILE H 74 -19.80 -7.02 28.57
CA ILE H 74 -20.66 -8.02 29.19
C ILE H 74 -21.88 -7.32 29.78
N THR H 75 -23.06 -7.85 29.50
CA THR H 75 -24.31 -7.28 29.98
C THR H 75 -24.96 -8.25 30.96
N GLY H 76 -25.71 -7.71 31.91
CA GLY H 76 -26.38 -8.55 32.89
C GLY H 76 -25.41 -9.39 33.68
N LEU H 77 -24.46 -8.73 34.36
CA LEU H 77 -23.38 -9.44 35.02
C LEU H 77 -23.91 -10.48 36.00
N GLN H 78 -23.31 -11.67 35.95
CA GLN H 78 -23.68 -12.80 36.80
C GLN H 78 -22.48 -13.17 37.66
N THR H 79 -22.77 -13.86 38.77
CA THR H 79 -21.69 -14.36 39.61
C THR H 79 -20.72 -15.22 38.81
N ASP H 80 -21.24 -16.07 37.93
CA ASP H 80 -20.38 -16.97 37.16
C ASP H 80 -19.45 -16.22 36.22
N ASP H 81 -19.64 -14.91 36.09
CA ASP H 81 -18.85 -14.13 35.14
C ASP H 81 -17.60 -13.55 35.78
N GLU H 82 -17.31 -13.94 37.02
CA GLU H 82 -16.11 -13.44 37.70
C GLU H 82 -14.95 -14.41 37.48
N ALA H 83 -13.94 -13.96 36.72
CA ALA H 83 -12.90 -14.82 36.20
C ALA H 83 -11.92 -13.96 35.41
N ASP H 84 -10.88 -14.61 34.88
CA ASP H 84 -9.85 -13.89 34.15
C ASP H 84 -10.11 -13.90 32.66
N TYR H 85 -10.02 -12.72 32.04
CA TYR H 85 -10.23 -12.55 30.61
C TYR H 85 -8.90 -12.21 29.93
N TYR H 86 -8.70 -12.72 28.72
CA TYR H 86 -7.43 -12.56 28.04
C TYR H 86 -7.64 -12.19 26.58
N CYS H 87 -7.06 -11.07 26.18
CA CYS H 87 -7.10 -10.57 24.81
C CYS H 87 -5.88 -11.01 24.04
N GLN H 88 -6.08 -11.83 23.01
CA GLN H 88 -4.99 -12.23 22.14
C GLN H 88 -5.17 -11.58 20.78
N SER H 89 -4.05 -11.35 20.11
CA SER H 89 -4.05 -10.97 18.70
C SER H 89 -2.70 -11.32 18.13
N TYR H 90 -2.66 -11.42 16.81
CA TYR H 90 -1.40 -11.67 16.14
C TYR H 90 -0.60 -10.37 16.07
N ASP H 91 0.73 -10.47 16.20
CA ASP H 91 1.60 -9.31 16.07
C ASP H 91 2.46 -9.58 14.85
N SER H 92 2.42 -8.66 13.90
CA SER H 92 3.18 -8.81 12.65
C SER H 92 4.69 -8.82 12.80
N SER H 93 5.25 -7.82 13.47
CA SER H 93 6.70 -7.75 13.63
C SER H 93 7.27 -8.92 14.40
N LEU H 94 6.59 -9.32 15.47
CA LEU H 94 7.01 -10.46 16.28
C LEU H 94 6.92 -11.76 15.50
N SER H 95 5.88 -11.85 14.67
CA SER H 95 5.49 -12.97 13.78
C SER H 95 4.80 -14.12 14.52
N GLY H 96 4.49 -13.87 15.78
CA GLY H 96 3.81 -14.82 16.63
C GLY H 96 2.75 -14.06 17.39
N SER H 97 1.74 -14.77 17.87
CA SER H 97 0.65 -14.15 18.61
C SER H 97 1.14 -13.60 19.94
N VAL H 98 0.46 -12.57 20.41
CA VAL H 98 0.77 -11.93 21.68
C VAL H 98 -0.50 -11.88 22.50
N PHE H 99 -0.55 -12.61 23.61
CA PHE H 99 -1.71 -12.46 24.46
C PHE H 99 -1.61 -11.18 25.28
N GLY H 100 -2.74 -10.78 25.85
CA GLY H 100 -2.75 -9.59 26.67
C GLY H 100 -2.04 -9.79 27.99
N GLY H 101 -2.21 -8.80 28.87
CA GLY H 101 -1.53 -8.86 30.16
C GLY H 101 -2.39 -9.50 31.23
N GLY H 102 -3.61 -9.87 30.88
CA GLY H 102 -4.48 -10.52 31.84
C GLY H 102 -5.36 -9.52 32.56
N THR H 103 -6.56 -9.97 32.92
CA THR H 103 -7.53 -9.12 33.60
C THR H 103 -8.37 -9.99 34.53
N LYS H 104 -8.73 -9.45 35.68
CA LYS H 104 -9.65 -10.09 36.60
C LYS H 104 -10.87 -9.20 36.79
N LEU H 105 -12.02 -9.67 36.31
CA LEU H 105 -13.28 -8.97 36.51
C LEU H 105 -13.72 -9.21 37.94
N THR H 106 -14.18 -8.15 38.61
CA THR H 106 -14.63 -8.23 39.99
C THR H 106 -16.13 -8.00 40.04
N VAL H 107 -16.88 -9.04 40.37
CA VAL H 107 -18.29 -8.87 40.68
C VAL H 107 -18.42 -8.36 42.10
N LEU H 108 -19.02 -7.18 42.24
CA LEU H 108 -18.96 -6.44 43.50
C LEU H 108 -20.02 -6.89 44.49
N GLY H 109 -20.85 -7.85 44.11
CA GLY H 109 -21.91 -8.33 44.99
C GLY H 109 -21.45 -9.28 46.07
#